data_6LJO
# 
_entry.id   6LJO 
# 
_audit_conform.dict_name       mmcif_pdbx.dic 
_audit_conform.dict_version    5.387 
_audit_conform.dict_location   http://mmcif.pdb.org/dictionaries/ascii/mmcif_pdbx.dic 
# 
loop_
_database_2.database_id 
_database_2.database_code 
_database_2.pdbx_database_accession 
_database_2.pdbx_DOI 
PDB   6LJO         pdb_00006ljo 10.2210/pdb6ljo/pdb 
WWPDB D_1300014915 ?            ?                   
# 
loop_
_pdbx_audit_revision_history.ordinal 
_pdbx_audit_revision_history.data_content_type 
_pdbx_audit_revision_history.major_revision 
_pdbx_audit_revision_history.minor_revision 
_pdbx_audit_revision_history.revision_date 
1 'Structure model' 1 0 2020-11-11 
2 'Structure model' 1 1 2020-11-25 
3 'Structure model' 1 2 2021-07-21 
4 'Structure model' 1 3 2024-03-27 
# 
_pdbx_audit_revision_details.ordinal             1 
_pdbx_audit_revision_details.revision_ordinal    1 
_pdbx_audit_revision_details.data_content_type   'Structure model' 
_pdbx_audit_revision_details.provider            repository 
_pdbx_audit_revision_details.type                'Initial release' 
_pdbx_audit_revision_details.description         ? 
_pdbx_audit_revision_details.details             ? 
# 
loop_
_pdbx_audit_revision_group.ordinal 
_pdbx_audit_revision_group.revision_ordinal 
_pdbx_audit_revision_group.data_content_type 
_pdbx_audit_revision_group.group 
1 2 'Structure model' 'Database references' 
2 3 'Structure model' 'Database references' 
3 4 'Structure model' 'Data collection'     
4 4 'Structure model' 'Database references' 
# 
loop_
_pdbx_audit_revision_category.ordinal 
_pdbx_audit_revision_category.revision_ordinal 
_pdbx_audit_revision_category.data_content_type 
_pdbx_audit_revision_category.category 
1 2 'Structure model' citation        
2 2 'Structure model' citation_author 
3 3 'Structure model' citation        
4 4 'Structure model' chem_comp_atom  
5 4 'Structure model' chem_comp_bond  
6 4 'Structure model' database_2      
# 
loop_
_pdbx_audit_revision_item.ordinal 
_pdbx_audit_revision_item.revision_ordinal 
_pdbx_audit_revision_item.data_content_type 
_pdbx_audit_revision_item.item 
1  2 'Structure model' '_citation.country'                   
2  2 'Structure model' '_citation.journal_abbrev'            
3  2 'Structure model' '_citation.journal_id_ASTM'           
4  2 'Structure model' '_citation.journal_id_CSD'            
5  2 'Structure model' '_citation.journal_id_ISSN'           
6  2 'Structure model' '_citation.pdbx_database_id_DOI'      
7  2 'Structure model' '_citation.pdbx_database_id_PubMed'   
8  2 'Structure model' '_citation.title'                     
9  2 'Structure model' '_citation.year'                      
10 3 'Structure model' '_citation.journal_volume'            
11 3 'Structure model' '_citation.page_first'                
12 3 'Structure model' '_citation.page_last'                 
13 4 'Structure model' '_database_2.pdbx_DOI'                
14 4 'Structure model' '_database_2.pdbx_database_accession' 
# 
_pdbx_database_status.status_code                     REL 
_pdbx_database_status.status_code_sf                  REL 
_pdbx_database_status.status_code_mr                  ? 
_pdbx_database_status.entry_id                        6LJO 
_pdbx_database_status.recvd_initial_deposition_date   2019-12-17 
_pdbx_database_status.SG_entry                        N 
_pdbx_database_status.deposit_site                    PDBJ 
_pdbx_database_status.process_site                    PDBJ 
_pdbx_database_status.status_code_cs                  ? 
_pdbx_database_status.status_code_nmr_data            ? 
_pdbx_database_status.methods_development_category    ? 
_pdbx_database_status.pdb_format_compatible           Y 
# 
loop_
_audit_author.name 
_audit_author.pdbx_ordinal 
_audit_author.identifier_ORCID 
'Liang, R.'  1 0000-0003-2259-0112 
'Peng, G.Q.' 2 ?                   
# 
_citation.abstract                  ? 
_citation.abstract_id_CAS           ? 
_citation.book_id_ISBN              ? 
_citation.book_publisher            ? 
_citation.book_publisher_city       ? 
_citation.book_title                ? 
_citation.coordinate_linkage        ? 
_citation.country                   US 
_citation.database_id_Medline       ? 
_citation.details                   ? 
_citation.id                        primary 
_citation.journal_abbrev            J.Biol.Chem. 
_citation.journal_id_ASTM           JBCHA3 
_citation.journal_id_CSD            0071 
_citation.journal_id_ISSN           1083-351X 
_citation.journal_full              ? 
_citation.journal_issue             ? 
_citation.journal_volume            296 
_citation.language                  ? 
_citation.page_first                100015 
_citation.page_last                 100015 
_citation.title                     
'Structural comparisons of host and African swine fever virus dUTPases reveal new clues for inhibitor development.' 
_citation.year                      2020 
_citation.database_id_CSD           ? 
_citation.pdbx_database_id_DOI      10.1074/jbc.RA120.014005 
_citation.pdbx_database_id_PubMed   33139328 
_citation.unpublished_flag          ? 
# 
loop_
_citation_author.citation_id 
_citation_author.name 
_citation_author.ordinal 
_citation_author.identifier_ORCID 
primary 'Liang, R.' 1 ? 
primary 'Wang, G.'  2 ? 
primary 'Zhang, D.' 3 ? 
primary 'Ye, G.'    4 ? 
primary 'Li, M.'    5 ? 
primary 'Shi, Y.'   6 ? 
primary 'Shi, J.'   7 ? 
primary 'Chen, H.'  8 ? 
primary 'Peng, G.'  9 ? 
# 
loop_
_entity.id 
_entity.type 
_entity.src_method 
_entity.pdbx_description 
_entity.formula_weight 
_entity.pdbx_number_of_molecules 
_entity.pdbx_ec 
_entity.pdbx_mutation 
_entity.pdbx_fragment 
_entity.details 
1 polymer man E165R 18285.447 1  ? ? ? ? 
2 water   nat water 18.015    14 ? ? ? ? 
# 
_entity_name_com.entity_id   1 
_entity_name_com.name        'E165R CDS protein' 
# 
_entity_poly.entity_id                      1 
_entity_poly.type                           'polypeptide(L)' 
_entity_poly.nstd_linkage                   no 
_entity_poly.nstd_monomer                   no 
_entity_poly.pdbx_seq_one_letter_code       
;MATNFFIQPITEEAEAYYPPSVITNKRKDLGVDVYCCSDLVLQPGLNIVRLHIKVACEHMGKKCGFKIMARSSMCTHERL
LILANGIGLIDPGYVGELMLKIINLGDTPVQIWAKECLVQLVAQGDHVPDHINILKRNQIFPLFAPTPRGEGRFGSTGEA
GIMRT
;
_entity_poly.pdbx_seq_one_letter_code_can   
;MATNFFIQPITEEAEAYYPPSVITNKRKDLGVDVYCCSDLVLQPGLNIVRLHIKVACEHMGKKCGFKIMARSSMCTHERL
LILANGIGLIDPGYVGELMLKIINLGDTPVQIWAKECLVQLVAQGDHVPDHINILKRNQIFPLFAPTPRGEGRFGSTGEA
GIMRT
;
_entity_poly.pdbx_strand_id                 A 
_entity_poly.pdbx_target_identifier         ? 
# 
_pdbx_entity_nonpoly.entity_id   2 
_pdbx_entity_nonpoly.name        water 
_pdbx_entity_nonpoly.comp_id     HOH 
# 
loop_
_entity_poly_seq.entity_id 
_entity_poly_seq.num 
_entity_poly_seq.mon_id 
_entity_poly_seq.hetero 
1 1   MET n 
1 2   ALA n 
1 3   THR n 
1 4   ASN n 
1 5   PHE n 
1 6   PHE n 
1 7   ILE n 
1 8   GLN n 
1 9   PRO n 
1 10  ILE n 
1 11  THR n 
1 12  GLU n 
1 13  GLU n 
1 14  ALA n 
1 15  GLU n 
1 16  ALA n 
1 17  TYR n 
1 18  TYR n 
1 19  PRO n 
1 20  PRO n 
1 21  SER n 
1 22  VAL n 
1 23  ILE n 
1 24  THR n 
1 25  ASN n 
1 26  LYS n 
1 27  ARG n 
1 28  LYS n 
1 29  ASP n 
1 30  LEU n 
1 31  GLY n 
1 32  VAL n 
1 33  ASP n 
1 34  VAL n 
1 35  TYR n 
1 36  CYS n 
1 37  CYS n 
1 38  SER n 
1 39  ASP n 
1 40  LEU n 
1 41  VAL n 
1 42  LEU n 
1 43  GLN n 
1 44  PRO n 
1 45  GLY n 
1 46  LEU n 
1 47  ASN n 
1 48  ILE n 
1 49  VAL n 
1 50  ARG n 
1 51  LEU n 
1 52  HIS n 
1 53  ILE n 
1 54  LYS n 
1 55  VAL n 
1 56  ALA n 
1 57  CYS n 
1 58  GLU n 
1 59  HIS n 
1 60  MET n 
1 61  GLY n 
1 62  LYS n 
1 63  LYS n 
1 64  CYS n 
1 65  GLY n 
1 66  PHE n 
1 67  LYS n 
1 68  ILE n 
1 69  MET n 
1 70  ALA n 
1 71  ARG n 
1 72  SER n 
1 73  SER n 
1 74  MET n 
1 75  CYS n 
1 76  THR n 
1 77  HIS n 
1 78  GLU n 
1 79  ARG n 
1 80  LEU n 
1 81  LEU n 
1 82  ILE n 
1 83  LEU n 
1 84  ALA n 
1 85  ASN n 
1 86  GLY n 
1 87  ILE n 
1 88  GLY n 
1 89  LEU n 
1 90  ILE n 
1 91  ASP n 
1 92  PRO n 
1 93  GLY n 
1 94  TYR n 
1 95  VAL n 
1 96  GLY n 
1 97  GLU n 
1 98  LEU n 
1 99  MET n 
1 100 LEU n 
1 101 LYS n 
1 102 ILE n 
1 103 ILE n 
1 104 ASN n 
1 105 LEU n 
1 106 GLY n 
1 107 ASP n 
1 108 THR n 
1 109 PRO n 
1 110 VAL n 
1 111 GLN n 
1 112 ILE n 
1 113 TRP n 
1 114 ALA n 
1 115 LYS n 
1 116 GLU n 
1 117 CYS n 
1 118 LEU n 
1 119 VAL n 
1 120 GLN n 
1 121 LEU n 
1 122 VAL n 
1 123 ALA n 
1 124 GLN n 
1 125 GLY n 
1 126 ASP n 
1 127 HIS n 
1 128 VAL n 
1 129 PRO n 
1 130 ASP n 
1 131 HIS n 
1 132 ILE n 
1 133 ASN n 
1 134 ILE n 
1 135 LEU n 
1 136 LYS n 
1 137 ARG n 
1 138 ASN n 
1 139 GLN n 
1 140 ILE n 
1 141 PHE n 
1 142 PRO n 
1 143 LEU n 
1 144 PHE n 
1 145 ALA n 
1 146 PRO n 
1 147 THR n 
1 148 PRO n 
1 149 ARG n 
1 150 GLY n 
1 151 GLU n 
1 152 GLY n 
1 153 ARG n 
1 154 PHE n 
1 155 GLY n 
1 156 SER n 
1 157 THR n 
1 158 GLY n 
1 159 GLU n 
1 160 ALA n 
1 161 GLY n 
1 162 ILE n 
1 163 MET n 
1 164 ARG n 
1 165 THR n 
# 
_entity_src_gen.entity_id                          1 
_entity_src_gen.pdbx_src_id                        1 
_entity_src_gen.pdbx_alt_source_flag               sample 
_entity_src_gen.pdbx_seq_type                      'Biological sequence' 
_entity_src_gen.pdbx_beg_seq_num                   1 
_entity_src_gen.pdbx_end_seq_num                   165 
_entity_src_gen.gene_src_common_name               ASFV 
_entity_src_gen.gene_src_genus                     ? 
_entity_src_gen.pdbx_gene_src_gene                 'E165R CDS, E165R, ASFV-Georgia_4-154, ASFV_Kyiv_2016_131_00207' 
_entity_src_gen.gene_src_species                   ? 
_entity_src_gen.gene_src_strain                    ? 
_entity_src_gen.gene_src_tissue                    ? 
_entity_src_gen.gene_src_tissue_fraction           ? 
_entity_src_gen.gene_src_details                   ? 
_entity_src_gen.pdbx_gene_src_fragment             ? 
_entity_src_gen.pdbx_gene_src_scientific_name      'African swine fever virus' 
_entity_src_gen.pdbx_gene_src_ncbi_taxonomy_id     10497 
_entity_src_gen.pdbx_gene_src_variant              ? 
_entity_src_gen.pdbx_gene_src_cell_line            ? 
_entity_src_gen.pdbx_gene_src_atcc                 ? 
_entity_src_gen.pdbx_gene_src_organ                ? 
_entity_src_gen.pdbx_gene_src_organelle            ? 
_entity_src_gen.pdbx_gene_src_cell                 ? 
_entity_src_gen.pdbx_gene_src_cellular_location    ? 
_entity_src_gen.host_org_common_name               ? 
_entity_src_gen.pdbx_host_org_scientific_name      'Escherichia coli BL21(DE3)' 
_entity_src_gen.pdbx_host_org_ncbi_taxonomy_id     469008 
_entity_src_gen.host_org_genus                     ? 
_entity_src_gen.pdbx_host_org_gene                 ? 
_entity_src_gen.pdbx_host_org_organ                ? 
_entity_src_gen.host_org_species                   ? 
_entity_src_gen.pdbx_host_org_tissue               ? 
_entity_src_gen.pdbx_host_org_tissue_fraction      ? 
_entity_src_gen.pdbx_host_org_strain               ? 
_entity_src_gen.pdbx_host_org_variant              ? 
_entity_src_gen.pdbx_host_org_cell_line            ? 
_entity_src_gen.pdbx_host_org_atcc                 ? 
_entity_src_gen.pdbx_host_org_culture_collection   ? 
_entity_src_gen.pdbx_host_org_cell                 ? 
_entity_src_gen.pdbx_host_org_organelle            ? 
_entity_src_gen.pdbx_host_org_cellular_location    ? 
_entity_src_gen.pdbx_host_org_vector_type          ? 
_entity_src_gen.pdbx_host_org_vector               ? 
_entity_src_gen.host_org_details                   ? 
_entity_src_gen.expression_system_id               ? 
_entity_src_gen.plasmid_name                       ? 
_entity_src_gen.plasmid_details                    ? 
_entity_src_gen.pdbx_description                   ? 
# 
loop_
_chem_comp.id 
_chem_comp.type 
_chem_comp.mon_nstd_flag 
_chem_comp.name 
_chem_comp.pdbx_synonyms 
_chem_comp.formula 
_chem_comp.formula_weight 
ALA 'L-peptide linking' y ALANINE         ? 'C3 H7 N O2'     89.093  
ARG 'L-peptide linking' y ARGININE        ? 'C6 H15 N4 O2 1' 175.209 
ASN 'L-peptide linking' y ASPARAGINE      ? 'C4 H8 N2 O3'    132.118 
ASP 'L-peptide linking' y 'ASPARTIC ACID' ? 'C4 H7 N O4'     133.103 
CYS 'L-peptide linking' y CYSTEINE        ? 'C3 H7 N O2 S'   121.158 
GLN 'L-peptide linking' y GLUTAMINE       ? 'C5 H10 N2 O3'   146.144 
GLU 'L-peptide linking' y 'GLUTAMIC ACID' ? 'C5 H9 N O4'     147.129 
GLY 'peptide linking'   y GLYCINE         ? 'C2 H5 N O2'     75.067  
HIS 'L-peptide linking' y HISTIDINE       ? 'C6 H10 N3 O2 1' 156.162 
HOH non-polymer         . WATER           ? 'H2 O'           18.015  
ILE 'L-peptide linking' y ISOLEUCINE      ? 'C6 H13 N O2'    131.173 
LEU 'L-peptide linking' y LEUCINE         ? 'C6 H13 N O2'    131.173 
LYS 'L-peptide linking' y LYSINE          ? 'C6 H15 N2 O2 1' 147.195 
MET 'L-peptide linking' y METHIONINE      ? 'C5 H11 N O2 S'  149.211 
PHE 'L-peptide linking' y PHENYLALANINE   ? 'C9 H11 N O2'    165.189 
PRO 'L-peptide linking' y PROLINE         ? 'C5 H9 N O2'     115.130 
SER 'L-peptide linking' y SERINE          ? 'C3 H7 N O3'     105.093 
THR 'L-peptide linking' y THREONINE       ? 'C4 H9 N O3'     119.119 
TRP 'L-peptide linking' y TRYPTOPHAN      ? 'C11 H12 N2 O2'  204.225 
TYR 'L-peptide linking' y TYROSINE        ? 'C9 H11 N O3'    181.189 
VAL 'L-peptide linking' y VALINE          ? 'C5 H11 N O2'    117.146 
# 
loop_
_pdbx_poly_seq_scheme.asym_id 
_pdbx_poly_seq_scheme.entity_id 
_pdbx_poly_seq_scheme.seq_id 
_pdbx_poly_seq_scheme.mon_id 
_pdbx_poly_seq_scheme.ndb_seq_num 
_pdbx_poly_seq_scheme.pdb_seq_num 
_pdbx_poly_seq_scheme.auth_seq_num 
_pdbx_poly_seq_scheme.pdb_mon_id 
_pdbx_poly_seq_scheme.auth_mon_id 
_pdbx_poly_seq_scheme.pdb_strand_id 
_pdbx_poly_seq_scheme.pdb_ins_code 
_pdbx_poly_seq_scheme.hetero 
A 1 1   MET 1   1   ?   ?   ?   A . n 
A 1 2   ALA 2   2   2   ALA ALA A . n 
A 1 3   THR 3   3   3   THR THR A . n 
A 1 4   ASN 4   4   4   ASN ASN A . n 
A 1 5   PHE 5   5   5   PHE PHE A . n 
A 1 6   PHE 6   6   6   PHE PHE A . n 
A 1 7   ILE 7   7   7   ILE ILE A . n 
A 1 8   GLN 8   8   8   GLN GLN A . n 
A 1 9   PRO 9   9   9   PRO PRO A . n 
A 1 10  ILE 10  10  10  ILE ILE A . n 
A 1 11  THR 11  11  11  THR THR A . n 
A 1 12  GLU 12  12  12  GLU GLU A . n 
A 1 13  GLU 13  13  13  GLU GLU A . n 
A 1 14  ALA 14  14  14  ALA ALA A . n 
A 1 15  GLU 15  15  15  GLU GLU A . n 
A 1 16  ALA 16  16  16  ALA ALA A . n 
A 1 17  TYR 17  17  17  TYR TYR A . n 
A 1 18  TYR 18  18  18  TYR TYR A . n 
A 1 19  PRO 19  19  19  PRO PRO A . n 
A 1 20  PRO 20  20  20  PRO PRO A . n 
A 1 21  SER 21  21  21  SER SER A . n 
A 1 22  VAL 22  22  22  VAL VAL A . n 
A 1 23  ILE 23  23  23  ILE ILE A . n 
A 1 24  THR 24  24  24  THR THR A . n 
A 1 25  ASN 25  25  25  ASN ASN A . n 
A 1 26  LYS 26  26  26  LYS LYS A . n 
A 1 27  ARG 27  27  27  ARG ARG A . n 
A 1 28  LYS 28  28  28  LYS LYS A . n 
A 1 29  ASP 29  29  29  ASP ASP A . n 
A 1 30  LEU 30  30  30  LEU LEU A . n 
A 1 31  GLY 31  31  31  GLY GLY A . n 
A 1 32  VAL 32  32  32  VAL VAL A . n 
A 1 33  ASP 33  33  33  ASP ASP A . n 
A 1 34  VAL 34  34  34  VAL VAL A . n 
A 1 35  TYR 35  35  35  TYR TYR A . n 
A 1 36  CYS 36  36  36  CYS CYS A . n 
A 1 37  CYS 37  37  37  CYS CYS A . n 
A 1 38  SER 38  38  38  SER SER A . n 
A 1 39  ASP 39  39  39  ASP ASP A . n 
A 1 40  LEU 40  40  40  LEU LEU A . n 
A 1 41  VAL 41  41  41  VAL VAL A . n 
A 1 42  LEU 42  42  42  LEU LEU A . n 
A 1 43  GLN 43  43  43  GLN GLN A . n 
A 1 44  PRO 44  44  44  PRO PRO A . n 
A 1 45  GLY 45  45  45  GLY GLY A . n 
A 1 46  LEU 46  46  46  LEU LEU A . n 
A 1 47  ASN 47  47  47  ASN ASN A . n 
A 1 48  ILE 48  48  48  ILE ILE A . n 
A 1 49  VAL 49  49  49  VAL VAL A . n 
A 1 50  ARG 50  50  50  ARG ARG A . n 
A 1 51  LEU 51  51  51  LEU LEU A . n 
A 1 52  HIS 52  52  52  HIS HIS A . n 
A 1 53  ILE 53  53  53  ILE ILE A . n 
A 1 54  LYS 54  54  54  LYS LYS A . n 
A 1 55  VAL 55  55  55  VAL VAL A . n 
A 1 56  ALA 56  56  56  ALA ALA A . n 
A 1 57  CYS 57  57  57  CYS CYS A . n 
A 1 58  GLU 58  58  58  GLU GLU A . n 
A 1 59  HIS 59  59  59  HIS HIS A . n 
A 1 60  MET 60  60  60  MET MET A . n 
A 1 61  GLY 61  61  61  GLY GLY A . n 
A 1 62  LYS 62  62  62  LYS LYS A . n 
A 1 63  LYS 63  63  63  LYS LYS A . n 
A 1 64  CYS 64  64  64  CYS CYS A . n 
A 1 65  GLY 65  65  65  GLY GLY A . n 
A 1 66  PHE 66  66  66  PHE PHE A . n 
A 1 67  LYS 67  67  67  LYS LYS A . n 
A 1 68  ILE 68  68  68  ILE ILE A . n 
A 1 69  MET 69  69  69  MET MET A . n 
A 1 70  ALA 70  70  70  ALA ALA A . n 
A 1 71  ARG 71  71  71  ARG ARG A . n 
A 1 72  SER 72  72  72  SER SER A . n 
A 1 73  SER 73  73  73  SER SER A . n 
A 1 74  MET 74  74  74  MET MET A . n 
A 1 75  CYS 75  75  75  CYS CYS A . n 
A 1 76  THR 76  76  76  THR THR A . n 
A 1 77  HIS 77  77  77  HIS HIS A . n 
A 1 78  GLU 78  78  78  GLU GLU A . n 
A 1 79  ARG 79  79  79  ARG ARG A . n 
A 1 80  LEU 80  80  80  LEU LEU A . n 
A 1 81  LEU 81  81  81  LEU LEU A . n 
A 1 82  ILE 82  82  82  ILE ILE A . n 
A 1 83  LEU 83  83  83  LEU LEU A . n 
A 1 84  ALA 84  84  84  ALA ALA A . n 
A 1 85  ASN 85  85  85  ASN ASN A . n 
A 1 86  GLY 86  86  86  GLY GLY A . n 
A 1 87  ILE 87  87  87  ILE ILE A . n 
A 1 88  GLY 88  88  88  GLY GLY A . n 
A 1 89  LEU 89  89  89  LEU LEU A . n 
A 1 90  ILE 90  90  90  ILE ILE A . n 
A 1 91  ASP 91  91  91  ASP ASP A . n 
A 1 92  PRO 92  92  92  PRO PRO A . n 
A 1 93  GLY 93  93  93  GLY GLY A . n 
A 1 94  TYR 94  94  94  TYR TYR A . n 
A 1 95  VAL 95  95  95  VAL VAL A . n 
A 1 96  GLY 96  96  96  GLY GLY A . n 
A 1 97  GLU 97  97  97  GLU GLU A . n 
A 1 98  LEU 98  98  98  LEU LEU A . n 
A 1 99  MET 99  99  99  MET MET A . n 
A 1 100 LEU 100 100 100 LEU LEU A . n 
A 1 101 LYS 101 101 101 LYS LYS A . n 
A 1 102 ILE 102 102 102 ILE ILE A . n 
A 1 103 ILE 103 103 103 ILE ILE A . n 
A 1 104 ASN 104 104 104 ASN ASN A . n 
A 1 105 LEU 105 105 105 LEU LEU A . n 
A 1 106 GLY 106 106 106 GLY GLY A . n 
A 1 107 ASP 107 107 107 ASP ASP A . n 
A 1 108 THR 108 108 108 THR THR A . n 
A 1 109 PRO 109 109 109 PRO PRO A . n 
A 1 110 VAL 110 110 110 VAL VAL A . n 
A 1 111 GLN 111 111 111 GLN GLN A . n 
A 1 112 ILE 112 112 112 ILE ILE A . n 
A 1 113 TRP 113 113 113 TRP TRP A . n 
A 1 114 ALA 114 114 114 ALA ALA A . n 
A 1 115 LYS 115 115 115 LYS LYS A . n 
A 1 116 GLU 116 116 116 GLU GLU A . n 
A 1 117 CYS 117 117 117 CYS CYS A . n 
A 1 118 LEU 118 118 118 LEU LEU A . n 
A 1 119 VAL 119 119 119 VAL VAL A . n 
A 1 120 GLN 120 120 120 GLN GLN A . n 
A 1 121 LEU 121 121 121 LEU LEU A . n 
A 1 122 VAL 122 122 122 VAL VAL A . n 
A 1 123 ALA 123 123 123 ALA ALA A . n 
A 1 124 GLN 124 124 124 GLN GLN A . n 
A 1 125 GLY 125 125 125 GLY GLY A . n 
A 1 126 ASP 126 126 126 ASP ASP A . n 
A 1 127 HIS 127 127 127 HIS HIS A . n 
A 1 128 VAL 128 128 128 VAL VAL A . n 
A 1 129 PRO 129 129 129 PRO PRO A . n 
A 1 130 ASP 130 130 130 ASP ASP A . n 
A 1 131 HIS 131 131 131 HIS HIS A . n 
A 1 132 ILE 132 132 132 ILE ILE A . n 
A 1 133 ASN 133 133 133 ASN ASN A . n 
A 1 134 ILE 134 134 134 ILE ILE A . n 
A 1 135 LEU 135 135 135 LEU LEU A . n 
A 1 136 LYS 136 136 136 LYS LYS A . n 
A 1 137 ARG 137 137 137 ARG ARG A . n 
A 1 138 ASN 138 138 138 ASN ASN A . n 
A 1 139 GLN 139 139 139 GLN GLN A . n 
A 1 140 ILE 140 140 140 ILE ILE A . n 
A 1 141 PHE 141 141 141 PHE PHE A . n 
A 1 142 PRO 142 142 142 PRO PRO A . n 
A 1 143 LEU 143 143 143 LEU LEU A . n 
A 1 144 PHE 144 144 144 PHE PHE A . n 
A 1 145 ALA 145 145 145 ALA ALA A . n 
A 1 146 PRO 146 146 146 PRO PRO A . n 
A 1 147 THR 147 147 147 THR THR A . n 
A 1 148 PRO 148 148 ?   ?   ?   A . n 
A 1 149 ARG 149 149 ?   ?   ?   A . n 
A 1 150 GLY 150 150 ?   ?   ?   A . n 
A 1 151 GLU 151 151 ?   ?   ?   A . n 
A 1 152 GLY 152 152 ?   ?   ?   A . n 
A 1 153 ARG 153 153 ?   ?   ?   A . n 
A 1 154 PHE 154 154 ?   ?   ?   A . n 
A 1 155 GLY 155 155 ?   ?   ?   A . n 
A 1 156 SER 156 156 ?   ?   ?   A . n 
A 1 157 THR 157 157 ?   ?   ?   A . n 
A 1 158 GLY 158 158 ?   ?   ?   A . n 
A 1 159 GLU 159 159 ?   ?   ?   A . n 
A 1 160 ALA 160 160 ?   ?   ?   A . n 
A 1 161 GLY 161 161 ?   ?   ?   A . n 
A 1 162 ILE 162 162 ?   ?   ?   A . n 
A 1 163 MET 163 163 ?   ?   ?   A . n 
A 1 164 ARG 164 164 ?   ?   ?   A . n 
A 1 165 THR 165 165 ?   ?   ?   A . n 
# 
loop_
_pdbx_nonpoly_scheme.asym_id 
_pdbx_nonpoly_scheme.entity_id 
_pdbx_nonpoly_scheme.mon_id 
_pdbx_nonpoly_scheme.ndb_seq_num 
_pdbx_nonpoly_scheme.pdb_seq_num 
_pdbx_nonpoly_scheme.auth_seq_num 
_pdbx_nonpoly_scheme.pdb_mon_id 
_pdbx_nonpoly_scheme.auth_mon_id 
_pdbx_nonpoly_scheme.pdb_strand_id 
_pdbx_nonpoly_scheme.pdb_ins_code 
B 2 HOH 1  201 10 HOH HOH A . 
B 2 HOH 2  202 14 HOH HOH A . 
B 2 HOH 3  203 4  HOH HOH A . 
B 2 HOH 4  204 11 HOH HOH A . 
B 2 HOH 5  205 2  HOH HOH A . 
B 2 HOH 6  206 15 HOH HOH A . 
B 2 HOH 7  207 6  HOH HOH A . 
B 2 HOH 8  208 8  HOH HOH A . 
B 2 HOH 9  209 1  HOH HOH A . 
B 2 HOH 10 210 12 HOH HOH A . 
B 2 HOH 11 211 5  HOH HOH A . 
B 2 HOH 12 212 13 HOH HOH A . 
B 2 HOH 13 213 9  HOH HOH A . 
B 2 HOH 14 214 7  HOH HOH A . 
# 
loop_
_software.citation_id 
_software.classification 
_software.compiler_name 
_software.compiler_version 
_software.contact_author 
_software.contact_author_email 
_software.date 
_software.description 
_software.dependencies 
_software.hardware 
_software.language 
_software.location 
_software.mods 
_software.name 
_software.os 
_software.os_version 
_software.type 
_software.version 
_software.pdbx_ordinal 
? refinement        ? ? ? ? ? ? ? ? ? ? ? REFMAC      ? ? ? 5.8.0257 1 
? 'data extraction' ? ? ? ? ? ? ? ? ? ? ? PDB_EXTRACT ? ? ? 3.25     2 
? 'data reduction'  ? ? ? ? ? ? ? ? ? ? ? HKL-2000    ? ? ? .        3 
? 'data scaling'    ? ? ? ? ? ? ? ? ? ? ? HKL-2000    ? ? ? .        4 
? phasing           ? ? ? ? ? ? ? ? ? ? ? PHENIX      ? ? ? .        5 
# 
_cell.angle_alpha                  90.000 
_cell.angle_alpha_esd              ? 
_cell.angle_beta                   90.000 
_cell.angle_beta_esd               ? 
_cell.angle_gamma                  90.000 
_cell.angle_gamma_esd              ? 
_cell.entry_id                     6LJO 
_cell.details                      ? 
_cell.formula_units_Z              ? 
_cell.length_a                     98.014 
_cell.length_a_esd                 ? 
_cell.length_b                     98.014 
_cell.length_b_esd                 ? 
_cell.length_c                     98.014 
_cell.length_c_esd                 ? 
_cell.volume                       ? 
_cell.volume_esd                   ? 
_cell.Z_PDB                        24 
_cell.reciprocal_angle_alpha       ? 
_cell.reciprocal_angle_beta        ? 
_cell.reciprocal_angle_gamma       ? 
_cell.reciprocal_angle_alpha_esd   ? 
_cell.reciprocal_angle_beta_esd    ? 
_cell.reciprocal_angle_gamma_esd   ? 
_cell.reciprocal_length_a          ? 
_cell.reciprocal_length_b          ? 
_cell.reciprocal_length_c          ? 
_cell.reciprocal_length_a_esd      ? 
_cell.reciprocal_length_b_esd      ? 
_cell.reciprocal_length_c_esd      ? 
_cell.pdbx_unique_axis             ? 
# 
_symmetry.entry_id                         6LJO 
_symmetry.cell_setting                     ? 
_symmetry.Int_Tables_number                199 
_symmetry.space_group_name_Hall            ? 
_symmetry.space_group_name_H-M             'I 21 3' 
_symmetry.pdbx_full_space_group_name_H-M   ? 
# 
_exptl.absorpt_coefficient_mu     ? 
_exptl.absorpt_correction_T_max   ? 
_exptl.absorpt_correction_T_min   ? 
_exptl.absorpt_correction_type    ? 
_exptl.absorpt_process_details    ? 
_exptl.entry_id                   6LJO 
_exptl.crystals_number            1 
_exptl.details                    ? 
_exptl.method                     'X-RAY DIFFRACTION' 
_exptl.method_details             ? 
# 
_exptl_crystal.colour                      ? 
_exptl_crystal.density_diffrn              ? 
_exptl_crystal.density_Matthews            2.15 
_exptl_crystal.density_method              ? 
_exptl_crystal.density_percent_sol         42.67 
_exptl_crystal.description                 ? 
_exptl_crystal.F_000                       ? 
_exptl_crystal.id                          1 
_exptl_crystal.preparation                 ? 
_exptl_crystal.size_max                    ? 
_exptl_crystal.size_mid                    ? 
_exptl_crystal.size_min                    ? 
_exptl_crystal.size_rad                    ? 
_exptl_crystal.colour_lustre               ? 
_exptl_crystal.colour_modifier             ? 
_exptl_crystal.colour_primary              ? 
_exptl_crystal.density_meas                ? 
_exptl_crystal.density_meas_esd            ? 
_exptl_crystal.density_meas_gt             ? 
_exptl_crystal.density_meas_lt             ? 
_exptl_crystal.density_meas_temp           ? 
_exptl_crystal.density_meas_temp_esd       ? 
_exptl_crystal.density_meas_temp_gt        ? 
_exptl_crystal.density_meas_temp_lt        ? 
_exptl_crystal.pdbx_crystal_image_url      ? 
_exptl_crystal.pdbx_crystal_image_format   ? 
_exptl_crystal.pdbx_mosaicity              ? 
_exptl_crystal.pdbx_mosaicity_esd          ? 
# 
_exptl_crystal_grow.apparatus       ? 
_exptl_crystal_grow.atmosphere      ? 
_exptl_crystal_grow.crystal_id      1 
_exptl_crystal_grow.details         ? 
_exptl_crystal_grow.method          'VAPOR DIFFUSION, SITTING DROP' 
_exptl_crystal_grow.method_ref      ? 
_exptl_crystal_grow.pH              6.9 
_exptl_crystal_grow.pressure        ? 
_exptl_crystal_grow.pressure_esd    ? 
_exptl_crystal_grow.seeding         ? 
_exptl_crystal_grow.seeding_ref     ? 
_exptl_crystal_grow.temp            293 
_exptl_crystal_grow.temp_details    ? 
_exptl_crystal_grow.temp_esd        ? 
_exptl_crystal_grow.time            ? 
_exptl_crystal_grow.pdbx_details    '0.5M NaH2PO4/K2HPO4,PH 6.9' 
_exptl_crystal_grow.pdbx_pH_range   ? 
# 
_diffrn.ambient_environment              ? 
_diffrn.ambient_temp                     100 
_diffrn.ambient_temp_details             ? 
_diffrn.ambient_temp_esd                 ? 
_diffrn.crystal_id                       1 
_diffrn.crystal_support                  ? 
_diffrn.crystal_treatment                ? 
_diffrn.details                          ? 
_diffrn.id                               1 
_diffrn.ambient_pressure                 ? 
_diffrn.ambient_pressure_esd             ? 
_diffrn.ambient_pressure_gt              ? 
_diffrn.ambient_pressure_lt              ? 
_diffrn.ambient_temp_gt                  ? 
_diffrn.ambient_temp_lt                  ? 
_diffrn.pdbx_serial_crystal_experiment   N 
# 
_diffrn_detector.details                      ? 
_diffrn_detector.detector                     CCD 
_diffrn_detector.diffrn_id                    1 
_diffrn_detector.type                         'ADSC QUANTUM 315' 
_diffrn_detector.area_resol_mean              ? 
_diffrn_detector.dtime                        ? 
_diffrn_detector.pdbx_frames_total            ? 
_diffrn_detector.pdbx_collection_time_total   ? 
_diffrn_detector.pdbx_collection_date         2019-03-17 
_diffrn_detector.pdbx_frequency               ? 
# 
_diffrn_radiation.collimation                      ? 
_diffrn_radiation.diffrn_id                        1 
_diffrn_radiation.filter_edge                      ? 
_diffrn_radiation.inhomogeneity                    ? 
_diffrn_radiation.monochromator                    ? 
_diffrn_radiation.polarisn_norm                    ? 
_diffrn_radiation.polarisn_ratio                   ? 
_diffrn_radiation.probe                            ? 
_diffrn_radiation.type                             ? 
_diffrn_radiation.xray_symbol                      ? 
_diffrn_radiation.wavelength_id                    1 
_diffrn_radiation.pdbx_monochromatic_or_laue_m_l   M 
_diffrn_radiation.pdbx_wavelength_list             ? 
_diffrn_radiation.pdbx_wavelength                  ? 
_diffrn_radiation.pdbx_diffrn_protocol             'SINGLE WAVELENGTH' 
_diffrn_radiation.pdbx_analyzer                    ? 
_diffrn_radiation.pdbx_scattering_type             x-ray 
# 
_diffrn_radiation_wavelength.id           1 
_diffrn_radiation_wavelength.wavelength   0.97918 
_diffrn_radiation_wavelength.wt           1.0 
# 
_diffrn_source.current                     ? 
_diffrn_source.details                     ? 
_diffrn_source.diffrn_id                   1 
_diffrn_source.power                       ? 
_diffrn_source.size                        ? 
_diffrn_source.source                      SYNCHROTRON 
_diffrn_source.target                      ? 
_diffrn_source.type                        'SSRF BEAMLINE BL17U1' 
_diffrn_source.voltage                     ? 
_diffrn_source.take-off_angle              ? 
_diffrn_source.pdbx_wavelength_list        0.97918 
_diffrn_source.pdbx_wavelength             ? 
_diffrn_source.pdbx_synchrotron_beamline   BL17U1 
_diffrn_source.pdbx_synchrotron_site       SSRF 
# 
_reflns.B_iso_Wilson_estimate            ? 
_reflns.entry_id                         6LJO 
_reflns.data_reduction_details           ? 
_reflns.data_reduction_method            ? 
_reflns.d_resolution_high                2.28 
_reflns.d_resolution_low                 50 
_reflns.details                          ? 
_reflns.limit_h_max                      ? 
_reflns.limit_h_min                      ? 
_reflns.limit_k_max                      ? 
_reflns.limit_k_min                      ? 
_reflns.limit_l_max                      ? 
_reflns.limit_l_min                      ? 
_reflns.number_all                       ? 
_reflns.number_obs                       7330 
_reflns.observed_criterion               ? 
_reflns.observed_criterion_F_max         ? 
_reflns.observed_criterion_F_min         ? 
_reflns.observed_criterion_I_max         ? 
_reflns.observed_criterion_I_min         ? 
_reflns.observed_criterion_sigma_F       ? 
_reflns.observed_criterion_sigma_I       ? 
_reflns.percent_possible_obs             100 
_reflns.R_free_details                   ? 
_reflns.Rmerge_F_all                     ? 
_reflns.Rmerge_F_obs                     ? 
_reflns.Friedel_coverage                 ? 
_reflns.number_gt                        ? 
_reflns.threshold_expression             ? 
_reflns.pdbx_redundancy                  3.87 
_reflns.pdbx_Rmerge_I_obs                0.073 
_reflns.pdbx_Rmerge_I_all                ? 
_reflns.pdbx_Rsym_value                  ? 
_reflns.pdbx_netI_over_av_sigmaI         100.8 
_reflns.pdbx_netI_over_sigmaI            1.74 
_reflns.pdbx_res_netI_over_av_sigmaI_2   ? 
_reflns.pdbx_res_netI_over_sigmaI_2      ? 
_reflns.pdbx_chi_squared                 0.977 
_reflns.pdbx_scaling_rejects             ? 
_reflns.pdbx_d_res_high_opt              ? 
_reflns.pdbx_d_res_low_opt               ? 
_reflns.pdbx_d_res_opt_method            ? 
_reflns.phase_calculation_details        ? 
_reflns.pdbx_Rrim_I_all                  0.087 
_reflns.pdbx_Rpim_I_all                  0.014 
_reflns.pdbx_d_opt                       ? 
_reflns.pdbx_number_measured_all         ? 
_reflns.pdbx_diffrn_id                   1 
_reflns.pdbx_ordinal                     1 
_reflns.pdbx_CC_half                     0.997 
_reflns.pdbx_CC_star                     0.999 
_reflns.pdbx_R_split                     ? 
# 
_reflns_shell.d_res_high                  2.28 
_reflns_shell.d_res_low                   2.32 
_reflns_shell.meanI_over_sigI_all         ? 
_reflns_shell.meanI_over_sigI_obs         2.14 
_reflns_shell.number_measured_all         ? 
_reflns_shell.number_measured_obs         ? 
_reflns_shell.number_possible             ? 
_reflns_shell.number_unique_all           ? 
_reflns_shell.number_unique_obs           371 
_reflns_shell.percent_possible_all        100 
_reflns_shell.percent_possible_obs        ? 
_reflns_shell.Rmerge_F_all                ? 
_reflns_shell.Rmerge_F_obs                ? 
_reflns_shell.Rmerge_I_all                ? 
_reflns_shell.Rmerge_I_obs                0.534 
_reflns_shell.meanI_over_sigI_gt          ? 
_reflns_shell.meanI_over_uI_all           ? 
_reflns_shell.meanI_over_uI_gt            ? 
_reflns_shell.number_measured_gt          ? 
_reflns_shell.number_unique_gt            ? 
_reflns_shell.percent_possible_gt         ? 
_reflns_shell.Rmerge_F_gt                 ? 
_reflns_shell.Rmerge_I_gt                 ? 
_reflns_shell.pdbx_redundancy             3.69 
_reflns_shell.pdbx_Rsym_value             ? 
_reflns_shell.pdbx_chi_squared            ? 
_reflns_shell.pdbx_netI_over_sigmaI_all   ? 
_reflns_shell.pdbx_netI_over_sigmaI_obs   ? 
_reflns_shell.pdbx_Rrim_I_all             0.695 
_reflns_shell.pdbx_Rpim_I_all             0.682 
_reflns_shell.pdbx_rejects                ? 
_reflns_shell.pdbx_ordinal                1 
_reflns_shell.pdbx_diffrn_id              1 
_reflns_shell.pdbx_CC_half                0.777 
_reflns_shell.pdbx_CC_star                0.935 
_reflns_shell.pdbx_R_split                ? 
# 
_refine.aniso_B[1][1]                            0.0000 
_refine.aniso_B[1][2]                            0.0000 
_refine.aniso_B[1][3]                            0.0000 
_refine.aniso_B[2][2]                            0.0000 
_refine.aniso_B[2][3]                            0.0000 
_refine.aniso_B[3][3]                            0.0000 
_refine.B_iso_max                                93.460 
_refine.B_iso_mean                               33.1710 
_refine.B_iso_min                                11.400 
_refine.correlation_coeff_Fo_to_Fc               0.9290 
_refine.correlation_coeff_Fo_to_Fc_free          0.8980 
_refine.details                                  
'HYDROGENS HAVE BEEN ADDED IN THE RIDING POSITIONS U VALUES      : REFINED INDIVIDUALLY' 
_refine.diff_density_max                         ? 
_refine.diff_density_max_esd                     ? 
_refine.diff_density_min                         ? 
_refine.diff_density_min_esd                     ? 
_refine.diff_density_rms                         ? 
_refine.diff_density_rms_esd                     ? 
_refine.entry_id                                 6LJO 
_refine.pdbx_refine_id                           'X-RAY DIFFRACTION' 
_refine.ls_abs_structure_details                 ? 
_refine.ls_abs_structure_Flack                   ? 
_refine.ls_abs_structure_Flack_esd               ? 
_refine.ls_abs_structure_Rogers                  ? 
_refine.ls_abs_structure_Rogers_esd              ? 
_refine.ls_d_res_high                            2.2800 
_refine.ls_d_res_low                             49.0600 
_refine.ls_extinction_coef                       ? 
_refine.ls_extinction_coef_esd                   ? 
_refine.ls_extinction_expression                 ? 
_refine.ls_extinction_method                     ? 
_refine.ls_goodness_of_fit_all                   ? 
_refine.ls_goodness_of_fit_all_esd               ? 
_refine.ls_goodness_of_fit_obs                   ? 
_refine.ls_goodness_of_fit_obs_esd               ? 
_refine.ls_hydrogen_treatment                    ? 
_refine.ls_matrix_type                           ? 
_refine.ls_number_constraints                    ? 
_refine.ls_number_parameters                     ? 
_refine.ls_number_reflns_all                     ? 
_refine.ls_number_reflns_obs                     6926 
_refine.ls_number_reflns_R_free                  374 
_refine.ls_number_reflns_R_work                  ? 
_refine.ls_number_restraints                     ? 
_refine.ls_percent_reflns_obs                    99.7500 
_refine.ls_percent_reflns_R_free                 5.1000 
_refine.ls_R_factor_all                          ? 
_refine.ls_R_factor_obs                          0.2307 
_refine.ls_R_factor_R_free                       0.2735 
_refine.ls_R_factor_R_free_error                 ? 
_refine.ls_R_factor_R_free_error_details         ? 
_refine.ls_R_factor_R_work                       0.2282 
_refine.ls_R_Fsqd_factor_obs                     ? 
_refine.ls_R_I_factor_obs                        ? 
_refine.ls_redundancy_reflns_all                 ? 
_refine.ls_redundancy_reflns_obs                 ? 
_refine.ls_restrained_S_all                      ? 
_refine.ls_restrained_S_obs                      ? 
_refine.ls_shift_over_esd_max                    ? 
_refine.ls_shift_over_esd_mean                   ? 
_refine.ls_structure_factor_coef                 ? 
_refine.ls_weighting_details                     ? 
_refine.ls_weighting_scheme                      ? 
_refine.ls_wR_factor_all                         ? 
_refine.ls_wR_factor_obs                         ? 
_refine.ls_wR_factor_R_free                      ? 
_refine.ls_wR_factor_R_work                      ? 
_refine.occupancy_max                            ? 
_refine.occupancy_min                            ? 
_refine.solvent_model_details                    MASK 
_refine.solvent_model_param_bsol                 ? 
_refine.solvent_model_param_ksol                 ? 
_refine.pdbx_R_complete                          ? 
_refine.ls_R_factor_gt                           ? 
_refine.ls_goodness_of_fit_gt                    ? 
_refine.ls_goodness_of_fit_ref                   ? 
_refine.ls_shift_over_su_max                     ? 
_refine.ls_shift_over_su_max_lt                  ? 
_refine.ls_shift_over_su_mean                    ? 
_refine.ls_shift_over_su_mean_lt                 ? 
_refine.pdbx_ls_sigma_I                          ? 
_refine.pdbx_ls_sigma_F                          0.000 
_refine.pdbx_ls_sigma_Fsqd                       ? 
_refine.pdbx_data_cutoff_high_absF               ? 
_refine.pdbx_data_cutoff_high_rms_absF           ? 
_refine.pdbx_data_cutoff_low_absF                ? 
_refine.pdbx_isotropic_thermal_model             ? 
_refine.pdbx_ls_cross_valid_method               THROUGHOUT 
_refine.pdbx_method_to_determine_struct          SAD 
_refine.pdbx_starting_model                      ? 
_refine.pdbx_stereochemistry_target_values       'MAXIMUM LIKELIHOOD' 
_refine.pdbx_R_Free_selection_details            RANDOM 
_refine.pdbx_stereochem_target_val_spec_case     ? 
_refine.pdbx_overall_ESU_R                       0.3740 
_refine.pdbx_overall_ESU_R_Free                  0.2590 
_refine.pdbx_solvent_vdw_probe_radii             1.2000 
_refine.pdbx_solvent_ion_probe_radii             0.8000 
_refine.pdbx_solvent_shrinkage_radii             0.8000 
_refine.pdbx_real_space_R                        ? 
_refine.pdbx_density_correlation                 ? 
_refine.pdbx_pd_number_of_powder_patterns        ? 
_refine.pdbx_pd_number_of_points                 ? 
_refine.pdbx_pd_meas_number_of_points            ? 
_refine.pdbx_pd_proc_ls_prof_R_factor            ? 
_refine.pdbx_pd_proc_ls_prof_wR_factor           ? 
_refine.pdbx_pd_Marquardt_correlation_coeff      ? 
_refine.pdbx_pd_Fsqrd_R_factor                   ? 
_refine.pdbx_pd_ls_matrix_band_width             ? 
_refine.pdbx_overall_phase_error                 ? 
_refine.pdbx_overall_SU_R_free_Cruickshank_DPI   ? 
_refine.pdbx_overall_SU_R_free_Blow_DPI          ? 
_refine.pdbx_overall_SU_R_Blow_DPI               ? 
_refine.pdbx_TLS_residual_ADP_flag               ? 
_refine.pdbx_diffrn_id                           1 
_refine.overall_SU_B                             9.5250 
_refine.overall_SU_ML                            0.2230 
_refine.overall_SU_R_Cruickshank_DPI             ? 
_refine.overall_SU_R_free                        ? 
_refine.overall_FOM_free_R_set                   ? 
_refine.overall_FOM_work_R_set                   ? 
_refine.pdbx_average_fsc_overall                 ? 
_refine.pdbx_average_fsc_work                    ? 
_refine.pdbx_average_fsc_free                    ? 
# 
_refine_hist.pdbx_refine_id                   'X-RAY DIFFRACTION' 
_refine_hist.cycle_id                         final 
_refine_hist.details                          ? 
_refine_hist.d_res_high                       2.2800 
_refine_hist.d_res_low                        49.0600 
_refine_hist.number_atoms_solvent             14 
_refine_hist.number_atoms_total               1153 
_refine_hist.number_reflns_all                ? 
_refine_hist.number_reflns_obs                ? 
_refine_hist.number_reflns_R_free             ? 
_refine_hist.number_reflns_R_work             ? 
_refine_hist.R_factor_all                     ? 
_refine_hist.R_factor_obs                     ? 
_refine_hist.R_factor_R_free                  ? 
_refine_hist.R_factor_R_work                  ? 
_refine_hist.pdbx_number_residues_total       146 
_refine_hist.pdbx_B_iso_mean_ligand           ? 
_refine_hist.pdbx_B_iso_mean_solvent          26.57 
_refine_hist.pdbx_number_atoms_protein        1139 
_refine_hist.pdbx_number_atoms_nucleic_acid   0 
_refine_hist.pdbx_number_atoms_ligand         0 
_refine_hist.pdbx_number_atoms_lipid          ? 
_refine_hist.pdbx_number_atoms_carb           ? 
_refine_hist.pdbx_pseudo_atom_details         ? 
# 
loop_
_refine_ls_restr.pdbx_refine_id 
_refine_ls_restr.criterion 
_refine_ls_restr.dev_ideal 
_refine_ls_restr.dev_ideal_target 
_refine_ls_restr.number 
_refine_ls_restr.rejects 
_refine_ls_restr.type 
_refine_ls_restr.weight 
_refine_ls_restr.pdbx_restraint_function 
'X-RAY DIFFRACTION' ? 0.009  0.013  1163 ? r_bond_refined_d       ? ? 
'X-RAY DIFFRACTION' ? 0.001  0.017  1125 ? r_bond_other_d         ? ? 
'X-RAY DIFFRACTION' ? 1.577  1.633  1578 ? r_angle_refined_deg    ? ? 
'X-RAY DIFFRACTION' ? 1.210  1.571  2616 ? r_angle_other_deg      ? ? 
'X-RAY DIFFRACTION' ? 17.987 15.000 207  ? r_dihedral_angle_3_deg ? ? 
'X-RAY DIFFRACTION' ? 26.015 15.000 5    ? r_dihedral_angle_4_deg ? ? 
'X-RAY DIFFRACTION' ? 0.067  0.200  157  ? r_chiral_restr         ? ? 
'X-RAY DIFFRACTION' ? 0.007  0.020  1269 ? r_gen_planes_refined   ? ? 
'X-RAY DIFFRACTION' ? 0.001  0.020  218  ? r_gen_planes_other     ? ? 
# 
_refine_ls_shell.pdbx_refine_id                   'X-RAY DIFFRACTION' 
_refine_ls_shell.d_res_high                       2.28 
_refine_ls_shell.d_res_low                        2.3380 
_refine_ls_shell.number_reflns_all                ? 
_refine_ls_shell.number_reflns_obs                ? 
_refine_ls_shell.number_reflns_R_free             37 
_refine_ls_shell.number_reflns_R_work             481 
_refine_ls_shell.percent_reflns_obs               97.0000 
_refine_ls_shell.percent_reflns_R_free            ? 
_refine_ls_shell.R_factor_all                     ? 
_refine_ls_shell.R_factor_obs                     ? 
_refine_ls_shell.R_factor_R_free                  0.4860 
_refine_ls_shell.R_factor_R_free_error            0.0000 
_refine_ls_shell.R_factor_R_work                  0.3260 
_refine_ls_shell.redundancy_reflns_all            ? 
_refine_ls_shell.redundancy_reflns_obs            ? 
_refine_ls_shell.wR_factor_all                    ? 
_refine_ls_shell.wR_factor_obs                    ? 
_refine_ls_shell.wR_factor_R_free                 ? 
_refine_ls_shell.wR_factor_R_work                 ? 
_refine_ls_shell.pdbx_R_complete                  ? 
_refine_ls_shell.pdbx_total_number_of_bins_used   ? 
_refine_ls_shell.pdbx_phase_error                 ? 
_refine_ls_shell.pdbx_fsc_work                    ? 
_refine_ls_shell.pdbx_fsc_free                    ? 
# 
_struct.entry_id                     6LJO 
_struct.title                        'African swine fever virus dUTPase' 
_struct.pdbx_model_details           ? 
_struct.pdbx_formula_weight          ? 
_struct.pdbx_formula_weight_method   ? 
_struct.pdbx_model_type_details      ? 
_struct.pdbx_CASP_flag               N 
# 
_struct_keywords.entry_id        6LJO 
_struct_keywords.text            'ASFV, dUTPase, aDUT, VIRAL PROTEIN' 
_struct_keywords.pdbx_keywords   'VIRAL PROTEIN' 
# 
loop_
_struct_asym.id 
_struct_asym.pdbx_blank_PDB_chainid_flag 
_struct_asym.pdbx_modified 
_struct_asym.entity_id 
_struct_asym.details 
A N N 1 ? 
B N N 2 ? 
# 
_struct_ref.id                         1 
_struct_ref.db_name                    UNP 
_struct_ref.db_code                    A0A2X0SE53_ASF 
_struct_ref.pdbx_db_accession          A0A2X0SE53 
_struct_ref.pdbx_db_isoform            ? 
_struct_ref.entity_id                  1 
_struct_ref.pdbx_seq_one_letter_code   
;MATNFFIQPITEEAEAYYPPSVITNKRKDLGVDVYCCSDLVLQPGLNIVRLHIKVACEHMGKKCGFKIMARSSMCTHERL
LILANGIGLIDPGYVGELMLKIINLGDTPVQIWAKECLVQLVAQGDHVPDHINILKRNQIFPLFAPTPRGEGRFGSTGEA
GIMRT
;
_struct_ref.pdbx_align_begin           1 
# 
_struct_ref_seq.align_id                      1 
_struct_ref_seq.ref_id                        1 
_struct_ref_seq.pdbx_PDB_id_code              6LJO 
_struct_ref_seq.pdbx_strand_id                A 
_struct_ref_seq.seq_align_beg                 1 
_struct_ref_seq.pdbx_seq_align_beg_ins_code   ? 
_struct_ref_seq.seq_align_end                 165 
_struct_ref_seq.pdbx_seq_align_end_ins_code   ? 
_struct_ref_seq.pdbx_db_accession             A0A2X0SE53 
_struct_ref_seq.db_align_beg                  1 
_struct_ref_seq.pdbx_db_align_beg_ins_code    ? 
_struct_ref_seq.db_align_end                  165 
_struct_ref_seq.pdbx_db_align_end_ins_code    ? 
_struct_ref_seq.pdbx_auth_seq_align_beg       1 
_struct_ref_seq.pdbx_auth_seq_align_end       165 
# 
_pdbx_struct_assembly.id                   1 
_pdbx_struct_assembly.details              author_and_software_defined_assembly 
_pdbx_struct_assembly.method_details       PISA 
_pdbx_struct_assembly.oligomeric_details   trimeric 
_pdbx_struct_assembly.oligomeric_count     3 
# 
loop_
_pdbx_struct_assembly_prop.biol_id 
_pdbx_struct_assembly_prop.type 
_pdbx_struct_assembly_prop.value 
_pdbx_struct_assembly_prop.details 
1 'ABSA (A^2)' 4690  ? 
1 MORE         -32   ? 
1 'SSA (A^2)'  19850 ? 
# 
_pdbx_struct_assembly_gen.assembly_id       1 
_pdbx_struct_assembly_gen.oper_expression   1,2,3 
_pdbx_struct_assembly_gen.asym_id_list      A,B 
# 
_pdbx_struct_assembly_auth_evidence.id                     1 
_pdbx_struct_assembly_auth_evidence.assembly_id            1 
_pdbx_struct_assembly_auth_evidence.experimental_support   'gel filtration' 
_pdbx_struct_assembly_auth_evidence.details                
;gel filtration experiments have shown trimer is aDUT's assembly way.
;
# 
loop_
_pdbx_struct_oper_list.id 
_pdbx_struct_oper_list.type 
_pdbx_struct_oper_list.name 
_pdbx_struct_oper_list.symmetry_operation 
_pdbx_struct_oper_list.matrix[1][1] 
_pdbx_struct_oper_list.matrix[1][2] 
_pdbx_struct_oper_list.matrix[1][3] 
_pdbx_struct_oper_list.vector[1] 
_pdbx_struct_oper_list.matrix[2][1] 
_pdbx_struct_oper_list.matrix[2][2] 
_pdbx_struct_oper_list.matrix[2][3] 
_pdbx_struct_oper_list.vector[2] 
_pdbx_struct_oper_list.matrix[3][1] 
_pdbx_struct_oper_list.matrix[3][2] 
_pdbx_struct_oper_list.matrix[3][3] 
_pdbx_struct_oper_list.vector[3] 
1 'identity operation'         1_555 x,y,z 1.0000000000 0.0000000000 0.0000000000  0.0000000000  0.0000000000 1.0000000000  0.0000000000  0.0000000000  0.0000000000  0.0000000000  1.0000000000  0.0000000000   
2 'crystal symmetry operation' 5_555 z,x,y 0.5879369295 0.4827990488 0.6490263827  9.4424658751  0.7816582834 -0.1325953505 -0.6094495886 -8.0183526014 -0.2081838010 0.8656347680  -0.4553415790 -23.6064989067 
3 'crystal symmetry operation' 9_555 y,z,x 0.5879369295 0.7816582834 -0.2081838010 -4.1984533333 0.4827990488 -0.1325953505 0.8656347680  14.8125963866 0.6490263827  -0.6094495886 -0.4553415790 -21.7642116506 
# 
loop_
_struct_conf.conf_type_id 
_struct_conf.id 
_struct_conf.pdbx_PDB_helix_id 
_struct_conf.beg_label_comp_id 
_struct_conf.beg_label_asym_id 
_struct_conf.beg_label_seq_id 
_struct_conf.pdbx_beg_PDB_ins_code 
_struct_conf.end_label_comp_id 
_struct_conf.end_label_asym_id 
_struct_conf.end_label_seq_id 
_struct_conf.pdbx_end_PDB_ins_code 
_struct_conf.beg_auth_comp_id 
_struct_conf.beg_auth_asym_id 
_struct_conf.beg_auth_seq_id 
_struct_conf.end_auth_comp_id 
_struct_conf.end_auth_asym_id 
_struct_conf.end_auth_seq_id 
_struct_conf.pdbx_PDB_helix_class 
_struct_conf.details 
_struct_conf.pdbx_PDB_helix_length 
HELX_P HELX_P1 AA1 THR A 11  ? TYR A 18  ? THR A 11  TYR A 18  1 ? 8 
HELX_P HELX_P2 AA2 SER A 72  ? CYS A 75  ? SER A 72  CYS A 75  5 ? 4 
HELX_P HELX_P3 AA3 GLY A 125 ? HIS A 127 ? GLY A 125 HIS A 127 5 ? 3 
HELX_P HELX_P4 AA4 PHE A 141 ? ALA A 145 ? PHE A 141 ALA A 145 5 ? 5 
# 
_struct_conf_type.id          HELX_P 
_struct_conf_type.criteria    ? 
_struct_conf_type.reference   ? 
# 
loop_
_struct_sheet.id 
_struct_sheet.type 
_struct_sheet.number_strands 
_struct_sheet.details 
AA1 ? 5 ? 
AA2 ? 4 ? 
AA3 ? 2 ? 
AA4 ? 3 ? 
# 
loop_
_struct_sheet_order.sheet_id 
_struct_sheet_order.range_id_1 
_struct_sheet_order.range_id_2 
_struct_sheet_order.offset 
_struct_sheet_order.sense 
AA1 1 2 ? anti-parallel 
AA1 2 3 ? parallel      
AA1 3 4 ? anti-parallel 
AA1 4 5 ? anti-parallel 
AA2 1 2 ? anti-parallel 
AA2 2 3 ? anti-parallel 
AA2 3 4 ? anti-parallel 
AA3 1 2 ? anti-parallel 
AA4 1 2 ? anti-parallel 
AA4 2 3 ? anti-parallel 
# 
loop_
_struct_sheet_range.sheet_id 
_struct_sheet_range.id 
_struct_sheet_range.beg_label_comp_id 
_struct_sheet_range.beg_label_asym_id 
_struct_sheet_range.beg_label_seq_id 
_struct_sheet_range.pdbx_beg_PDB_ins_code 
_struct_sheet_range.end_label_comp_id 
_struct_sheet_range.end_label_asym_id 
_struct_sheet_range.end_label_seq_id 
_struct_sheet_range.pdbx_end_PDB_ins_code 
_struct_sheet_range.beg_auth_comp_id 
_struct_sheet_range.beg_auth_asym_id 
_struct_sheet_range.beg_auth_seq_id 
_struct_sheet_range.end_auth_comp_id 
_struct_sheet_range.end_auth_asym_id 
_struct_sheet_range.end_auth_seq_id 
AA1 1 SER A 21  ? THR A 24  ? SER A 21  THR A 24  
AA1 2 HIS A 131 ? ILE A 134 ? HIS A 131 ILE A 134 
AA1 3 THR A 3   ? PRO A 9   ? THR A 3   PRO A 9   
AA1 4 ILE A 53  ? HIS A 59  ? ILE A 53  HIS A 59  
AA1 5 LYS A 62  ? CYS A 64  ? LYS A 62  CYS A 64  
AA2 1 VAL A 32  ? VAL A 34  ? VAL A 32  VAL A 34  
AA2 2 VAL A 119 ? ALA A 123 ? VAL A 119 ALA A 123 
AA2 3 PHE A 66  ? ALA A 70  ? PHE A 66  ALA A 70  
AA2 4 GLY A 88  ? ILE A 90  ? GLY A 88  ILE A 90  
AA3 1 LEU A 40  ? LEU A 42  ? LEU A 40  LEU A 42  
AA3 2 VAL A 110 ? ILE A 112 ? VAL A 110 ILE A 112 
AA4 1 GLY A 45  ? ARG A 50  ? GLY A 45  ARG A 50  
AA4 2 MET A 99  ? ASN A 104 ? MET A 99  ASN A 104 
AA4 3 LEU A 81  ? LEU A 83  ? LEU A 81  LEU A 83  
# 
loop_
_pdbx_struct_sheet_hbond.sheet_id 
_pdbx_struct_sheet_hbond.range_id_1 
_pdbx_struct_sheet_hbond.range_id_2 
_pdbx_struct_sheet_hbond.range_1_label_atom_id 
_pdbx_struct_sheet_hbond.range_1_label_comp_id 
_pdbx_struct_sheet_hbond.range_1_label_asym_id 
_pdbx_struct_sheet_hbond.range_1_label_seq_id 
_pdbx_struct_sheet_hbond.range_1_PDB_ins_code 
_pdbx_struct_sheet_hbond.range_1_auth_atom_id 
_pdbx_struct_sheet_hbond.range_1_auth_comp_id 
_pdbx_struct_sheet_hbond.range_1_auth_asym_id 
_pdbx_struct_sheet_hbond.range_1_auth_seq_id 
_pdbx_struct_sheet_hbond.range_2_label_atom_id 
_pdbx_struct_sheet_hbond.range_2_label_comp_id 
_pdbx_struct_sheet_hbond.range_2_label_asym_id 
_pdbx_struct_sheet_hbond.range_2_label_seq_id 
_pdbx_struct_sheet_hbond.range_2_PDB_ins_code 
_pdbx_struct_sheet_hbond.range_2_auth_atom_id 
_pdbx_struct_sheet_hbond.range_2_auth_comp_id 
_pdbx_struct_sheet_hbond.range_2_auth_asym_id 
_pdbx_struct_sheet_hbond.range_2_auth_seq_id 
AA1 1 2 N ILE A 23  ? N ILE A 23  O ILE A 132 ? O ILE A 132 
AA1 2 3 O ASN A 133 ? O ASN A 133 N PHE A 5   ? N PHE A 5   
AA1 3 4 N PHE A 6   ? N PHE A 6   O ALA A 56  ? O ALA A 56  
AA1 4 5 N CYS A 57  ? N CYS A 57  O CYS A 64  ? O CYS A 64  
AA2 1 2 N VAL A 32  ? N VAL A 32  O LEU A 121 ? O LEU A 121 
AA2 2 3 O VAL A 122 ? O VAL A 122 N LYS A 67  ? N LYS A 67  
AA2 3 4 N PHE A 66  ? N PHE A 66  O ILE A 90  ? O ILE A 90  
AA3 1 2 N LEU A 42  ? N LEU A 42  O VAL A 110 ? O VAL A 110 
AA4 1 2 N VAL A 49  ? N VAL A 49  O LEU A 100 ? O LEU A 100 
AA4 2 3 O ILE A 103 ? O ILE A 103 N ILE A 82  ? N ILE A 82  
# 
loop_
_pdbx_validate_torsion.id 
_pdbx_validate_torsion.PDB_model_num 
_pdbx_validate_torsion.auth_comp_id 
_pdbx_validate_torsion.auth_asym_id 
_pdbx_validate_torsion.auth_seq_id 
_pdbx_validate_torsion.PDB_ins_code 
_pdbx_validate_torsion.label_alt_id 
_pdbx_validate_torsion.phi 
_pdbx_validate_torsion.psi 
1 1 LYS A 28  ? ? 73.01  33.71  
2 1 CYS A 37  ? ? 71.72  -1.90  
3 1 GLN A 124 ? ? -37.48 126.87 
# 
_pdbx_struct_special_symmetry.id              1 
_pdbx_struct_special_symmetry.PDB_model_num   1 
_pdbx_struct_special_symmetry.auth_asym_id    A 
_pdbx_struct_special_symmetry.auth_comp_id    HOH 
_pdbx_struct_special_symmetry.auth_seq_id     209 
_pdbx_struct_special_symmetry.PDB_ins_code    ? 
_pdbx_struct_special_symmetry.label_asym_id   B 
_pdbx_struct_special_symmetry.label_comp_id   HOH 
_pdbx_struct_special_symmetry.label_seq_id    . 
# 
loop_
_pdbx_unobs_or_zero_occ_residues.id 
_pdbx_unobs_or_zero_occ_residues.PDB_model_num 
_pdbx_unobs_or_zero_occ_residues.polymer_flag 
_pdbx_unobs_or_zero_occ_residues.occupancy_flag 
_pdbx_unobs_or_zero_occ_residues.auth_asym_id 
_pdbx_unobs_or_zero_occ_residues.auth_comp_id 
_pdbx_unobs_or_zero_occ_residues.auth_seq_id 
_pdbx_unobs_or_zero_occ_residues.PDB_ins_code 
_pdbx_unobs_or_zero_occ_residues.label_asym_id 
_pdbx_unobs_or_zero_occ_residues.label_comp_id 
_pdbx_unobs_or_zero_occ_residues.label_seq_id 
1  1 Y 1 A MET 1   ? A MET 1   
2  1 Y 1 A PRO 148 ? A PRO 148 
3  1 Y 1 A ARG 149 ? A ARG 149 
4  1 Y 1 A GLY 150 ? A GLY 150 
5  1 Y 1 A GLU 151 ? A GLU 151 
6  1 Y 1 A GLY 152 ? A GLY 152 
7  1 Y 1 A ARG 153 ? A ARG 153 
8  1 Y 1 A PHE 154 ? A PHE 154 
9  1 Y 1 A GLY 155 ? A GLY 155 
10 1 Y 1 A SER 156 ? A SER 156 
11 1 Y 1 A THR 157 ? A THR 157 
12 1 Y 1 A GLY 158 ? A GLY 158 
13 1 Y 1 A GLU 159 ? A GLU 159 
14 1 Y 1 A ALA 160 ? A ALA 160 
15 1 Y 1 A GLY 161 ? A GLY 161 
16 1 Y 1 A ILE 162 ? A ILE 162 
17 1 Y 1 A MET 163 ? A MET 163 
18 1 Y 1 A ARG 164 ? A ARG 164 
19 1 Y 1 A THR 165 ? A THR 165 
# 
loop_
_chem_comp_atom.comp_id 
_chem_comp_atom.atom_id 
_chem_comp_atom.type_symbol 
_chem_comp_atom.pdbx_aromatic_flag 
_chem_comp_atom.pdbx_stereo_config 
_chem_comp_atom.pdbx_ordinal 
ALA N    N N N 1   
ALA CA   C N S 2   
ALA C    C N N 3   
ALA O    O N N 4   
ALA CB   C N N 5   
ALA OXT  O N N 6   
ALA H    H N N 7   
ALA H2   H N N 8   
ALA HA   H N N 9   
ALA HB1  H N N 10  
ALA HB2  H N N 11  
ALA HB3  H N N 12  
ALA HXT  H N N 13  
ARG N    N N N 14  
ARG CA   C N S 15  
ARG C    C N N 16  
ARG O    O N N 17  
ARG CB   C N N 18  
ARG CG   C N N 19  
ARG CD   C N N 20  
ARG NE   N N N 21  
ARG CZ   C N N 22  
ARG NH1  N N N 23  
ARG NH2  N N N 24  
ARG OXT  O N N 25  
ARG H    H N N 26  
ARG H2   H N N 27  
ARG HA   H N N 28  
ARG HB2  H N N 29  
ARG HB3  H N N 30  
ARG HG2  H N N 31  
ARG HG3  H N N 32  
ARG HD2  H N N 33  
ARG HD3  H N N 34  
ARG HE   H N N 35  
ARG HH11 H N N 36  
ARG HH12 H N N 37  
ARG HH21 H N N 38  
ARG HH22 H N N 39  
ARG HXT  H N N 40  
ASN N    N N N 41  
ASN CA   C N S 42  
ASN C    C N N 43  
ASN O    O N N 44  
ASN CB   C N N 45  
ASN CG   C N N 46  
ASN OD1  O N N 47  
ASN ND2  N N N 48  
ASN OXT  O N N 49  
ASN H    H N N 50  
ASN H2   H N N 51  
ASN HA   H N N 52  
ASN HB2  H N N 53  
ASN HB3  H N N 54  
ASN HD21 H N N 55  
ASN HD22 H N N 56  
ASN HXT  H N N 57  
ASP N    N N N 58  
ASP CA   C N S 59  
ASP C    C N N 60  
ASP O    O N N 61  
ASP CB   C N N 62  
ASP CG   C N N 63  
ASP OD1  O N N 64  
ASP OD2  O N N 65  
ASP OXT  O N N 66  
ASP H    H N N 67  
ASP H2   H N N 68  
ASP HA   H N N 69  
ASP HB2  H N N 70  
ASP HB3  H N N 71  
ASP HD2  H N N 72  
ASP HXT  H N N 73  
CYS N    N N N 74  
CYS CA   C N R 75  
CYS C    C N N 76  
CYS O    O N N 77  
CYS CB   C N N 78  
CYS SG   S N N 79  
CYS OXT  O N N 80  
CYS H    H N N 81  
CYS H2   H N N 82  
CYS HA   H N N 83  
CYS HB2  H N N 84  
CYS HB3  H N N 85  
CYS HG   H N N 86  
CYS HXT  H N N 87  
GLN N    N N N 88  
GLN CA   C N S 89  
GLN C    C N N 90  
GLN O    O N N 91  
GLN CB   C N N 92  
GLN CG   C N N 93  
GLN CD   C N N 94  
GLN OE1  O N N 95  
GLN NE2  N N N 96  
GLN OXT  O N N 97  
GLN H    H N N 98  
GLN H2   H N N 99  
GLN HA   H N N 100 
GLN HB2  H N N 101 
GLN HB3  H N N 102 
GLN HG2  H N N 103 
GLN HG3  H N N 104 
GLN HE21 H N N 105 
GLN HE22 H N N 106 
GLN HXT  H N N 107 
GLU N    N N N 108 
GLU CA   C N S 109 
GLU C    C N N 110 
GLU O    O N N 111 
GLU CB   C N N 112 
GLU CG   C N N 113 
GLU CD   C N N 114 
GLU OE1  O N N 115 
GLU OE2  O N N 116 
GLU OXT  O N N 117 
GLU H    H N N 118 
GLU H2   H N N 119 
GLU HA   H N N 120 
GLU HB2  H N N 121 
GLU HB3  H N N 122 
GLU HG2  H N N 123 
GLU HG3  H N N 124 
GLU HE2  H N N 125 
GLU HXT  H N N 126 
GLY N    N N N 127 
GLY CA   C N N 128 
GLY C    C N N 129 
GLY O    O N N 130 
GLY OXT  O N N 131 
GLY H    H N N 132 
GLY H2   H N N 133 
GLY HA2  H N N 134 
GLY HA3  H N N 135 
GLY HXT  H N N 136 
HIS N    N N N 137 
HIS CA   C N S 138 
HIS C    C N N 139 
HIS O    O N N 140 
HIS CB   C N N 141 
HIS CG   C Y N 142 
HIS ND1  N Y N 143 
HIS CD2  C Y N 144 
HIS CE1  C Y N 145 
HIS NE2  N Y N 146 
HIS OXT  O N N 147 
HIS H    H N N 148 
HIS H2   H N N 149 
HIS HA   H N N 150 
HIS HB2  H N N 151 
HIS HB3  H N N 152 
HIS HD1  H N N 153 
HIS HD2  H N N 154 
HIS HE1  H N N 155 
HIS HE2  H N N 156 
HIS HXT  H N N 157 
HOH O    O N N 158 
HOH H1   H N N 159 
HOH H2   H N N 160 
ILE N    N N N 161 
ILE CA   C N S 162 
ILE C    C N N 163 
ILE O    O N N 164 
ILE CB   C N S 165 
ILE CG1  C N N 166 
ILE CG2  C N N 167 
ILE CD1  C N N 168 
ILE OXT  O N N 169 
ILE H    H N N 170 
ILE H2   H N N 171 
ILE HA   H N N 172 
ILE HB   H N N 173 
ILE HG12 H N N 174 
ILE HG13 H N N 175 
ILE HG21 H N N 176 
ILE HG22 H N N 177 
ILE HG23 H N N 178 
ILE HD11 H N N 179 
ILE HD12 H N N 180 
ILE HD13 H N N 181 
ILE HXT  H N N 182 
LEU N    N N N 183 
LEU CA   C N S 184 
LEU C    C N N 185 
LEU O    O N N 186 
LEU CB   C N N 187 
LEU CG   C N N 188 
LEU CD1  C N N 189 
LEU CD2  C N N 190 
LEU OXT  O N N 191 
LEU H    H N N 192 
LEU H2   H N N 193 
LEU HA   H N N 194 
LEU HB2  H N N 195 
LEU HB3  H N N 196 
LEU HG   H N N 197 
LEU HD11 H N N 198 
LEU HD12 H N N 199 
LEU HD13 H N N 200 
LEU HD21 H N N 201 
LEU HD22 H N N 202 
LEU HD23 H N N 203 
LEU HXT  H N N 204 
LYS N    N N N 205 
LYS CA   C N S 206 
LYS C    C N N 207 
LYS O    O N N 208 
LYS CB   C N N 209 
LYS CG   C N N 210 
LYS CD   C N N 211 
LYS CE   C N N 212 
LYS NZ   N N N 213 
LYS OXT  O N N 214 
LYS H    H N N 215 
LYS H2   H N N 216 
LYS HA   H N N 217 
LYS HB2  H N N 218 
LYS HB3  H N N 219 
LYS HG2  H N N 220 
LYS HG3  H N N 221 
LYS HD2  H N N 222 
LYS HD3  H N N 223 
LYS HE2  H N N 224 
LYS HE3  H N N 225 
LYS HZ1  H N N 226 
LYS HZ2  H N N 227 
LYS HZ3  H N N 228 
LYS HXT  H N N 229 
MET N    N N N 230 
MET CA   C N S 231 
MET C    C N N 232 
MET O    O N N 233 
MET CB   C N N 234 
MET CG   C N N 235 
MET SD   S N N 236 
MET CE   C N N 237 
MET OXT  O N N 238 
MET H    H N N 239 
MET H2   H N N 240 
MET HA   H N N 241 
MET HB2  H N N 242 
MET HB3  H N N 243 
MET HG2  H N N 244 
MET HG3  H N N 245 
MET HE1  H N N 246 
MET HE2  H N N 247 
MET HE3  H N N 248 
MET HXT  H N N 249 
PHE N    N N N 250 
PHE CA   C N S 251 
PHE C    C N N 252 
PHE O    O N N 253 
PHE CB   C N N 254 
PHE CG   C Y N 255 
PHE CD1  C Y N 256 
PHE CD2  C Y N 257 
PHE CE1  C Y N 258 
PHE CE2  C Y N 259 
PHE CZ   C Y N 260 
PHE OXT  O N N 261 
PHE H    H N N 262 
PHE H2   H N N 263 
PHE HA   H N N 264 
PHE HB2  H N N 265 
PHE HB3  H N N 266 
PHE HD1  H N N 267 
PHE HD2  H N N 268 
PHE HE1  H N N 269 
PHE HE2  H N N 270 
PHE HZ   H N N 271 
PHE HXT  H N N 272 
PRO N    N N N 273 
PRO CA   C N S 274 
PRO C    C N N 275 
PRO O    O N N 276 
PRO CB   C N N 277 
PRO CG   C N N 278 
PRO CD   C N N 279 
PRO OXT  O N N 280 
PRO H    H N N 281 
PRO HA   H N N 282 
PRO HB2  H N N 283 
PRO HB3  H N N 284 
PRO HG2  H N N 285 
PRO HG3  H N N 286 
PRO HD2  H N N 287 
PRO HD3  H N N 288 
PRO HXT  H N N 289 
SER N    N N N 290 
SER CA   C N S 291 
SER C    C N N 292 
SER O    O N N 293 
SER CB   C N N 294 
SER OG   O N N 295 
SER OXT  O N N 296 
SER H    H N N 297 
SER H2   H N N 298 
SER HA   H N N 299 
SER HB2  H N N 300 
SER HB3  H N N 301 
SER HG   H N N 302 
SER HXT  H N N 303 
THR N    N N N 304 
THR CA   C N S 305 
THR C    C N N 306 
THR O    O N N 307 
THR CB   C N R 308 
THR OG1  O N N 309 
THR CG2  C N N 310 
THR OXT  O N N 311 
THR H    H N N 312 
THR H2   H N N 313 
THR HA   H N N 314 
THR HB   H N N 315 
THR HG1  H N N 316 
THR HG21 H N N 317 
THR HG22 H N N 318 
THR HG23 H N N 319 
THR HXT  H N N 320 
TRP N    N N N 321 
TRP CA   C N S 322 
TRP C    C N N 323 
TRP O    O N N 324 
TRP CB   C N N 325 
TRP CG   C Y N 326 
TRP CD1  C Y N 327 
TRP CD2  C Y N 328 
TRP NE1  N Y N 329 
TRP CE2  C Y N 330 
TRP CE3  C Y N 331 
TRP CZ2  C Y N 332 
TRP CZ3  C Y N 333 
TRP CH2  C Y N 334 
TRP OXT  O N N 335 
TRP H    H N N 336 
TRP H2   H N N 337 
TRP HA   H N N 338 
TRP HB2  H N N 339 
TRP HB3  H N N 340 
TRP HD1  H N N 341 
TRP HE1  H N N 342 
TRP HE3  H N N 343 
TRP HZ2  H N N 344 
TRP HZ3  H N N 345 
TRP HH2  H N N 346 
TRP HXT  H N N 347 
TYR N    N N N 348 
TYR CA   C N S 349 
TYR C    C N N 350 
TYR O    O N N 351 
TYR CB   C N N 352 
TYR CG   C Y N 353 
TYR CD1  C Y N 354 
TYR CD2  C Y N 355 
TYR CE1  C Y N 356 
TYR CE2  C Y N 357 
TYR CZ   C Y N 358 
TYR OH   O N N 359 
TYR OXT  O N N 360 
TYR H    H N N 361 
TYR H2   H N N 362 
TYR HA   H N N 363 
TYR HB2  H N N 364 
TYR HB3  H N N 365 
TYR HD1  H N N 366 
TYR HD2  H N N 367 
TYR HE1  H N N 368 
TYR HE2  H N N 369 
TYR HH   H N N 370 
TYR HXT  H N N 371 
VAL N    N N N 372 
VAL CA   C N S 373 
VAL C    C N N 374 
VAL O    O N N 375 
VAL CB   C N N 376 
VAL CG1  C N N 377 
VAL CG2  C N N 378 
VAL OXT  O N N 379 
VAL H    H N N 380 
VAL H2   H N N 381 
VAL HA   H N N 382 
VAL HB   H N N 383 
VAL HG11 H N N 384 
VAL HG12 H N N 385 
VAL HG13 H N N 386 
VAL HG21 H N N 387 
VAL HG22 H N N 388 
VAL HG23 H N N 389 
VAL HXT  H N N 390 
# 
loop_
_chem_comp_bond.comp_id 
_chem_comp_bond.atom_id_1 
_chem_comp_bond.atom_id_2 
_chem_comp_bond.value_order 
_chem_comp_bond.pdbx_aromatic_flag 
_chem_comp_bond.pdbx_stereo_config 
_chem_comp_bond.pdbx_ordinal 
ALA N   CA   sing N N 1   
ALA N   H    sing N N 2   
ALA N   H2   sing N N 3   
ALA CA  C    sing N N 4   
ALA CA  CB   sing N N 5   
ALA CA  HA   sing N N 6   
ALA C   O    doub N N 7   
ALA C   OXT  sing N N 8   
ALA CB  HB1  sing N N 9   
ALA CB  HB2  sing N N 10  
ALA CB  HB3  sing N N 11  
ALA OXT HXT  sing N N 12  
ARG N   CA   sing N N 13  
ARG N   H    sing N N 14  
ARG N   H2   sing N N 15  
ARG CA  C    sing N N 16  
ARG CA  CB   sing N N 17  
ARG CA  HA   sing N N 18  
ARG C   O    doub N N 19  
ARG C   OXT  sing N N 20  
ARG CB  CG   sing N N 21  
ARG CB  HB2  sing N N 22  
ARG CB  HB3  sing N N 23  
ARG CG  CD   sing N N 24  
ARG CG  HG2  sing N N 25  
ARG CG  HG3  sing N N 26  
ARG CD  NE   sing N N 27  
ARG CD  HD2  sing N N 28  
ARG CD  HD3  sing N N 29  
ARG NE  CZ   sing N N 30  
ARG NE  HE   sing N N 31  
ARG CZ  NH1  sing N N 32  
ARG CZ  NH2  doub N N 33  
ARG NH1 HH11 sing N N 34  
ARG NH1 HH12 sing N N 35  
ARG NH2 HH21 sing N N 36  
ARG NH2 HH22 sing N N 37  
ARG OXT HXT  sing N N 38  
ASN N   CA   sing N N 39  
ASN N   H    sing N N 40  
ASN N   H2   sing N N 41  
ASN CA  C    sing N N 42  
ASN CA  CB   sing N N 43  
ASN CA  HA   sing N N 44  
ASN C   O    doub N N 45  
ASN C   OXT  sing N N 46  
ASN CB  CG   sing N N 47  
ASN CB  HB2  sing N N 48  
ASN CB  HB3  sing N N 49  
ASN CG  OD1  doub N N 50  
ASN CG  ND2  sing N N 51  
ASN ND2 HD21 sing N N 52  
ASN ND2 HD22 sing N N 53  
ASN OXT HXT  sing N N 54  
ASP N   CA   sing N N 55  
ASP N   H    sing N N 56  
ASP N   H2   sing N N 57  
ASP CA  C    sing N N 58  
ASP CA  CB   sing N N 59  
ASP CA  HA   sing N N 60  
ASP C   O    doub N N 61  
ASP C   OXT  sing N N 62  
ASP CB  CG   sing N N 63  
ASP CB  HB2  sing N N 64  
ASP CB  HB3  sing N N 65  
ASP CG  OD1  doub N N 66  
ASP CG  OD2  sing N N 67  
ASP OD2 HD2  sing N N 68  
ASP OXT HXT  sing N N 69  
CYS N   CA   sing N N 70  
CYS N   H    sing N N 71  
CYS N   H2   sing N N 72  
CYS CA  C    sing N N 73  
CYS CA  CB   sing N N 74  
CYS CA  HA   sing N N 75  
CYS C   O    doub N N 76  
CYS C   OXT  sing N N 77  
CYS CB  SG   sing N N 78  
CYS CB  HB2  sing N N 79  
CYS CB  HB3  sing N N 80  
CYS SG  HG   sing N N 81  
CYS OXT HXT  sing N N 82  
GLN N   CA   sing N N 83  
GLN N   H    sing N N 84  
GLN N   H2   sing N N 85  
GLN CA  C    sing N N 86  
GLN CA  CB   sing N N 87  
GLN CA  HA   sing N N 88  
GLN C   O    doub N N 89  
GLN C   OXT  sing N N 90  
GLN CB  CG   sing N N 91  
GLN CB  HB2  sing N N 92  
GLN CB  HB3  sing N N 93  
GLN CG  CD   sing N N 94  
GLN CG  HG2  sing N N 95  
GLN CG  HG3  sing N N 96  
GLN CD  OE1  doub N N 97  
GLN CD  NE2  sing N N 98  
GLN NE2 HE21 sing N N 99  
GLN NE2 HE22 sing N N 100 
GLN OXT HXT  sing N N 101 
GLU N   CA   sing N N 102 
GLU N   H    sing N N 103 
GLU N   H2   sing N N 104 
GLU CA  C    sing N N 105 
GLU CA  CB   sing N N 106 
GLU CA  HA   sing N N 107 
GLU C   O    doub N N 108 
GLU C   OXT  sing N N 109 
GLU CB  CG   sing N N 110 
GLU CB  HB2  sing N N 111 
GLU CB  HB3  sing N N 112 
GLU CG  CD   sing N N 113 
GLU CG  HG2  sing N N 114 
GLU CG  HG3  sing N N 115 
GLU CD  OE1  doub N N 116 
GLU CD  OE2  sing N N 117 
GLU OE2 HE2  sing N N 118 
GLU OXT HXT  sing N N 119 
GLY N   CA   sing N N 120 
GLY N   H    sing N N 121 
GLY N   H2   sing N N 122 
GLY CA  C    sing N N 123 
GLY CA  HA2  sing N N 124 
GLY CA  HA3  sing N N 125 
GLY C   O    doub N N 126 
GLY C   OXT  sing N N 127 
GLY OXT HXT  sing N N 128 
HIS N   CA   sing N N 129 
HIS N   H    sing N N 130 
HIS N   H2   sing N N 131 
HIS CA  C    sing N N 132 
HIS CA  CB   sing N N 133 
HIS CA  HA   sing N N 134 
HIS C   O    doub N N 135 
HIS C   OXT  sing N N 136 
HIS CB  CG   sing N N 137 
HIS CB  HB2  sing N N 138 
HIS CB  HB3  sing N N 139 
HIS CG  ND1  sing Y N 140 
HIS CG  CD2  doub Y N 141 
HIS ND1 CE1  doub Y N 142 
HIS ND1 HD1  sing N N 143 
HIS CD2 NE2  sing Y N 144 
HIS CD2 HD2  sing N N 145 
HIS CE1 NE2  sing Y N 146 
HIS CE1 HE1  sing N N 147 
HIS NE2 HE2  sing N N 148 
HIS OXT HXT  sing N N 149 
HOH O   H1   sing N N 150 
HOH O   H2   sing N N 151 
ILE N   CA   sing N N 152 
ILE N   H    sing N N 153 
ILE N   H2   sing N N 154 
ILE CA  C    sing N N 155 
ILE CA  CB   sing N N 156 
ILE CA  HA   sing N N 157 
ILE C   O    doub N N 158 
ILE C   OXT  sing N N 159 
ILE CB  CG1  sing N N 160 
ILE CB  CG2  sing N N 161 
ILE CB  HB   sing N N 162 
ILE CG1 CD1  sing N N 163 
ILE CG1 HG12 sing N N 164 
ILE CG1 HG13 sing N N 165 
ILE CG2 HG21 sing N N 166 
ILE CG2 HG22 sing N N 167 
ILE CG2 HG23 sing N N 168 
ILE CD1 HD11 sing N N 169 
ILE CD1 HD12 sing N N 170 
ILE CD1 HD13 sing N N 171 
ILE OXT HXT  sing N N 172 
LEU N   CA   sing N N 173 
LEU N   H    sing N N 174 
LEU N   H2   sing N N 175 
LEU CA  C    sing N N 176 
LEU CA  CB   sing N N 177 
LEU CA  HA   sing N N 178 
LEU C   O    doub N N 179 
LEU C   OXT  sing N N 180 
LEU CB  CG   sing N N 181 
LEU CB  HB2  sing N N 182 
LEU CB  HB3  sing N N 183 
LEU CG  CD1  sing N N 184 
LEU CG  CD2  sing N N 185 
LEU CG  HG   sing N N 186 
LEU CD1 HD11 sing N N 187 
LEU CD1 HD12 sing N N 188 
LEU CD1 HD13 sing N N 189 
LEU CD2 HD21 sing N N 190 
LEU CD2 HD22 sing N N 191 
LEU CD2 HD23 sing N N 192 
LEU OXT HXT  sing N N 193 
LYS N   CA   sing N N 194 
LYS N   H    sing N N 195 
LYS N   H2   sing N N 196 
LYS CA  C    sing N N 197 
LYS CA  CB   sing N N 198 
LYS CA  HA   sing N N 199 
LYS C   O    doub N N 200 
LYS C   OXT  sing N N 201 
LYS CB  CG   sing N N 202 
LYS CB  HB2  sing N N 203 
LYS CB  HB3  sing N N 204 
LYS CG  CD   sing N N 205 
LYS CG  HG2  sing N N 206 
LYS CG  HG3  sing N N 207 
LYS CD  CE   sing N N 208 
LYS CD  HD2  sing N N 209 
LYS CD  HD3  sing N N 210 
LYS CE  NZ   sing N N 211 
LYS CE  HE2  sing N N 212 
LYS CE  HE3  sing N N 213 
LYS NZ  HZ1  sing N N 214 
LYS NZ  HZ2  sing N N 215 
LYS NZ  HZ3  sing N N 216 
LYS OXT HXT  sing N N 217 
MET N   CA   sing N N 218 
MET N   H    sing N N 219 
MET N   H2   sing N N 220 
MET CA  C    sing N N 221 
MET CA  CB   sing N N 222 
MET CA  HA   sing N N 223 
MET C   O    doub N N 224 
MET C   OXT  sing N N 225 
MET CB  CG   sing N N 226 
MET CB  HB2  sing N N 227 
MET CB  HB3  sing N N 228 
MET CG  SD   sing N N 229 
MET CG  HG2  sing N N 230 
MET CG  HG3  sing N N 231 
MET SD  CE   sing N N 232 
MET CE  HE1  sing N N 233 
MET CE  HE2  sing N N 234 
MET CE  HE3  sing N N 235 
MET OXT HXT  sing N N 236 
PHE N   CA   sing N N 237 
PHE N   H    sing N N 238 
PHE N   H2   sing N N 239 
PHE CA  C    sing N N 240 
PHE CA  CB   sing N N 241 
PHE CA  HA   sing N N 242 
PHE C   O    doub N N 243 
PHE C   OXT  sing N N 244 
PHE CB  CG   sing N N 245 
PHE CB  HB2  sing N N 246 
PHE CB  HB3  sing N N 247 
PHE CG  CD1  doub Y N 248 
PHE CG  CD2  sing Y N 249 
PHE CD1 CE1  sing Y N 250 
PHE CD1 HD1  sing N N 251 
PHE CD2 CE2  doub Y N 252 
PHE CD2 HD2  sing N N 253 
PHE CE1 CZ   doub Y N 254 
PHE CE1 HE1  sing N N 255 
PHE CE2 CZ   sing Y N 256 
PHE CE2 HE2  sing N N 257 
PHE CZ  HZ   sing N N 258 
PHE OXT HXT  sing N N 259 
PRO N   CA   sing N N 260 
PRO N   CD   sing N N 261 
PRO N   H    sing N N 262 
PRO CA  C    sing N N 263 
PRO CA  CB   sing N N 264 
PRO CA  HA   sing N N 265 
PRO C   O    doub N N 266 
PRO C   OXT  sing N N 267 
PRO CB  CG   sing N N 268 
PRO CB  HB2  sing N N 269 
PRO CB  HB3  sing N N 270 
PRO CG  CD   sing N N 271 
PRO CG  HG2  sing N N 272 
PRO CG  HG3  sing N N 273 
PRO CD  HD2  sing N N 274 
PRO CD  HD3  sing N N 275 
PRO OXT HXT  sing N N 276 
SER N   CA   sing N N 277 
SER N   H    sing N N 278 
SER N   H2   sing N N 279 
SER CA  C    sing N N 280 
SER CA  CB   sing N N 281 
SER CA  HA   sing N N 282 
SER C   O    doub N N 283 
SER C   OXT  sing N N 284 
SER CB  OG   sing N N 285 
SER CB  HB2  sing N N 286 
SER CB  HB3  sing N N 287 
SER OG  HG   sing N N 288 
SER OXT HXT  sing N N 289 
THR N   CA   sing N N 290 
THR N   H    sing N N 291 
THR N   H2   sing N N 292 
THR CA  C    sing N N 293 
THR CA  CB   sing N N 294 
THR CA  HA   sing N N 295 
THR C   O    doub N N 296 
THR C   OXT  sing N N 297 
THR CB  OG1  sing N N 298 
THR CB  CG2  sing N N 299 
THR CB  HB   sing N N 300 
THR OG1 HG1  sing N N 301 
THR CG2 HG21 sing N N 302 
THR CG2 HG22 sing N N 303 
THR CG2 HG23 sing N N 304 
THR OXT HXT  sing N N 305 
TRP N   CA   sing N N 306 
TRP N   H    sing N N 307 
TRP N   H2   sing N N 308 
TRP CA  C    sing N N 309 
TRP CA  CB   sing N N 310 
TRP CA  HA   sing N N 311 
TRP C   O    doub N N 312 
TRP C   OXT  sing N N 313 
TRP CB  CG   sing N N 314 
TRP CB  HB2  sing N N 315 
TRP CB  HB3  sing N N 316 
TRP CG  CD1  doub Y N 317 
TRP CG  CD2  sing Y N 318 
TRP CD1 NE1  sing Y N 319 
TRP CD1 HD1  sing N N 320 
TRP CD2 CE2  doub Y N 321 
TRP CD2 CE3  sing Y N 322 
TRP NE1 CE2  sing Y N 323 
TRP NE1 HE1  sing N N 324 
TRP CE2 CZ2  sing Y N 325 
TRP CE3 CZ3  doub Y N 326 
TRP CE3 HE3  sing N N 327 
TRP CZ2 CH2  doub Y N 328 
TRP CZ2 HZ2  sing N N 329 
TRP CZ3 CH2  sing Y N 330 
TRP CZ3 HZ3  sing N N 331 
TRP CH2 HH2  sing N N 332 
TRP OXT HXT  sing N N 333 
TYR N   CA   sing N N 334 
TYR N   H    sing N N 335 
TYR N   H2   sing N N 336 
TYR CA  C    sing N N 337 
TYR CA  CB   sing N N 338 
TYR CA  HA   sing N N 339 
TYR C   O    doub N N 340 
TYR C   OXT  sing N N 341 
TYR CB  CG   sing N N 342 
TYR CB  HB2  sing N N 343 
TYR CB  HB3  sing N N 344 
TYR CG  CD1  doub Y N 345 
TYR CG  CD2  sing Y N 346 
TYR CD1 CE1  sing Y N 347 
TYR CD1 HD1  sing N N 348 
TYR CD2 CE2  doub Y N 349 
TYR CD2 HD2  sing N N 350 
TYR CE1 CZ   doub Y N 351 
TYR CE1 HE1  sing N N 352 
TYR CE2 CZ   sing Y N 353 
TYR CE2 HE2  sing N N 354 
TYR CZ  OH   sing N N 355 
TYR OH  HH   sing N N 356 
TYR OXT HXT  sing N N 357 
VAL N   CA   sing N N 358 
VAL N   H    sing N N 359 
VAL N   H2   sing N N 360 
VAL CA  C    sing N N 361 
VAL CA  CB   sing N N 362 
VAL CA  HA   sing N N 363 
VAL C   O    doub N N 364 
VAL C   OXT  sing N N 365 
VAL CB  CG1  sing N N 366 
VAL CB  CG2  sing N N 367 
VAL CB  HB   sing N N 368 
VAL CG1 HG11 sing N N 369 
VAL CG1 HG12 sing N N 370 
VAL CG1 HG13 sing N N 371 
VAL CG2 HG21 sing N N 372 
VAL CG2 HG22 sing N N 373 
VAL CG2 HG23 sing N N 374 
VAL OXT HXT  sing N N 375 
# 
_pdbx_audit_support.funding_organization   'National Natural Science Foundation of China (NSFC)' 
_pdbx_audit_support.country                China 
_pdbx_audit_support.grant_number           31722056 
_pdbx_audit_support.ordinal                1 
# 
_atom_sites.entry_id                    6LJO 
_atom_sites.Cartn_transf_matrix[1][1]   ? 
_atom_sites.Cartn_transf_matrix[1][2]   ? 
_atom_sites.Cartn_transf_matrix[1][3]   ? 
_atom_sites.Cartn_transf_matrix[2][1]   ? 
_atom_sites.Cartn_transf_matrix[2][2]   ? 
_atom_sites.Cartn_transf_matrix[2][3]   ? 
_atom_sites.Cartn_transf_matrix[3][1]   ? 
_atom_sites.Cartn_transf_matrix[3][2]   ? 
_atom_sites.Cartn_transf_matrix[3][3]   ? 
_atom_sites.Cartn_transf_vector[1]      ? 
_atom_sites.Cartn_transf_vector[2]      ? 
_atom_sites.Cartn_transf_vector[3]      ? 
_atom_sites.fract_transf_matrix[1][1]   0.00301996 
_atom_sites.fract_transf_matrix[1][2]   0.00354011 
_atom_sites.fract_transf_matrix[1][3]   0.00908012 
_atom_sites.fract_transf_matrix[2][1]   0.00937795 
_atom_sites.fract_transf_matrix[2][2]   -0.00364270 
_atom_sites.fract_transf_matrix[2][3]   -0.00169882 
_atom_sites.fract_transf_matrix[3][1]   0.00265237 
_atom_sites.fract_transf_matrix[3][2]   0.00884870 
_atom_sites.fract_transf_matrix[3][3]   -0.00433204 
_atom_sites.fract_transf_vector[1]      0.083872 
_atom_sites.fract_transf_vector[2]      -0.073990 
_atom_sites.fract_transf_vector[3]      -0.130348 
_atom_sites.solution_primary            ? 
_atom_sites.solution_secondary          ? 
_atom_sites.solution_hydrogens          ? 
_atom_sites.special_details             ? 
# 
loop_
_atom_type.symbol 
C 
N 
O 
S 
# 
loop_
_atom_site.group_PDB 
_atom_site.id 
_atom_site.type_symbol 
_atom_site.label_atom_id 
_atom_site.label_alt_id 
_atom_site.label_comp_id 
_atom_site.label_asym_id 
_atom_site.label_entity_id 
_atom_site.label_seq_id 
_atom_site.pdbx_PDB_ins_code 
_atom_site.Cartn_x 
_atom_site.Cartn_y 
_atom_site.Cartn_z 
_atom_site.occupancy 
_atom_site.B_iso_or_equiv 
_atom_site.pdbx_formal_charge 
_atom_site.auth_seq_id 
_atom_site.auth_comp_id 
_atom_site.auth_asym_id 
_atom_site.auth_atom_id 
_atom_site.pdbx_PDB_model_num 
ATOM   1    N N   . ALA A 1 2   ? 19.047  9.526   -1.000  1.00 32.59 ? 2   ALA A N   1 
ATOM   2    C CA  . ALA A 1 2   ? 18.258  8.554   -0.177  1.00 33.79 ? 2   ALA A CA  1 
ATOM   3    C C   . ALA A 1 2   ? 16.756  8.687   -0.491  1.00 33.07 ? 2   ALA A C   1 
ATOM   4    O O   . ALA A 1 2   ? 16.253  9.835   -0.674  1.00 32.28 ? 2   ALA A O   1 
ATOM   5    C CB  . ALA A 1 2   ? 18.511  8.764   1.298   1.00 32.94 ? 2   ALA A CB  1 
ATOM   6    N N   . THR A 1 3   ? 16.088  7.536   -0.571  1.00 31.25 ? 3   THR A N   1 
ATOM   7    C CA  . THR A 1 3   ? 14.619  7.378   -0.697  1.00 29.14 ? 3   THR A CA  1 
ATOM   8    C C   . THR A 1 3   ? 14.166  6.472   0.441   1.00 26.83 ? 3   THR A C   1 
ATOM   9    O O   . THR A 1 3   ? 14.670  5.335   0.515   1.00 27.27 ? 3   THR A O   1 
ATOM   10   C CB  . THR A 1 3   ? 14.217  6.822   -2.073  1.00 30.31 ? 3   THR A CB  1 
ATOM   11   O OG1 . THR A 1 3   ? 14.758  7.688   -3.073  1.00 31.53 ? 3   THR A OG1 1 
ATOM   12   C CG2 . THR A 1 3   ? 12.713  6.704   -2.259  1.00 30.24 ? 3   THR A CG2 1 
ATOM   13   N N   . ASN A 1 4   ? 13.278  6.964   1.303   1.00 26.62 ? 4   ASN A N   1 
ATOM   14   C CA  . ASN A 1 4   ? 12.726  6.198   2.450   1.00 25.65 ? 4   ASN A CA  1 
ATOM   15   C C   . ASN A 1 4   ? 11.197  6.197   2.361   1.00 24.89 ? 4   ASN A C   1 
ATOM   16   O O   . ASN A 1 4   ? 10.636  7.202   1.900   1.00 23.24 ? 4   ASN A O   1 
ATOM   17   C CB  . ASN A 1 4   ? 13.195  6.781   3.787   1.00 27.78 ? 4   ASN A CB  1 
ATOM   18   C CG  . ASN A 1 4   ? 14.630  6.427   4.130   1.00 30.03 ? 4   ASN A CG  1 
ATOM   19   O OD1 . ASN A 1 4   ? 15.469  6.293   3.256   1.00 28.36 ? 4   ASN A OD1 1 
ATOM   20   N ND2 . ASN A 1 4   ? 14.924  6.248   5.410   1.00 38.03 ? 4   ASN A ND2 1 
ATOM   21   N N   . PHE A 1 5   ? 10.567  5.116   2.826   1.00 24.19 ? 5   PHE A N   1 
ATOM   22   C CA  . PHE A 1 5   ? 9.100   4.964   2.978   1.00 24.27 ? 5   PHE A CA  1 
ATOM   23   C C   . PHE A 1 5   ? 8.768   4.940   4.461   1.00 23.98 ? 5   PHE A C   1 
ATOM   24   O O   . PHE A 1 5   ? 9.564   4.427   5.227   1.00 23.84 ? 5   PHE A O   1 
ATOM   25   C CB  . PHE A 1 5   ? 8.582   3.671   2.343   1.00 23.93 ? 5   PHE A CB  1 
ATOM   26   C CG  . PHE A 1 5   ? 8.181   3.784   0.896   1.00 22.81 ? 5   PHE A CG  1 
ATOM   27   C CD1 . PHE A 1 5   ? 6.911   4.216   0.555   1.00 22.91 ? 5   PHE A CD1 1 
ATOM   28   C CD2 . PHE A 1 5   ? 9.068   3.457   -0.113  1.00 21.55 ? 5   PHE A CD2 1 
ATOM   29   C CE1 . PHE A 1 5   ? 6.542   4.340   -0.770  1.00 22.83 ? 5   PHE A CE1 1 
ATOM   30   C CE2 . PHE A 1 5   ? 8.693   3.569   -1.437  1.00 22.49 ? 5   PHE A CE2 1 
ATOM   31   C CZ  . PHE A 1 5   ? 7.431   4.008   -1.766  1.00 23.09 ? 5   PHE A CZ  1 
ATOM   32   N N   . PHE A 1 6   ? 7.609   5.483   4.806   1.00 24.09 ? 6   PHE A N   1 
ATOM   33   C CA  . PHE A 1 6   ? 7.052   5.558   6.169   1.00 25.79 ? 6   PHE A CA  1 
ATOM   34   C C   . PHE A 1 6   ? 5.629   5.015   6.099   1.00 25.33 ? 6   PHE A C   1 
ATOM   35   O O   . PHE A 1 6   ? 4.793   5.620   5.419   1.00 24.08 ? 6   PHE A O   1 
ATOM   36   C CB  . PHE A 1 6   ? 7.143   7.004   6.670   1.00 28.46 ? 6   PHE A CB  1 
ATOM   37   C CG  . PHE A 1 6   ? 8.557   7.535   6.686   1.00 29.01 ? 6   PHE A CG  1 
ATOM   38   C CD1 . PHE A 1 6   ? 9.363   7.374   7.809   1.00 32.02 ? 6   PHE A CD1 1 
ATOM   39   C CD2 . PHE A 1 6   ? 9.119   8.111   5.558   1.00 29.49 ? 6   PHE A CD2 1 
ATOM   40   C CE1 . PHE A 1 6   ? 10.683  7.811   7.815   1.00 30.30 ? 6   PHE A CE1 1 
ATOM   41   C CE2 . PHE A 1 6   ? 10.441  8.547   5.561   1.00 32.93 ? 6   PHE A CE2 1 
ATOM   42   C CZ  . PHE A 1 6   ? 11.218  8.407   6.694   1.00 30.49 ? 6   PHE A CZ  1 
ATOM   43   N N   . ILE A 1 7   ? 5.378   3.897   6.774   1.00 26.61 ? 7   ILE A N   1 
ATOM   44   C CA  . ILE A 1 7   ? 4.034   3.258   6.863   1.00 26.93 ? 7   ILE A CA  1 
ATOM   45   C C   . ILE A 1 7   ? 3.594   3.268   8.323   1.00 28.05 ? 7   ILE A C   1 
ATOM   46   O O   . ILE A 1 7   ? 4.354   2.808   9.146   1.00 31.27 ? 7   ILE A O   1 
ATOM   47   C CB  . ILE A 1 7   ? 4.073   1.830   6.303   1.00 26.20 ? 7   ILE A CB  1 
ATOM   48   C CG1 . ILE A 1 7   ? 4.446   1.826   4.816   1.00 27.00 ? 7   ILE A CG1 1 
ATOM   49   C CG2 . ILE A 1 7   ? 2.767   1.116   6.585   1.00 24.44 ? 7   ILE A CG2 1 
ATOM   50   C CD1 . ILE A 1 7   ? 4.980   0.505   4.321   1.00 27.53 ? 7   ILE A CD1 1 
ATOM   51   N N   . GLN A 1 8   ? 2.389   3.747   8.603   1.00 28.71 ? 8   GLN A N   1 
ATOM   52   C CA  . GLN A 1 8   ? 1.785   3.723   9.955   1.00 30.82 ? 8   GLN A CA  1 
ATOM   53   C C   . GLN A 1 8   ? 0.437   3.012   9.874   1.00 27.07 ? 8   GLN A C   1 
ATOM   54   O O   . GLN A 1 8   ? -0.475  3.518   9.243   1.00 23.43 ? 8   GLN A O   1 
ATOM   55   C CB  . GLN A 1 8   ? 1.629   5.151   10.483  1.00 33.01 ? 8   GLN A CB  1 
ATOM   56   C CG  . GLN A 1 8   ? 1.192   5.219   11.940  1.00 36.20 ? 8   GLN A CG  1 
ATOM   57   C CD  . GLN A 1 8   ? 0.359   6.447   12.210  1.00 41.77 ? 8   GLN A CD  1 
ATOM   58   O OE1 . GLN A 1 8   ? 0.799   7.577   12.011  1.00 44.05 ? 8   GLN A OE1 1 
ATOM   59   N NE2 . GLN A 1 8   ? -0.877  6.226   12.644  1.00 48.97 ? 8   GLN A NE2 1 
ATOM   60   N N   . PRO A 1 9   ? 0.236   1.857   10.544  1.00 28.49 ? 9   PRO A N   1 
ATOM   61   C CA  . PRO A 1 9   ? -1.097  1.290   10.674  1.00 29.62 ? 9   PRO A CA  1 
ATOM   62   C C   . PRO A 1 9   ? -1.993  2.273   11.434  1.00 34.69 ? 9   PRO A C   1 
ATOM   63   O O   . PRO A 1 9   ? -1.497  2.928   12.349  1.00 37.27 ? 9   PRO A O   1 
ATOM   64   C CB  . PRO A 1 9   ? -0.869  0.005   11.480  1.00 31.00 ? 9   PRO A CB  1 
ATOM   65   C CG  . PRO A 1 9   ? 0.410   0.266   12.245  1.00 29.56 ? 9   PRO A CG  1 
ATOM   66   C CD  . PRO A 1 9   ? 1.247   1.074   11.279  1.00 29.58 ? 9   PRO A CD  1 
ATOM   67   N N   . ILE A 1 10  ? -3.270  2.348   11.055  1.00 38.05 ? 10  ILE A N   1 
ATOM   68   C CA  . ILE A 1 10  ? -4.297  3.212   11.710  1.00 44.02 ? 10  ILE A CA  1 
ATOM   69   C C   . ILE A 1 10  ? -5.465  2.358   12.230  1.00 43.86 ? 10  ILE A C   1 
ATOM   70   O O   . ILE A 1 10  ? -6.574  2.905   12.339  1.00 49.86 ? 10  ILE A O   1 
ATOM   71   C CB  . ILE A 1 10  ? -4.787  4.306   10.742  1.00 45.08 ? 10  ILE A CB  1 
ATOM   72   C CG1 . ILE A 1 10  ? -5.539  3.729   9.542   1.00 46.56 ? 10  ILE A CG1 1 
ATOM   73   C CG2 . ILE A 1 10  ? -3.640  5.194   10.297  1.00 47.70 ? 10  ILE A CG2 1 
ATOM   74   C CD1 . ILE A 1 10  ? -6.106  4.791   8.624   1.00 49.10 ? 10  ILE A CD1 1 
ATOM   75   N N   . THR A 1 11  ? -5.242  1.077   12.517  1.00 39.77 ? 11  THR A N   1 
ATOM   76   C CA  . THR A 1 11  ? -6.227  0.174   13.174  1.00 44.13 ? 11  THR A CA  1 
ATOM   77   C C   . THR A 1 11  ? -5.455  -0.912  13.921  1.00 45.42 ? 11  THR A C   1 
ATOM   78   O O   . THR A 1 11  ? -4.257  -1.109  13.608  1.00 40.09 ? 11  THR A O   1 
ATOM   79   C CB  . THR A 1 11  ? -7.215  -0.503  12.209  1.00 42.96 ? 11  THR A CB  1 
ATOM   80   O OG1 . THR A 1 11  ? -6.493  -1.444  11.417  1.00 44.29 ? 11  THR A OG1 1 
ATOM   81   C CG2 . THR A 1 11  ? -7.970  0.455   11.315  1.00 42.22 ? 11  THR A CG2 1 
ATOM   82   N N   . GLU A 1 12  ? -6.109  -1.593  14.862  1.00 52.41 ? 12  GLU A N   1 
ATOM   83   C CA  . GLU A 1 12  ? -5.438  -2.631  15.683  1.00 57.78 ? 12  GLU A CA  1 
ATOM   84   C C   . GLU A 1 12  ? -5.087  -3.816  14.782  1.00 55.76 ? 12  GLU A C   1 
ATOM   85   O O   . GLU A 1 12  ? -3.908  -4.233  14.812  1.00 54.24 ? 12  GLU A O   1 
ATOM   86   C CB  . GLU A 1 12  ? -6.277  -3.081  16.879  1.00 66.63 ? 12  GLU A CB  1 
ATOM   87   C CG  . GLU A 1 12  ? -5.465  -3.898  17.878  1.00 73.72 ? 12  GLU A CG  1 
ATOM   88   C CD  . GLU A 1 12  ? -6.261  -4.537  19.005  1.00 77.32 ? 12  GLU A CD  1 
ATOM   89   O OE1 . GLU A 1 12  ? -5.683  -5.376  19.744  1.00 74.53 ? 12  GLU A OE1 1 
ATOM   90   O OE2 . GLU A 1 12  ? -7.454  -4.188  19.147  1.00 76.38 ? 12  GLU A OE2 1 
ATOM   91   N N   . GLU A 1 13  ? -6.045  -4.342  14.007  1.00 57.95 ? 13  GLU A N   1 
ATOM   92   C CA  . GLU A 1 13  ? -5.747  -5.530  13.163  1.00 56.82 ? 13  GLU A CA  1 
ATOM   93   C C   . GLU A 1 13  ? -4.576  -5.140  12.252  1.00 52.49 ? 13  GLU A C   1 
ATOM   94   O O   . GLU A 1 13  ? -3.659  -5.968  12.101  1.00 49.03 ? 13  GLU A O   1 
ATOM   95   C CB  . GLU A 1 13  ? -6.945  -6.086  12.387  1.00 57.78 ? 13  GLU A CB  1 
ATOM   96   C CG  . GLU A 1 13  ? -6.793  -7.591  12.149  1.00 66.03 ? 13  GLU A CG  1 
ATOM   97   C CD  . GLU A 1 13  ? -7.487  -8.219  10.942  1.00 70.99 ? 13  GLU A CD  1 
ATOM   98   O OE1 . GLU A 1 13  ? -8.558  -7.713  10.538  1.00 69.76 ? 13  GLU A OE1 1 
ATOM   99   O OE2 . GLU A 1 13  ? -6.948  -9.231  10.398  1.00 67.55 ? 13  GLU A OE2 1 
ATOM   100  N N   . ALA A 1 14  ? -4.556  -3.898  11.751  1.00 46.52 ? 14  ALA A N   1 
ATOM   101  C CA  . ALA A 1 14  ? -3.463  -3.385  10.894  1.00 45.31 ? 14  ALA A CA  1 
ATOM   102  C C   . ALA A 1 14  ? -2.117  -3.570  11.610  1.00 46.99 ? 14  ALA A C   1 
ATOM   103  O O   . ALA A 1 14  ? -1.239  -4.259  11.031  1.00 41.88 ? 14  ALA A O   1 
ATOM   104  C CB  . ALA A 1 14  ? -3.704  -1.951  10.495  1.00 46.43 ? 14  ALA A CB  1 
ATOM   105  N N   . GLU A 1 15  ? -1.948  -3.039  12.832  1.00 49.36 ? 15  GLU A N   1 
ATOM   106  C CA  . GLU A 1 15  ? -0.619  -3.050  13.514  1.00 52.55 ? 15  GLU A CA  1 
ATOM   107  C C   . GLU A 1 15  ? -0.173  -4.502  13.751  1.00 48.95 ? 15  GLU A C   1 
ATOM   108  O O   . GLU A 1 15  ? 1.048   -4.715  13.838  1.00 46.64 ? 15  GLU A O   1 
ATOM   109  C CB  . GLU A 1 15  ? -0.594  -2.197  14.788  1.00 57.83 ? 15  GLU A CB  1 
ATOM   110  C CG  . GLU A 1 15  ? -1.428  -2.754  15.929  1.00 65.07 ? 15  GLU A CG  1 
ATOM   111  C CD  . GLU A 1 15  ? -0.978  -2.377  17.331  1.00 66.79 ? 15  GLU A CD  1 
ATOM   112  O OE1 . GLU A 1 15  ? -0.100  -1.487  17.477  1.00 67.49 ? 15  GLU A OE1 1 
ATOM   113  O OE2 . GLU A 1 15  ? -1.519  -2.976  18.278  1.00 63.56 ? 15  GLU A OE2 1 
ATOM   114  N N   . ALA A 1 16  ? -1.104  -5.466  13.801  1.00 46.71 ? 16  ALA A N   1 
ATOM   115  C CA  . ALA A 1 16  ? -0.787  -6.915  13.771  1.00 45.52 ? 16  ALA A CA  1 
ATOM   116  C C   . ALA A 1 16  ? 0.218   -7.195  12.651  1.00 47.55 ? 16  ALA A C   1 
ATOM   117  O O   . ALA A 1 16  ? 1.273   -7.789  12.951  1.00 49.84 ? 16  ALA A O   1 
ATOM   118  C CB  . ALA A 1 16  ? -2.023  -7.759  13.582  1.00 48.08 ? 16  ALA A CB  1 
ATOM   119  N N   . TYR A 1 17  ? -0.098  -6.792  11.411  1.00 44.66 ? 17  TYR A N   1 
ATOM   120  C CA  . TYR A 1 17  ? 0.684   -7.130  10.188  1.00 39.87 ? 17  TYR A CA  1 
ATOM   121  C C   . TYR A 1 17  ? 1.878   -6.181  10.046  1.00 37.51 ? 17  TYR A C   1 
ATOM   122  O O   . TYR A 1 17  ? 2.810   -6.529  9.283   1.00 35.53 ? 17  TYR A O   1 
ATOM   123  C CB  . TYR A 1 17  ? -0.211  -7.106  8.946   1.00 40.84 ? 17  TYR A CB  1 
ATOM   124  C CG  . TYR A 1 17  ? -1.321  -8.124  8.991   1.00 40.41 ? 17  TYR A CG  1 
ATOM   125  C CD1 . TYR A 1 17  ? -1.129  -9.430  8.565   1.00 39.25 ? 17  TYR A CD1 1 
ATOM   126  C CD2 . TYR A 1 17  ? -2.555  -7.788  9.524   1.00 41.38 ? 17  TYR A CD2 1 
ATOM   127  C CE1 . TYR A 1 17  ? -2.144  -10.371 8.643   1.00 39.84 ? 17  TYR A CE1 1 
ATOM   128  C CE2 . TYR A 1 17  ? -3.580  -8.712  9.611   1.00 40.47 ? 17  TYR A CE2 1 
ATOM   129  C CZ  . TYR A 1 17  ? -3.375  -10.007 9.165   1.00 44.24 ? 17  TYR A CZ  1 
ATOM   130  O OH  . TYR A 1 17  ? -4.400  -10.904 9.272   1.00 47.99 ? 17  TYR A OH  1 
ATOM   131  N N   . TYR A 1 18  ? 1.845   -5.030  10.737  1.00 36.29 ? 18  TYR A N   1 
ATOM   132  C CA  . TYR A 1 18  ? 2.853   -3.937  10.624  1.00 38.67 ? 18  TYR A CA  1 
ATOM   133  C C   . TYR A 1 18  ? 3.452   -3.633  11.999  1.00 41.84 ? 18  TYR A C   1 
ATOM   134  O O   . TYR A 1 18  ? 3.268   -2.547  12.548  1.00 38.09 ? 18  TYR A O   1 
ATOM   135  C CB  . TYR A 1 18  ? 2.237   -2.678  10.005  1.00 37.73 ? 18  TYR A CB  1 
ATOM   136  C CG  . TYR A 1 18  ? 1.723   -2.819  8.594   1.00 34.65 ? 18  TYR A CG  1 
ATOM   137  C CD1 . TYR A 1 18  ? 2.565   -2.675  7.502   1.00 35.26 ? 18  TYR A CD1 1 
ATOM   138  C CD2 . TYR A 1 18  ? 0.386   -3.063  8.344   1.00 33.05 ? 18  TYR A CD2 1 
ATOM   139  C CE1 . TYR A 1 18  ? 2.095   -2.766  6.203   1.00 31.70 ? 18  TYR A CE1 1 
ATOM   140  C CE2 . TYR A 1 18  ? -0.102  -3.157  7.054   1.00 33.09 ? 18  TYR A CE2 1 
ATOM   141  C CZ  . TYR A 1 18  ? 0.754   -3.008  5.979   1.00 30.81 ? 18  TYR A CZ  1 
ATOM   142  O OH  . TYR A 1 18  ? 0.279   -3.101  4.708   1.00 28.91 ? 18  TYR A OH  1 
ATOM   143  N N   . PRO A 1 19  ? 4.228   -4.575  12.585  1.00 45.38 ? 19  PRO A N   1 
ATOM   144  C CA  . PRO A 1 19  ? 4.911   -4.316  13.848  1.00 45.15 ? 19  PRO A CA  1 
ATOM   145  C C   . PRO A 1 19  ? 5.923   -3.206  13.602  1.00 43.12 ? 19  PRO A C   1 
ATOM   146  O O   . PRO A 1 19  ? 6.502   -3.156  12.519  1.00 39.70 ? 19  PRO A O   1 
ATOM   147  C CB  . PRO A 1 19  ? 5.593   -5.655  14.177  1.00 46.38 ? 19  PRO A CB  1 
ATOM   148  C CG  . PRO A 1 19  ? 5.792   -6.300  12.816  1.00 45.09 ? 19  PRO A CG  1 
ATOM   149  C CD  . PRO A 1 19  ? 4.565   -5.897  12.025  1.00 45.32 ? 19  PRO A CD  1 
ATOM   150  N N   . PRO A 1 20  ? 6.137   -2.272  14.558  1.00 41.88 ? 20  PRO A N   1 
ATOM   151  C CA  . PRO A 1 20  ? 7.174   -1.257  14.418  1.00 44.32 ? 20  PRO A CA  1 
ATOM   152  C C   . PRO A 1 20  ? 8.545   -1.880  14.116  1.00 47.33 ? 20  PRO A C   1 
ATOM   153  O O   . PRO A 1 20  ? 8.986   -2.747  14.848  1.00 50.48 ? 20  PRO A O   1 
ATOM   154  C CB  . PRO A 1 20  ? 7.175   -0.498  15.756  1.00 44.58 ? 20  PRO A CB  1 
ATOM   155  C CG  . PRO A 1 20  ? 6.311   -1.328  16.683  1.00 44.85 ? 20  PRO A CG  1 
ATOM   156  C CD  . PRO A 1 20  ? 5.363   -2.104  15.794  1.00 44.18 ? 20  PRO A CD  1 
ATOM   157  N N   . SER A 1 21  ? 9.162   -1.431  13.023  1.00 49.16 ? 21  SER A N   1 
ATOM   158  C CA  . SER A 1 21  ? 10.512  -1.825  12.548  1.00 49.77 ? 21  SER A CA  1 
ATOM   159  C C   . SER A 1 21  ? 11.119  -0.649  11.780  1.00 54.69 ? 21  SER A C   1 
ATOM   160  O O   . SER A 1 21  ? 10.391  0.338   11.514  1.00 58.18 ? 21  SER A O   1 
ATOM   161  C CB  . SER A 1 21  ? 10.486  -3.053  11.660  1.00 50.65 ? 21  SER A CB  1 
ATOM   162  O OG  . SER A 1 21  ? 9.325   -3.842  11.863  1.00 49.00 ? 21  SER A OG  1 
ATOM   163  N N   . VAL A 1 22  ? 12.408  -0.753  11.456  1.00 52.85 ? 22  VAL A N   1 
ATOM   164  C CA  . VAL A 1 22  ? 13.059  0.035   10.374  1.00 55.83 ? 22  VAL A CA  1 
ATOM   165  C C   . VAL A 1 22  ? 13.766  -0.985  9.479   1.00 58.56 ? 22  VAL A C   1 
ATOM   166  O O   . VAL A 1 22  ? 15.001  -1.114  9.541   1.00 58.68 ? 22  VAL A O   1 
ATOM   167  C CB  . VAL A 1 22  ? 13.954  1.171   10.911  1.00 55.52 ? 22  VAL A CB  1 
ATOM   168  C CG1 . VAL A 1 22  ? 14.525  2.021   9.779   1.00 58.96 ? 22  VAL A CG1 1 
ATOM   169  C CG2 . VAL A 1 22  ? 13.194  2.055   11.896  1.00 53.32 ? 22  VAL A CG2 1 
ATOM   170  N N   . ILE A 1 23  ? 12.933  -1.739  8.757   1.00 61.35 ? 23  ILE A N   1 
ATOM   171  C CA  . ILE A 1 23  ? 13.268  -2.638  7.618   1.00 62.50 ? 23  ILE A CA  1 
ATOM   172  C C   . ILE A 1 23  ? 14.201  -1.901  6.658   1.00 70.75 ? 23  ILE A C   1 
ATOM   173  O O   . ILE A 1 23  ? 13.853  -0.773  6.262   1.00 81.75 ? 23  ILE A O   1 
ATOM   174  C CB  . ILE A 1 23  ? 11.981  -3.055  6.882   1.00 62.60 ? 23  ILE A CB  1 
ATOM   175  C CG1 . ILE A 1 23  ? 11.082  -3.950  7.738   1.00 61.69 ? 23  ILE A CG1 1 
ATOM   176  C CG2 . ILE A 1 23  ? 12.309  -3.697  5.540   1.00 64.18 ? 23  ILE A CG2 1 
ATOM   177  C CD1 . ILE A 1 23  ? 9.638   -3.976  7.284   1.00 58.75 ? 23  ILE A CD1 1 
ATOM   178  N N   . THR A 1 24  ? 15.251  -2.571  6.179   1.00 71.67 ? 24  THR A N   1 
ATOM   179  C CA  . THR A 1 24  ? 16.101  -2.029  5.097   1.00 72.72 ? 24  THR A CA  1 
ATOM   180  C C   . THR A 1 24  ? 15.783  -2.816  3.826   1.00 72.09 ? 24  THR A C   1 
ATOM   181  O O   . THR A 1 24  ? 15.309  -3.924  3.934   1.00 77.18 ? 24  THR A O   1 
ATOM   182  C CB  . THR A 1 24  ? 17.588  -2.186  5.407   1.00 75.06 ? 24  THR A CB  1 
ATOM   183  O OG1 . THR A 1 24  ? 17.838  -3.586  5.297   1.00 73.86 ? 24  THR A OG1 1 
ATOM   184  C CG2 . THR A 1 24  ? 17.965  -1.632  6.764   1.00 72.25 ? 24  THR A CG2 1 
ATOM   185  N N   . ASN A 1 25  ? 16.140  -2.315  2.649   1.00 73.30 ? 25  ASN A N   1 
ATOM   186  C CA  . ASN A 1 25  ? 15.876  -3.066  1.393   1.00 72.36 ? 25  ASN A CA  1 
ATOM   187  C C   . ASN A 1 25  ? 17.222  -3.359  0.733   1.00 78.41 ? 25  ASN A C   1 
ATOM   188  O O   . ASN A 1 25  ? 17.596  -2.634  -0.186  1.00 83.76 ? 25  ASN A O   1 
ATOM   189  C CB  . ASN A 1 25  ? 14.947  -2.301  0.452   1.00 67.29 ? 25  ASN A CB  1 
ATOM   190  C CG  . ASN A 1 25  ? 14.785  -2.929  -0.912  1.00 64.18 ? 25  ASN A CG  1 
ATOM   191  O OD1 . ASN A 1 25  ? 15.143  -2.343  -1.913  1.00 65.49 ? 25  ASN A OD1 1 
ATOM   192  N ND2 . ASN A 1 25  ? 14.220  -4.114  -0.971  1.00 58.32 ? 25  ASN A ND2 1 
ATOM   193  N N   . LYS A 1 26  ? 17.918  -4.415  1.164   1.00 79.40 ? 26  LYS A N   1 
ATOM   194  C CA  . LYS A 1 26  ? 19.253  -4.729  0.587   1.00 73.97 ? 26  LYS A CA  1 
ATOM   195  C C   . LYS A 1 26  ? 19.098  -5.615  -0.641  1.00 65.37 ? 26  LYS A C   1 
ATOM   196  O O   . LYS A 1 26  ? 20.107  -5.888  -1.260  1.00 71.76 ? 26  LYS A O   1 
ATOM   197  C CB  . LYS A 1 26  ? 20.221  -5.333  1.603   1.00 30.00 ? 26  LYS A CB  1 
ATOM   198  C CG  . LYS A 1 26  ? 21.524  -4.571  1.822   1.00 30.00 ? 26  LYS A CG  1 
ATOM   199  C CD  . LYS A 1 26  ? 22.309  -4.205  0.573   1.00 30.00 ? 26  LYS A CD  1 
ATOM   200  C CE  . LYS A 1 26  ? 22.292  -2.718  0.260   1.00 30.00 ? 26  LYS A CE  1 
ATOM   201  N NZ  . LYS A 1 26  ? 23.320  -1.963  1.017   1.00 30.00 ? 26  LYS A NZ  1 
ATOM   202  N N   . ARG A 1 27  ? 17.881  -5.996  -1.005  1.00 62.41 ? 27  ARG A N   1 
ATOM   203  C CA  . ARG A 1 27  ? 17.720  -6.802  -2.232  1.00 59.98 ? 27  ARG A CA  1 
ATOM   204  C C   . ARG A 1 27  ? 17.652  -5.884  -3.455  1.00 57.76 ? 27  ARG A C   1 
ATOM   205  O O   . ARG A 1 27  ? 17.856  -6.393  -4.542  1.00 47.47 ? 27  ARG A O   1 
ATOM   206  C CB  . ARG A 1 27  ? 16.490  -7.705  -2.131  1.00 65.94 ? 27  ARG A CB  1 
ATOM   207  C CG  . ARG A 1 27  ? 16.245  -8.310  -0.760  1.00 71.93 ? 27  ARG A CG  1 
ATOM   208  C CD  . ARG A 1 27  ? 15.242  -9.447  -0.900  1.00 75.51 ? 27  ARG A CD  1 
ATOM   209  N NE  . ARG A 1 27  ? 15.416  -10.151 -2.160  1.00 78.11 ? 27  ARG A NE  1 
ATOM   210  C CZ  . ARG A 1 27  ? 14.504  -10.258 -3.117  1.00 77.77 ? 27  ARG A CZ  1 
ATOM   211  N NH1 . ARG A 1 27  ? 13.295  -9.757  -2.963  1.00 82.81 ? 27  ARG A NH1 1 
ATOM   212  N NH2 . ARG A 1 27  ? 14.800  -10.897 -4.226  1.00 72.97 ? 27  ARG A NH2 1 
ATOM   213  N N   . LYS A 1 28  ? 17.416  -4.586  -3.235  1.00 61.50 ? 28  LYS A N   1 
ATOM   214  C CA  . LYS A 1 28  ? 17.279  -3.501  -4.255  1.00 59.51 ? 28  LYS A CA  1 
ATOM   215  C C   . LYS A 1 28  ? 15.938  -3.646  -4.980  1.00 52.53 ? 28  LYS A C   1 
ATOM   216  O O   . LYS A 1 28  ? 15.849  -3.343  -6.168  1.00 44.47 ? 28  LYS A O   1 
ATOM   217  C CB  . LYS A 1 28  ? 18.501  -3.331  -5.170  1.00 65.64 ? 28  LYS A CB  1 
ATOM   218  C CG  . LYS A 1 28  ? 19.634  -2.475  -4.622  1.00 71.11 ? 28  LYS A CG  1 
ATOM   219  C CD  . LYS A 1 28  ? 20.239  -1.510  -5.638  1.00 75.56 ? 28  LYS A CD  1 
ATOM   220  C CE  . LYS A 1 28  ? 19.922  -0.058  -5.339  1.00 77.33 ? 28  LYS A CE  1 
ATOM   221  N NZ  . LYS A 1 28  ? 20.282  0.865   -6.439  1.00 73.88 ? 28  LYS A NZ  1 
ATOM   222  N N   . ASP A 1 29  ? 14.946  -4.109  -4.239  1.00 51.13 ? 29  ASP A N   1 
ATOM   223  C CA  . ASP A 1 29  ? 13.542  -4.263  -4.718  1.00 52.52 ? 29  ASP A CA  1 
ATOM   224  C C   . ASP A 1 29  ? 12.904  -2.887  -4.932  1.00 43.86 ? 29  ASP A C   1 
ATOM   225  O O   . ASP A 1 29  ? 12.989  -2.041  -4.022  1.00 38.68 ? 29  ASP A O   1 
ATOM   226  C CB  . ASP A 1 29  ? 12.701  -5.075  -3.733  1.00 58.72 ? 29  ASP A CB  1 
ATOM   227  C CG  . ASP A 1 29  ? 12.955  -6.566  -3.837  1.00 63.33 ? 29  ASP A CG  1 
ATOM   228  O OD1 . ASP A 1 29  ? 13.194  -7.040  -4.977  1.00 64.06 ? 29  ASP A OD1 1 
ATOM   229  O OD2 . ASP A 1 29  ? 12.925  -7.234  -2.781  1.00 68.22 ? 29  ASP A OD2 1 
ATOM   230  N N   . LEU A 1 30  ? 12.265  -2.685  -6.083  1.00 39.09 ? 30  LEU A N   1 
ATOM   231  C CA  . LEU A 1 30  ? 11.570  -1.412  -6.399  1.00 40.81 ? 30  LEU A CA  1 
ATOM   232  C C   . LEU A 1 30  ? 10.359  -1.265  -5.471  1.00 37.99 ? 30  LEU A C   1 
ATOM   233  O O   . LEU A 1 30  ? 10.189  -0.177  -4.890  1.00 39.86 ? 30  LEU A O   1 
ATOM   234  C CB  . LEU A 1 30  ? 11.172  -1.389  -7.876  1.00 44.26 ? 30  LEU A CB  1 
ATOM   235  C CG  . LEU A 1 30  ? 12.351  -1.384  -8.855  1.00 54.01 ? 30  LEU A CG  1 
ATOM   236  C CD1 . LEU A 1 30  ? 12.547  -2.750  -9.515  1.00 56.94 ? 30  LEU A CD1 1 
ATOM   237  C CD2 . LEU A 1 30  ? 12.172  -0.308  -9.918  1.00 55.14 ? 30  LEU A CD2 1 
ATOM   238  N N   . GLY A 1 31  ? 9.612   -2.347  -5.264  1.00 31.07 ? 31  GLY A N   1 
ATOM   239  C CA  . GLY A 1 31  ? 8.247   -2.291  -4.720  1.00 29.47 ? 31  GLY A CA  1 
ATOM   240  C C   . GLY A 1 31  ? 8.170   -2.654  -3.252  1.00 26.82 ? 31  GLY A C   1 
ATOM   241  O O   . GLY A 1 31  ? 8.829   -3.612  -2.841  1.00 24.31 ? 31  GLY A O   1 
ATOM   242  N N   . VAL A 1 32  ? 7.337   -1.927  -2.508  1.00 23.65 ? 32  VAL A N   1 
ATOM   243  C CA  . VAL A 1 32  ? 7.006   -2.193  -1.087  1.00 22.42 ? 32  VAL A CA  1 
ATOM   244  C C   . VAL A 1 32  ? 5.626   -2.845  -1.021  1.00 21.73 ? 32  VAL A C   1 
ATOM   245  O O   . VAL A 1 32  ? 4.620   -2.153  -1.223  1.00 20.57 ? 32  VAL A O   1 
ATOM   246  C CB  . VAL A 1 32  ? 7.063   -0.895  -0.269  1.00 22.19 ? 32  VAL A CB  1 
ATOM   247  C CG1 . VAL A 1 32  ? 6.674   -1.148  1.170   1.00 22.14 ? 32  VAL A CG1 1 
ATOM   248  C CG2 . VAL A 1 32  ? 8.434   -0.239  -0.377  1.00 22.90 ? 32  VAL A CG2 1 
ATOM   249  N N   . ASP A 1 33  ? 5.610   -4.134  -0.707  1.00 21.91 ? 33  ASP A N   1 
ATOM   250  C CA  . ASP A 1 33  ? 4.399   -4.971  -0.588  1.00 22.33 ? 33  ASP A CA  1 
ATOM   251  C C   . ASP A 1 33  ? 3.584   -4.458  0.595   1.00 21.05 ? 33  ASP A C   1 
ATOM   252  O O   . ASP A 1 33  ? 4.183   -4.101  1.601   1.00 18.10 ? 33  ASP A O   1 
ATOM   253  C CB  . ASP A 1 33  ? 4.800   -6.438  -0.416  1.00 25.69 ? 33  ASP A CB  1 
ATOM   254  C CG  . ASP A 1 33  ? 5.584   -7.018  -1.589  1.00 29.11 ? 33  ASP A CG  1 
ATOM   255  O OD1 . ASP A 1 33  ? 5.724   -6.332  -2.651  1.00 32.32 ? 33  ASP A OD1 1 
ATOM   256  O OD2 . ASP A 1 33  ? 6.064   -8.156  -1.442  1.00 34.29 ? 33  ASP A OD2 1 
ATOM   257  N N   . VAL A 1 34  ? 2.263   -4.419  0.474   1.00 20.06 ? 34  VAL A N   1 
ATOM   258  C CA  . VAL A 1 34  ? 1.377   -3.998  1.587   1.00 23.06 ? 34  VAL A CA  1 
ATOM   259  C C   . VAL A 1 34  ? 0.187   -4.949  1.625   1.00 23.14 ? 34  VAL A C   1 
ATOM   260  O O   . VAL A 1 34  ? -0.278  -5.365  0.541   1.00 23.21 ? 34  VAL A O   1 
ATOM   261  C CB  . VAL A 1 34  ? 0.966   -2.512  1.503   1.00 23.15 ? 34  VAL A CB  1 
ATOM   262  C CG1 . VAL A 1 34  ? 2.171   -1.588  1.634   1.00 23.09 ? 34  VAL A CG1 1 
ATOM   263  C CG2 . VAL A 1 34  ? 0.170   -2.196  0.258   1.00 24.24 ? 34  VAL A CG2 1 
ATOM   264  N N   . TYR A 1 35  ? -0.215  -5.320  2.847   1.00 24.88 ? 35  TYR A N   1 
ATOM   265  C CA  . TYR A 1 35  ? -1.188  -6.402  3.147   1.00 27.03 ? 35  TYR A CA  1 
ATOM   266  C C   . TYR A 1 35  ? -2.600  -5.843  3.125   1.00 25.15 ? 35  TYR A C   1 
ATOM   267  O O   . TYR A 1 35  ? -2.746  -4.651  3.361   1.00 22.98 ? 35  TYR A O   1 
ATOM   268  C CB  . TYR A 1 35  ? -0.949  -6.963  4.544   1.00 31.82 ? 35  TYR A CB  1 
ATOM   269  C CG  . TYR A 1 35  ? 0.433   -7.500  4.785   1.00 36.36 ? 35  TYR A CG  1 
ATOM   270  C CD1 . TYR A 1 35  ? 0.733   -8.807  4.461   1.00 39.52 ? 35  TYR A CD1 1 
ATOM   271  C CD2 . TYR A 1 35  ? 1.420   -6.723  5.371   1.00 38.06 ? 35  TYR A CD2 1 
ATOM   272  C CE1 . TYR A 1 35  ? 2.001   -9.320  4.666   1.00 45.45 ? 35  TYR A CE1 1 
ATOM   273  C CE2 . TYR A 1 35  ? 2.691   -7.224  5.590   1.00 41.70 ? 35  TYR A CE2 1 
ATOM   274  C CZ  . TYR A 1 35  ? 2.981   -8.532  5.243   1.00 45.40 ? 35  TYR A CZ  1 
ATOM   275  O OH  . TYR A 1 35  ? 4.215   -9.071  5.459   1.00 48.06 ? 35  TYR A OH  1 
ATOM   276  N N   . CYS A 1 36  ? -3.597  -6.701  2.929   1.00 26.70 ? 36  CYS A N   1 
ATOM   277  C CA  . CYS A 1 36  ? -5.029  -6.316  2.918   1.00 29.63 ? 36  CYS A CA  1 
ATOM   278  C C   . CYS A 1 36  ? -5.506  -6.018  4.339   1.00 32.84 ? 36  CYS A C   1 
ATOM   279  O O   . CYS A 1 36  ? -6.396  -5.146  4.487   1.00 36.07 ? 36  CYS A O   1 
ATOM   280  C CB  . CYS A 1 36  ? -5.881  -7.405  2.287   1.00 30.96 ? 36  CYS A CB  1 
ATOM   281  S SG  . CYS A 1 36  ? -5.573  -7.507  0.507   1.00 32.43 ? 36  CYS A SG  1 
ATOM   282  N N   . CYS A 1 37  ? -4.957  -6.739  5.321   1.00 34.90 ? 37  CYS A N   1 
ATOM   283  C CA  . CYS A 1 37  ? -5.205  -6.556  6.776   1.00 36.69 ? 37  CYS A CA  1 
ATOM   284  C C   . CYS A 1 37  ? -6.606  -7.024  7.160   1.00 32.75 ? 37  CYS A C   1 
ATOM   285  O O   . CYS A 1 37  ? -6.916  -6.978  8.323   1.00 36.62 ? 37  CYS A O   1 
ATOM   286  C CB  . CYS A 1 37  ? -5.045  -5.101  7.200   1.00 36.04 ? 37  CYS A CB  1 
ATOM   287  S SG  . CYS A 1 37  ? -3.333  -4.538  7.105   1.00 40.41 ? 37  CYS A SG  1 
ATOM   288  N N   . SER A 1 38  ? -7.426  -7.479  6.228   1.00 37.21 ? 38  SER A N   1 
ATOM   289  C CA  . SER A 1 38  ? -8.822  -7.879  6.539   1.00 37.92 ? 38  SER A CA  1 
ATOM   290  C C   . SER A 1 38  ? -9.340  -8.835  5.465   1.00 34.55 ? 38  SER A C   1 
ATOM   291  O O   . SER A 1 38  ? -9.026  -8.638  4.279   1.00 37.73 ? 38  SER A O   1 
ATOM   292  C CB  . SER A 1 38  ? -9.690  -6.653  6.675   1.00 42.12 ? 38  SER A CB  1 
ATOM   293  O OG  . SER A 1 38  ? -10.885 -6.961  7.370   1.00 46.88 ? 38  SER A OG  1 
ATOM   294  N N   . ASP A 1 39  ? -10.083 -9.853  5.868   1.00 32.58 ? 39  ASP A N   1 
ATOM   295  C CA  . ASP A 1 39  ? -10.792 -10.743 4.922   1.00 36.02 ? 39  ASP A CA  1 
ATOM   296  C C   . ASP A 1 39  ? -11.844 -9.899  4.222   1.00 38.10 ? 39  ASP A C   1 
ATOM   297  O O   . ASP A 1 39  ? -12.695 -9.352  4.941   1.00 42.50 ? 39  ASP A O   1 
ATOM   298  C CB  . ASP A 1 39  ? -11.499 -11.903 5.622   1.00 36.38 ? 39  ASP A CB  1 
ATOM   299  C CG  . ASP A 1 39  ? -10.560 -12.949 6.192   1.00 40.38 ? 39  ASP A CG  1 
ATOM   300  O OD1 . ASP A 1 39  ? -9.324  -12.756 6.087   1.00 40.82 ? 39  ASP A OD1 1 
ATOM   301  O OD2 . ASP A 1 39  ? -11.076 -13.962 6.720   1.00 44.39 ? 39  ASP A OD2 1 
ATOM   302  N N   . LEU A 1 40  ? -11.807 -9.792  2.897   1.00 36.05 ? 40  LEU A N   1 
ATOM   303  C CA  . LEU A 1 40  ? -12.916 -9.126  2.189   1.00 37.71 ? 40  LEU A CA  1 
ATOM   304  C C   . LEU A 1 40  ? -13.381 -9.994  1.030   1.00 31.72 ? 40  LEU A C   1 
ATOM   305  O O   . LEU A 1 40  ? -12.641 -10.845 0.571   1.00 30.69 ? 40  LEU A O   1 
ATOM   306  C CB  . LEU A 1 40  ? -12.531 -7.710  1.742   1.00 43.93 ? 40  LEU A CB  1 
ATOM   307  C CG  . LEU A 1 40  ? -13.711 -6.752  1.491   1.00 52.74 ? 40  LEU A CG  1 
ATOM   308  C CD1 . LEU A 1 40  ? -14.890 -6.967  2.455   1.00 53.18 ? 40  LEU A CD1 1 
ATOM   309  C CD2 . LEU A 1 40  ? -13.263 -5.296  1.556   1.00 55.47 ? 40  LEU A CD2 1 
ATOM   310  N N   . VAL A 1 41  ? -14.629 -9.781  0.666   1.00 28.89 ? 41  VAL A N   1 
ATOM   311  C CA  . VAL A 1 41  ? -15.323 -10.380 -0.494  1.00 31.48 ? 41  VAL A CA  1 
ATOM   312  C C   . VAL A 1 41  ? -15.462 -9.275  -1.542  1.00 29.49 ? 41  VAL A C   1 
ATOM   313  O O   . VAL A 1 41  ? -16.023 -8.213  -1.207  1.00 29.89 ? 41  VAL A O   1 
ATOM   314  C CB  . VAL A 1 41  ? -16.684 -10.940 -0.051  1.00 30.83 ? 41  VAL A CB  1 
ATOM   315  C CG1 . VAL A 1 41  ? -17.540 -11.360 -1.235  1.00 32.03 ? 41  VAL A CG1 1 
ATOM   316  C CG2 . VAL A 1 41  ? -16.494 -12.082 0.929   1.00 30.67 ? 41  VAL A CG2 1 
ATOM   317  N N   . LEU A 1 42  ? -14.919 -9.512  -2.733  1.00 26.51 ? 42  LEU A N   1 
ATOM   318  C CA  . LEU A 1 42  ? -14.953 -8.563  -3.867  1.00 26.06 ? 42  LEU A CA  1 
ATOM   319  C C   . LEU A 1 42  ? -16.082 -8.987  -4.805  1.00 24.72 ? 42  LEU A C   1 
ATOM   320  O O   . LEU A 1 42  ? -15.985 -10.078 -5.394  1.00 23.40 ? 42  LEU A O   1 
ATOM   321  C CB  . LEU A 1 42  ? -13.587 -8.582  -4.561  1.00 25.27 ? 42  LEU A CB  1 
ATOM   322  C CG  . LEU A 1 42  ? -12.404 -8.276  -3.649  1.00 26.18 ? 42  LEU A CG  1 
ATOM   323  C CD1 . LEU A 1 42  ? -11.110 -8.196  -4.441  1.00 26.65 ? 42  LEU A CD1 1 
ATOM   324  C CD2 . LEU A 1 42  ? -12.623 -6.991  -2.866  1.00 26.23 ? 42  LEU A CD2 1 
ATOM   325  N N   . GLN A 1 43  ? -17.107 -8.152  -4.940  1.00 25.82 ? 43  GLN A N   1 
ATOM   326  C CA  . GLN A 1 43  ? -18.257 -8.420  -5.843  1.00 28.60 ? 43  GLN A CA  1 
ATOM   327  C C   . GLN A 1 43  ? -17.817 -8.121  -7.269  1.00 30.99 ? 43  GLN A C   1 
ATOM   328  O O   . GLN A 1 43  ? -16.969 -7.244  -7.479  1.00 32.29 ? 43  GLN A O   1 
ATOM   329  C CB  . GLN A 1 43  ? -19.471 -7.542  -5.522  1.00 30.43 ? 43  GLN A CB  1 
ATOM   330  C CG  . GLN A 1 43  ? -19.865 -7.514  -4.046  1.00 31.07 ? 43  GLN A CG  1 
ATOM   331  C CD  . GLN A 1 43  ? -20.336 -8.850  -3.531  1.00 31.16 ? 43  GLN A CD  1 
ATOM   332  O OE1 . GLN A 1 43  ? -21.000 -9.607  -4.242  1.00 33.17 ? 43  GLN A OE1 1 
ATOM   333  N NE2 . GLN A 1 43  ? -19.983 -9.146  -2.289  1.00 29.04 ? 43  GLN A NE2 1 
ATOM   334  N N   . PRO A 1 44  ? -18.441 -8.786  -8.270  1.00 30.55 ? 44  PRO A N   1 
ATOM   335  C CA  . PRO A 1 44  ? -18.319 -8.374  -9.659  1.00 28.46 ? 44  PRO A CA  1 
ATOM   336  C C   . PRO A 1 44  ? -18.400 -6.848  -9.694  1.00 27.02 ? 44  PRO A C   1 
ATOM   337  O O   . PRO A 1 44  ? -19.065 -6.277  -8.832  1.00 26.61 ? 44  PRO A O   1 
ATOM   338  C CB  . PRO A 1 44  ? -19.540 -9.021  -10.319 1.00 30.30 ? 44  PRO A CB  1 
ATOM   339  C CG  . PRO A 1 44  ? -19.721 -10.293 -9.533  1.00 28.32 ? 44  PRO A CG  1 
ATOM   340  C CD  . PRO A 1 44  ? -19.379 -9.911  -8.115  1.00 30.03 ? 44  PRO A CD  1 
ATOM   341  N N   . GLY A 1 45  ? -17.661 -6.238  -10.618 1.00 23.74 ? 45  GLY A N   1 
ATOM   342  C CA  . GLY A 1 45  ? -17.548 -4.780  -10.718 1.00 20.08 ? 45  GLY A CA  1 
ATOM   343  C C   . GLY A 1 45  ? -16.577 -4.224  -9.703  1.00 18.41 ? 45  GLY A C   1 
ATOM   344  O O   . GLY A 1 45  ? -15.686 -4.963  -9.244  1.00 17.87 ? 45  GLY A O   1 
ATOM   345  N N   . LEU A 1 46  ? -16.724 -2.931  -9.418  1.00 18.30 ? 46  LEU A N   1 
ATOM   346  C CA  . LEU A 1 46  ? -15.741 -2.109  -8.672  1.00 17.45 ? 46  LEU A CA  1 
ATOM   347  C C   . LEU A 1 46  ? -15.910 -2.363  -7.182  1.00 17.37 ? 46  LEU A C   1 
ATOM   348  O O   . LEU A 1 46  ? -17.062 -2.458  -6.748  1.00 21.06 ? 46  LEU A O   1 
ATOM   349  C CB  . LEU A 1 46  ? -16.003 -0.637  -8.975  1.00 16.97 ? 46  LEU A CB  1 
ATOM   350  C CG  . LEU A 1 46  ? -15.043 0.322   -8.299  1.00 16.20 ? 46  LEU A CG  1 
ATOM   351  C CD1 . LEU A 1 46  ? -13.643 0.099   -8.844  1.00 16.20 ? 46  LEU A CD1 1 
ATOM   352  C CD2 . LEU A 1 46  ? -15.494 1.768   -8.473  1.00 16.61 ? 46  LEU A CD2 1 
ATOM   353  N N   . ASN A 1 47  ? -14.806 -2.399  -6.448  1.00 15.89 ? 47  ASN A N   1 
ATOM   354  C CA  . ASN A 1 47  ? -14.750 -2.592  -4.988  1.00 15.09 ? 47  ASN A CA  1 
ATOM   355  C C   . ASN A 1 47  ? -13.774 -1.569  -4.415  1.00 17.25 ? 47  ASN A C   1 
ATOM   356  O O   . ASN A 1 47  ? -12.736 -1.297  -5.071  1.00 18.06 ? 47  ASN A O   1 
ATOM   357  C CB  . ASN A 1 47  ? -14.294 -3.995  -4.635  1.00 14.48 ? 47  ASN A CB  1 
ATOM   358  C CG  . ASN A 1 47  ? -15.226 -5.056  -5.152  1.00 15.52 ? 47  ASN A CG  1 
ATOM   359  O OD1 . ASN A 1 47  ? -16.084 -5.527  -4.405  1.00 16.03 ? 47  ASN A OD1 1 
ATOM   360  N ND2 . ASN A 1 47  ? -15.097 -5.407  -6.429  1.00 15.72 ? 47  ASN A ND2 1 
ATOM   361  N N   . ILE A 1 48  ? -14.070 -1.006  -3.249  1.00 17.84 ? 48  ILE A N   1 
ATOM   362  C CA  . ILE A 1 48  ? -13.130 -0.077  -2.577  1.00 21.95 ? 48  ILE A CA  1 
ATOM   363  C C   . ILE A 1 48  ? -12.528 -0.876  -1.436  1.00 22.34 ? 48  ILE A C   1 
ATOM   364  O O   . ILE A 1 48  ? -13.287 -1.517  -0.719  1.00 22.13 ? 48  ILE A O   1 
ATOM   365  C CB  . ILE A 1 48  ? -13.768 1.243   -2.095  1.00 24.43 ? 48  ILE A CB  1 
ATOM   366  C CG1 . ILE A 1 48  ? -14.538 1.952   -3.209  1.00 25.69 ? 48  ILE A CG1 1 
ATOM   367  C CG2 . ILE A 1 48  ? -12.691 2.146   -1.515  1.00 23.77 ? 48  ILE A CG2 1 
ATOM   368  C CD1 . ILE A 1 48  ? -13.657 2.709   -4.162  1.00 26.41 ? 48  ILE A CD1 1 
ATOM   369  N N   . VAL A 1 49  ? -11.201 -0.934  -1.389  1.00 22.02 ? 49  VAL A N   1 
ATOM   370  C CA  . VAL A 1 49  ? -10.461 -1.781  -0.425  1.00 22.08 ? 49  VAL A CA  1 
ATOM   371  C C   . VAL A 1 49  ? -9.549  -0.859  0.365   1.00 23.77 ? 49  VAL A C   1 
ATOM   372  O O   . VAL A 1 49  ? -8.514  -0.420  -0.187  1.00 24.51 ? 49  VAL A O   1 
ATOM   373  C CB  . VAL A 1 49  ? -9.711  -2.914  -1.138  1.00 21.95 ? 49  VAL A CB  1 
ATOM   374  C CG1 . VAL A 1 49  ? -8.722  -3.612  -0.227  1.00 22.40 ? 49  VAL A CG1 1 
ATOM   375  C CG2 . VAL A 1 49  ? -10.697 -3.915  -1.711  1.00 22.88 ? 49  VAL A CG2 1 
ATOM   376  N N   . ARG A 1 50  ? -9.972  -0.567  1.592   1.00 24.24 ? 50  ARG A N   1 
ATOM   377  C CA  . ARG A 1 50  ? -9.210  0.189   2.614   1.00 25.63 ? 50  ARG A CA  1 
ATOM   378  C C   . ARG A 1 50  ? -8.004  -0.656  2.992   1.00 23.87 ? 50  ARG A C   1 
ATOM   379  O O   . ARG A 1 50  ? -8.172  -1.863  3.092   1.00 22.19 ? 50  ARG A O   1 
ATOM   380  C CB  . ARG A 1 50  ? -10.109 0.488   3.818   1.00 31.00 ? 50  ARG A CB  1 
ATOM   381  C CG  . ARG A 1 50  ? -11.402 1.220   3.466   1.00 35.90 ? 50  ARG A CG  1 
ATOM   382  C CD  . ARG A 1 50  ? -12.267 1.554   4.672   1.00 42.65 ? 50  ARG A CD  1 
ATOM   383  N NE  . ARG A 1 50  ? -11.445 1.870   5.837   1.00 47.56 ? 50  ARG A NE  1 
ATOM   384  C CZ  . ARG A 1 50  ? -11.516 2.985   6.558   1.00 48.91 ? 50  ARG A CZ  1 
ATOM   385  N NH1 . ARG A 1 50  ? -12.400 3.924   6.266   1.00 51.53 ? 50  ARG A NH1 1 
ATOM   386  N NH2 . ARG A 1 50  ? -10.696 3.148   7.584   1.00 47.61 ? 50  ARG A NH2 1 
ATOM   387  N N   . LEU A 1 51  ? -6.830  -0.032  3.135   1.00 23.81 ? 51  LEU A N   1 
ATOM   388  C CA  . LEU A 1 51  ? -5.554  -0.731  3.416   1.00 24.10 ? 51  LEU A CA  1 
ATOM   389  C C   . LEU A 1 51  ? -5.127  -0.482  4.867   1.00 23.83 ? 51  LEU A C   1 
ATOM   390  O O   . LEU A 1 51  ? -4.114  -1.066  5.258   1.00 26.47 ? 51  LEU A O   1 
ATOM   391  C CB  . LEU A 1 51  ? -4.468  -0.243  2.451   1.00 23.49 ? 51  LEU A CB  1 
ATOM   392  C CG  . LEU A 1 51  ? -4.479  -0.824  1.045   1.00 23.75 ? 51  LEU A CG  1 
ATOM   393  C CD1 . LEU A 1 51  ? -3.189  -0.465  0.339   1.00 24.62 ? 51  LEU A CD1 1 
ATOM   394  C CD2 . LEU A 1 51  ? -4.658  -2.332  1.058   1.00 23.22 ? 51  LEU A CD2 1 
ATOM   395  N N   . HIS A 1 52  ? -5.825  0.396   5.591   1.00 25.35 ? 52  HIS A N   1 
ATOM   396  C CA  . HIS A 1 52  ? -5.664  0.662   7.051   1.00 25.69 ? 52  HIS A CA  1 
ATOM   397  C C   . HIS A 1 52  ? -4.245  1.151   7.378   1.00 25.54 ? 52  HIS A C   1 
ATOM   398  O O   . HIS A 1 52  ? -3.756  0.825   8.476   1.00 26.38 ? 52  HIS A O   1 
ATOM   399  C CB  . HIS A 1 52  ? -6.055  -0.576  7.866   1.00 26.20 ? 52  HIS A CB  1 
ATOM   400  C CG  . HIS A 1 52  ? -7.429  -1.064  7.570   1.00 28.94 ? 52  HIS A CG  1 
ATOM   401  N ND1 . HIS A 1 52  ? -7.665  -2.331  7.034   1.00 28.72 ? 52  HIS A ND1 1 
ATOM   402  C CD2 . HIS A 1 52  ? -8.638  -0.462  7.700   1.00 30.86 ? 52  HIS A CD2 1 
ATOM   403  C CE1 . HIS A 1 52  ? -8.961  -2.480  6.831   1.00 28.74 ? 52  HIS A CE1 1 
ATOM   404  N NE2 . HIS A 1 52  ? -9.586  -1.357  7.253   1.00 30.45 ? 52  HIS A NE2 1 
ATOM   405  N N   . ILE A 1 53  ? -3.618  1.920   6.480   1.00 22.76 ? 53  ILE A N   1 
ATOM   406  C CA  . ILE A 1 53  ? -2.264  2.501   6.674   1.00 20.91 ? 53  ILE A CA  1 
ATOM   407  C C   . ILE A 1 53  ? -2.267  3.922   6.142   1.00 20.58 ? 53  ILE A C   1 
ATOM   408  O O   . ILE A 1 53  ? -3.076  4.227   5.261   1.00 21.01 ? 53  ILE A O   1 
ATOM   409  C CB  . ILE A 1 53  ? -1.149  1.682   5.991   1.00 22.22 ? 53  ILE A CB  1 
ATOM   410  C CG1 . ILE A 1 53  ? -1.397  1.499   4.488   1.00 23.25 ? 53  ILE A CG1 1 
ATOM   411  C CG2 . ILE A 1 53  ? -0.962  0.356   6.699   1.00 23.33 ? 53  ILE A CG2 1 
ATOM   412  C CD1 . ILE A 1 53  ? -0.347  0.665   3.780   1.00 22.89 ? 53  ILE A CD1 1 
ATOM   413  N N   . LYS A 1 54  ? -1.366  4.738   6.693   1.00 20.60 ? 54  LYS A N   1 
ATOM   414  C CA  . LYS A 1 54  ? -0.921  6.028   6.136   1.00 21.07 ? 54  LYS A CA  1 
ATOM   415  C C   . LYS A 1 54  ? 0.486   5.792   5.606   1.00 18.20 ? 54  LYS A C   1 
ATOM   416  O O   . LYS A 1 54  ? 1.182   4.945   6.155   1.00 18.71 ? 54  LYS A O   1 
ATOM   417  C CB  . LYS A 1 54  ? -0.894  7.105   7.223   1.00 24.60 ? 54  LYS A CB  1 
ATOM   418  C CG  . LYS A 1 54  ? -2.226  7.707   7.629   1.00 27.57 ? 54  LYS A CG  1 
ATOM   419  C CD  . LYS A 1 54  ? -2.078  8.456   8.957   1.00 32.18 ? 54  LYS A CD  1 
ATOM   420  C CE  . LYS A 1 54  ? -3.136  9.503   9.239   1.00 34.72 ? 54  LYS A CE  1 
ATOM   421  N NZ  . LYS A 1 54  ? -2.723  10.407  10.347  1.00 35.75 ? 54  LYS A NZ  1 
ATOM   422  N N   . VAL A 1 55  ? 0.876   6.490   4.554   1.00 17.70 ? 55  VAL A N   1 
ATOM   423  C CA  . VAL A 1 55  ? 2.182   6.255   3.885   1.00 17.52 ? 55  VAL A CA  1 
ATOM   424  C C   . VAL A 1 55  ? 2.761   7.593   3.471   1.00 17.55 ? 55  VAL A C   1 
ATOM   425  O O   . VAL A 1 55  ? 2.038   8.407   2.922   1.00 16.99 ? 55  VAL A O   1 
ATOM   426  C CB  . VAL A 1 55  ? 2.073   5.301   2.683   1.00 16.66 ? 55  VAL A CB  1 
ATOM   427  C CG1 . VAL A 1 55  ? 3.416   5.108   1.994   1.00 16.28 ? 55  VAL A CG1 1 
ATOM   428  C CG2 . VAL A 1 55  ? 1.478   3.975   3.100   1.00 16.96 ? 55  VAL A CG2 1 
ATOM   429  N N   . ALA A 1 56  ? 4.043   7.775   3.733   1.00 18.50 ? 56  ALA A N   1 
ATOM   430  C CA  . ALA A 1 56  ? 4.807   8.911   3.201   1.00 21.92 ? 56  ALA A CA  1 
ATOM   431  C C   . ALA A 1 56  ? 6.054   8.351   2.518   1.00 22.88 ? 56  ALA A C   1 
ATOM   432  O O   . ALA A 1 56  ? 6.604   7.304   2.928   1.00 24.73 ? 56  ALA A O   1 
ATOM   433  C CB  . ALA A 1 56  ? 5.105   9.906   4.306   1.00 21.75 ? 56  ALA A CB  1 
ATOM   434  N N   . CYS A 1 57  ? 6.465   9.019   1.466   1.00 24.24 ? 57  CYS A N   1 
ATOM   435  C CA  . CYS A 1 57  ? 7.674   8.681   0.699   1.00 27.25 ? 57  CYS A CA  1 
ATOM   436  C C   . CYS A 1 57  ? 8.536   9.932   0.733   1.00 30.13 ? 57  CYS A C   1 
ATOM   437  O O   . CYS A 1 57  ? 7.938   11.062  0.691   1.00 29.54 ? 57  CYS A O   1 
ATOM   438  C CB  . CYS A 1 57  ? 7.318   8.259   -0.723  1.00 27.52 ? 57  CYS A CB  1 
ATOM   439  S SG  . CYS A 1 57  ? 8.747   7.660   -1.651  1.00 29.36 ? 57  CYS A SG  1 
ATOM   440  N N   . GLU A 1 58  ? 9.851   9.739   0.847   1.00 32.63 ? 58  GLU A N   1 
ATOM   441  C CA  . GLU A 1 58  ? 10.845  10.834  0.912   1.00 34.43 ? 58  GLU A CA  1 
ATOM   442  C C   . GLU A 1 58  ? 11.976  10.544  -0.063  1.00 30.23 ? 58  GLU A C   1 
ATOM   443  O O   . GLU A 1 58  ? 12.478  9.432   -0.080  1.00 30.03 ? 58  GLU A O   1 
ATOM   444  C CB  . GLU A 1 58  ? 11.406  10.965  2.324   1.00 42.38 ? 58  GLU A CB  1 
ATOM   445  C CG  . GLU A 1 58  ? 10.557  11.833  3.234   1.00 51.60 ? 58  GLU A CG  1 
ATOM   446  C CD  . GLU A 1 58  ? 11.391  12.693  4.174   1.00 61.28 ? 58  GLU A CD  1 
ATOM   447  O OE1 . GLU A 1 58  ? 10.889  13.764  4.626   1.00 67.27 ? 58  GLU A OE1 1 
ATOM   448  O OE2 . GLU A 1 58  ? 12.552  12.299  4.439   1.00 61.55 ? 58  GLU A OE2 1 
ATOM   449  N N   . HIS A 1 59  ? 12.337  11.536  -0.851  1.00 28.40 ? 59  HIS A N   1 
ATOM   450  C CA  . HIS A 1 59  ? 13.470  11.490  -1.793  1.00 29.62 ? 59  HIS A CA  1 
ATOM   451  C C   . HIS A 1 59  ? 14.300  12.749  -1.544  1.00 33.65 ? 59  HIS A C   1 
ATOM   452  O O   . HIS A 1 59  ? 13.713  13.861  -1.597  1.00 32.27 ? 59  HIS A O   1 
ATOM   453  C CB  . HIS A 1 59  ? 12.964  11.328  -3.229  1.00 27.93 ? 59  HIS A CB  1 
ATOM   454  C CG  . HIS A 1 59  ? 14.061  11.217  -4.233  1.00 28.21 ? 59  HIS A CG  1 
ATOM   455  N ND1 . HIS A 1 59  ? 14.954  10.164  -4.234  1.00 29.00 ? 59  HIS A ND1 1 
ATOM   456  C CD2 . HIS A 1 59  ? 14.427  12.023  -5.254  1.00 28.74 ? 59  HIS A CD2 1 
ATOM   457  C CE1 . HIS A 1 59  ? 15.831  10.328  -5.212  1.00 30.29 ? 59  HIS A CE1 1 
ATOM   458  N NE2 . HIS A 1 59  ? 15.535  11.466  -5.848  1.00 29.98 ? 59  HIS A NE2 1 
ATOM   459  N N   . MET A 1 60  ? 15.579  12.557  -1.186  1.00 40.67 ? 60  MET A N   1 
ATOM   460  C CA  . MET A 1 60  ? 16.594  13.639  -1.064  1.00 44.41 ? 60  MET A CA  1 
ATOM   461  C C   . MET A 1 60  ? 16.088  14.673  -0.043  1.00 42.57 ? 60  MET A C   1 
ATOM   462  O O   . MET A 1 60  ? 16.209  15.874  -0.300  1.00 44.85 ? 60  MET A O   1 
ATOM   463  C CB  . MET A 1 60  ? 16.842  14.275  -2.443  1.00 47.31 ? 60  MET A CB  1 
ATOM   464  C CG  . MET A 1 60  ? 18.146  13.840  -3.144  1.00 54.11 ? 60  MET A CG  1 
ATOM   465  S SD  . MET A 1 60  ? 18.497  12.048  -3.258  1.00 71.07 ? 60  MET A SD  1 
ATOM   466  C CE  . MET A 1 60  ? 20.116  12.060  -4.031  1.00 63.79 ? 60  MET A CE  1 
ATOM   467  N N   . GLY A 1 61  ? 15.473  14.213  1.049   1.00 44.58 ? 61  GLY A N   1 
ATOM   468  C CA  . GLY A 1 61  ? 15.005  15.059  2.165   1.00 45.10 ? 61  GLY A CA  1 
ATOM   469  C C   . GLY A 1 61  ? 13.576  15.548  1.995   1.00 47.15 ? 61  GLY A C   1 
ATOM   470  O O   . GLY A 1 61  ? 12.903  15.740  3.016   1.00 47.50 ? 61  GLY A O   1 
ATOM   471  N N   . LYS A 1 62  ? 13.094  15.694  0.771   1.00 51.48 ? 62  LYS A N   1 
ATOM   472  C CA  . LYS A 1 62  ? 11.719  16.224  0.609   1.00 49.95 ? 62  LYS A CA  1 
ATOM   473  C C   . LYS A 1 62  ? 10.655  15.126  0.558   1.00 44.51 ? 62  LYS A C   1 
ATOM   474  O O   . LYS A 1 62  ? 10.935  14.018  0.147   1.00 40.51 ? 62  LYS A O   1 
ATOM   475  C CB  . LYS A 1 62  ? 11.627  17.074  -0.655  1.00 56.76 ? 62  LYS A CB  1 
ATOM   476  C CG  . LYS A 1 62  ? 12.626  18.213  -0.765  1.00 63.03 ? 62  LYS A CG  1 
ATOM   477  C CD  . LYS A 1 62  ? 13.586  18.030  -1.921  1.00 68.37 ? 62  LYS A CD  1 
ATOM   478  C CE  . LYS A 1 62  ? 13.825  19.295  -2.707  1.00 73.88 ? 62  LYS A CE  1 
ATOM   479  N NZ  . LYS A 1 62  ? 13.320  19.173  -4.095  1.00 76.04 ? 62  LYS A NZ  1 
ATOM   480  N N   . LYS A 1 63  ? 9.443   15.494  0.954   1.00 39.97 ? 63  LYS A N   1 
ATOM   481  C CA  . LYS A 1 63  ? 8.280   14.610  0.829   1.00 37.47 ? 63  LYS A CA  1 
ATOM   482  C C   . LYS A 1 63  ? 8.062   14.418  -0.665  1.00 35.25 ? 63  LYS A C   1 
ATOM   483  O O   . LYS A 1 63  ? 8.163   15.356  -1.438  1.00 36.35 ? 63  LYS A O   1 
ATOM   484  C CB  . LYS A 1 63  ? 7.091   15.081  1.662   1.00 41.24 ? 63  LYS A CB  1 
ATOM   485  C CG  . LYS A 1 63  ? 5.762   14.432  1.332   1.00 45.27 ? 63  LYS A CG  1 
ATOM   486  C CD  . LYS A 1 63  ? 5.108   13.799  2.513   1.00 45.50 ? 63  LYS A CD  1 
ATOM   487  C CE  . LYS A 1 63  ? 3.662   14.196  2.597   1.00 46.47 ? 63  LYS A CE  1 
ATOM   488  N NZ  . LYS A 1 63  ? 2.865   13.213  3.345   1.00 47.41 ? 63  LYS A NZ  1 
ATOM   489  N N   . CYS A 1 64  ? 7.789   13.189  -1.063  1.00 36.22 ? 64  CYS A N   1 
ATOM   490  C CA  . CYS A 1 64  ? 7.575   12.963  -2.504  1.00 30.48 ? 64  CYS A CA  1 
ATOM   491  C C   . CYS A 1 64  ? 6.331   12.131  -2.758  1.00 25.30 ? 64  CYS A C   1 
ATOM   492  O O   . CYS A 1 64  ? 5.717   11.668  -1.852  1.00 21.92 ? 64  CYS A O   1 
ATOM   493  C CB  . CYS A 1 64  ? 8.817   12.417  -3.194  1.00 34.70 ? 64  CYS A CB  1 
ATOM   494  S SG  . CYS A 1 64  ? 9.222   10.705  -2.819  1.00 38.00 ? 64  CYS A SG  1 
ATOM   495  N N   . GLY A 1 65  ? 6.025   12.013  -4.027  1.00 23.25 ? 65  GLY A N   1 
ATOM   496  C CA  . GLY A 1 65  ? 4.916   11.182  -4.513  1.00 20.81 ? 65  GLY A CA  1 
ATOM   497  C C   . GLY A 1 65  ? 5.162   9.660   -4.556  1.00 19.32 ? 65  GLY A C   1 
ATOM   498  O O   . GLY A 1 65  ? 6.319   9.339   -4.522  1.00 17.63 ? 65  GLY A O   1 
ATOM   499  N N   . PHE A 1 66  ? 4.174   8.776   -4.616  1.00 16.07 ? 66  PHE A N   1 
ATOM   500  C CA  . PHE A 1 66  ? 4.451   7.353   -4.973  1.00 15.25 ? 66  PHE A CA  1 
ATOM   501  C C   . PHE A 1 66  ? 3.307   6.805   -5.828  1.00 14.21 ? 66  PHE A C   1 
ATOM   502  O O   . PHE A 1 66  ? 2.298   7.498   -6.065  1.00 14.69 ? 66  PHE A O   1 
ATOM   503  C CB  . PHE A 1 66  ? 4.762   6.507   -3.731  1.00 13.20 ? 66  PHE A CB  1 
ATOM   504  C CG  . PHE A 1 66  ? 3.633   6.518   -2.742  1.00 12.30 ? 66  PHE A CG  1 
ATOM   505  C CD1 . PHE A 1 66  ? 3.488   7.588   -1.884  1.00 11.40 ? 66  PHE A CD1 1 
ATOM   506  C CD2 . PHE A 1 66  ? 2.672   5.520   -2.749  1.00 11.73 ? 66  PHE A CD2 1 
ATOM   507  C CE1 . PHE A 1 66  ? 2.417   7.647   -1.019  1.00 11.42 ? 66  PHE A CE1 1 
ATOM   508  C CE2 . PHE A 1 66  ? 1.607   5.574   -1.872  1.00 11.41 ? 66  PHE A CE2 1 
ATOM   509  C CZ  . PHE A 1 66  ? 1.479   6.645   -1.015  1.00 11.53 ? 66  PHE A CZ  1 
ATOM   510  N N   . LYS A 1 67  ? 3.514   5.597   -6.331  1.00 15.08 ? 67  LYS A N   1 
ATOM   511  C CA  . LYS A 1 67  ? 2.554   4.904   -7.229  1.00 15.66 ? 67  LYS A CA  1 
ATOM   512  C C   . LYS A 1 67  ? 2.129   3.580   -6.602  1.00 14.91 ? 67  LYS A C   1 
ATOM   513  O O   . LYS A 1 67  ? 2.954   2.918   -6.007  1.00 14.22 ? 67  LYS A O   1 
ATOM   514  C CB  . LYS A 1 67  ? 3.185   4.590   -8.573  1.00 16.05 ? 67  LYS A CB  1 
ATOM   515  C CG  . LYS A 1 67  ? 4.003   5.692   -9.219  1.00 18.30 ? 67  LYS A CG  1 
ATOM   516  C CD  . LYS A 1 67  ? 4.922   5.026   -10.207 1.00 20.67 ? 67  LYS A CD  1 
ATOM   517  C CE  . LYS A 1 67  ? 5.847   5.957   -10.933 1.00 22.57 ? 67  LYS A CE  1 
ATOM   518  N NZ  . LYS A 1 67  ? 6.923   5.183   -11.586 1.00 24.19 ? 67  LYS A NZ  1 
ATOM   519  N N   . ILE A 1 68  ? 0.881   3.198   -6.779  1.00 16.15 ? 68  ILE A N   1 
ATOM   520  C CA  . ILE A 1 68  ? 0.379   1.858   -6.372  1.00 17.34 ? 68  ILE A CA  1 
ATOM   521  C C   . ILE A 1 68  ? 0.251   1.009   -7.626  1.00 18.03 ? 68  ILE A C   1 
ATOM   522  O O   . ILE A 1 68  ? -0.420  1.471   -8.567  1.00 18.23 ? 68  ILE A O   1 
ATOM   523  C CB  . ILE A 1 68  ? -0.951  2.000   -5.633  1.00 18.12 ? 68  ILE A CB  1 
ATOM   524  C CG1 . ILE A 1 68  ? -0.824  3.090   -4.562  1.00 19.37 ? 68  ILE A CG1 1 
ATOM   525  C CG2 . ILE A 1 68  ? -1.382  0.646   -5.088  1.00 17.44 ? 68  ILE A CG2 1 
ATOM   526  C CD1 . ILE A 1 68  ? -2.034  3.231   -3.630  1.00 20.46 ? 68  ILE A CD1 1 
ATOM   527  N N   . MET A 1 69  ? 0.872   -0.173  -7.619  1.00 18.81 ? 69  MET A N   1 
ATOM   528  C CA  . MET A 1 69  ? 0.894   -1.111  -8.764  1.00 20.50 ? 69  MET A CA  1 
ATOM   529  C C   . MET A 1 69  ? 0.531   -2.506  -8.258  1.00 18.30 ? 69  MET A C   1 
ATOM   530  O O   . MET A 1 69  ? 0.918   -2.863  -7.128  1.00 15.15 ? 69  MET A O   1 
ATOM   531  C CB  . MET A 1 69  ? 2.280   -1.157  -9.409  1.00 25.30 ? 69  MET A CB  1 
ATOM   532  C CG  . MET A 1 69  ? 2.886   0.210   -9.652  1.00 29.56 ? 69  MET A CG  1 
ATOM   533  S SD  . MET A 1 69  ? 4.325   0.005   -10.688 1.00 39.01 ? 69  MET A SD  1 
ATOM   534  C CE  . MET A 1 69  ? 4.752   1.690   -11.135 1.00 38.62 ? 69  MET A CE  1 
ATOM   535  N N   . ALA A 1 70  ? -0.223  -3.253  -9.055  1.00 17.27 ? 70  ALA A N   1 
ATOM   536  C CA  . ALA A 1 70  ? -0.606  -4.643  -8.747  1.00 18.01 ? 70  ALA A CA  1 
ATOM   537  C C   . ALA A 1 70  ? 0.680   -5.456  -8.594  1.00 18.43 ? 70  ALA A C   1 
ATOM   538  O O   . ALA A 1 70  ? 1.714   -5.037  -9.131  1.00 18.16 ? 70  ALA A O   1 
ATOM   539  C CB  . ALA A 1 70  ? -1.495  -5.186  -9.829  1.00 19.14 ? 70  ALA A CB  1 
ATOM   540  N N   . ARG A 1 71  ? 0.636   -6.519  -7.800  1.00 19.67 ? 71  ARG A N   1 
ATOM   541  C CA  . ARG A 1 71  ? 1.653   -7.602  -7.847  1.00 21.20 ? 71  ARG A CA  1 
ATOM   542  C C   . ARG A 1 71  ? 1.184   -8.653  -8.847  1.00 21.89 ? 71  ARG A C   1 
ATOM   543  O O   . ARG A 1 71  ? -0.016  -8.711  -9.109  1.00 21.04 ? 71  ARG A O   1 
ATOM   544  C CB  . ARG A 1 71  ? 1.849   -8.167  -6.444  1.00 22.81 ? 71  ARG A CB  1 
ATOM   545  C CG  . ARG A 1 71  ? 2.396   -7.149  -5.462  1.00 24.49 ? 71  ARG A CG  1 
ATOM   546  C CD  . ARG A 1 71  ? 2.409   -7.686  -4.053  1.00 28.82 ? 71  ARG A CD  1 
ATOM   547  N NE  . ARG A 1 71  ? 3.545   -8.582  -3.900  1.00 33.30 ? 71  ARG A NE  1 
ATOM   548  C CZ  . ARG A 1 71  ? 3.475   -9.893  -3.697  1.00 33.41 ? 71  ARG A CZ  1 
ATOM   549  N NH1 . ARG A 1 71  ? 2.315   -10.517 -3.583  1.00 34.92 ? 71  ARG A NH1 1 
ATOM   550  N NH2 . ARG A 1 71  ? 4.594   -10.579 -3.602  1.00 35.36 ? 71  ARG A NH2 1 
ATOM   551  N N   . SER A 1 72  ? 2.095   -9.448  -9.406  1.00 27.33 ? 72  SER A N   1 
ATOM   552  C CA  . SER A 1 72  ? 1.757   -10.591 -10.298 1.00 28.80 ? 72  SER A CA  1 
ATOM   553  C C   . SER A 1 72  ? 0.668   -11.452 -9.665  1.00 30.17 ? 72  SER A C   1 
ATOM   554  O O   . SER A 1 72  ? -0.219  -11.907 -10.393 1.00 36.23 ? 72  SER A O   1 
ATOM   555  C CB  . SER A 1 72  ? 2.968   -11.396 -10.607 1.00 31.91 ? 72  SER A CB  1 
ATOM   556  O OG  . SER A 1 72  ? 3.610   -10.851 -11.748 1.00 37.61 ? 72  SER A OG  1 
ATOM   557  N N   . SER A 1 73  ? 0.743   -11.628 -8.346  1.00 32.66 ? 73  SER A N   1 
ATOM   558  C CA  . SER A 1 73  ? -0.165  -12.445 -7.498  1.00 32.10 ? 73  SER A CA  1 
ATOM   559  C C   . SER A 1 73  ? -1.611  -12.014 -7.666  1.00 26.86 ? 73  SER A C   1 
ATOM   560  O O   . SER A 1 73  ? -2.454  -12.793 -7.268  1.00 28.34 ? 73  SER A O   1 
ATOM   561  C CB  . SER A 1 73  ? 0.188   -12.337 -6.016  1.00 33.93 ? 73  SER A CB  1 
ATOM   562  O OG  . SER A 1 73  ? 1.593   -12.381 -5.813  1.00 40.41 ? 73  SER A OG  1 
ATOM   563  N N   . MET A 1 74  ? -1.879  -10.768 -8.049  1.00 24.32 ? 74  MET A N   1 
ATOM   564  C CA  . MET A 1 74  ? -3.213  -10.168 -7.784  1.00 23.60 ? 74  MET A CA  1 
ATOM   565  C C   . MET A 1 74  ? -4.220  -10.841 -8.698  1.00 20.99 ? 74  MET A C   1 
ATOM   566  O O   . MET A 1 74  ? -5.347  -11.090 -8.268  1.00 20.65 ? 74  MET A O   1 
ATOM   567  C CB  . MET A 1 74  ? -3.276  -8.658  -8.029  1.00 23.40 ? 74  MET A CB  1 
ATOM   568  C CG  . MET A 1 74  ? -4.613  -8.076  -7.598  1.00 25.47 ? 74  MET A CG  1 
ATOM   569  S SD  . MET A 1 74  ? -4.780  -6.319  -7.947  1.00 27.63 ? 74  MET A SD  1 
ATOM   570  C CE  . MET A 1 74  ? -4.723  -6.403  -9.736  1.00 32.16 ? 74  MET A CE  1 
ATOM   571  N N   . CYS A 1 75  ? -3.814  -11.080 -9.933  1.00 19.56 ? 75  CYS A N   1 
ATOM   572  C CA  . CYS A 1 75  ? -4.675  -11.661 -10.972 1.00 19.87 ? 75  CYS A CA  1 
ATOM   573  C C   . CYS A 1 75  ? -4.196  -13.087 -11.279 1.00 22.26 ? 75  CYS A C   1 
ATOM   574  O O   . CYS A 1 75  ? -3.025  -13.245 -11.719 1.00 20.99 ? 75  CYS A O   1 
ATOM   575  C CB  . CYS A 1 75  ? -4.638  -10.774 -12.195 1.00 20.55 ? 75  CYS A CB  1 
ATOM   576  S SG  . CYS A 1 75  ? -5.862  -11.267 -13.415 1.00 23.12 ? 75  CYS A SG  1 
ATOM   577  N N   . THR A 1 76  ? -5.037  -14.082 -10.962 1.00 22.41 ? 76  THR A N   1 
ATOM   578  C CA  . THR A 1 76  ? -4.844  -15.519 -11.283 1.00 22.68 ? 76  THR A CA  1 
ATOM   579  C C   . THR A 1 76  ? -6.052  -16.022 -12.085 1.00 23.86 ? 76  THR A C   1 
ATOM   580  O O   . THR A 1 76  ? -7.032  -15.255 -12.285 1.00 23.50 ? 76  THR A O   1 
ATOM   581  C CB  . THR A 1 76  ? -4.668  -16.369 -10.020 1.00 21.90 ? 76  THR A CB  1 
ATOM   582  O OG1 . THR A 1 76  ? -5.895  -16.289 -9.306  1.00 22.88 ? 76  THR A OG1 1 
ATOM   583  C CG2 . THR A 1 76  ? -3.528  -15.928 -9.130  1.00 23.26 ? 76  THR A CG2 1 
ATOM   584  N N   . HIS A 1 77  ? -6.013  -17.286 -12.497 1.00 25.08 ? 77  HIS A N   1 
ATOM   585  C CA  . HIS A 1 77  ? -7.196  -17.975 -13.078 1.00 27.71 ? 77  HIS A CA  1 
ATOM   586  C C   . HIS A 1 77  ? -8.281  -18.091 -11.991 1.00 28.87 ? 77  HIS A C   1 
ATOM   587  O O   . HIS A 1 77  ? -9.449  -18.133 -12.343 1.00 31.52 ? 77  HIS A O   1 
ATOM   588  C CB  . HIS A 1 77  ? -6.777  -19.301 -13.739 1.00 26.57 ? 77  HIS A CB  1 
ATOM   589  C CG  . HIS A 1 77  ? -5.847  -19.171 -14.906 1.00 23.68 ? 77  HIS A CG  1 
ATOM   590  N ND1 . HIS A 1 77  ? -4.465  -19.103 -14.750 1.00 25.84 ? 77  HIS A ND1 1 
ATOM   591  C CD2 . HIS A 1 77  ? -6.071  -19.125 -16.241 1.00 25.06 ? 77  HIS A CD2 1 
ATOM   592  C CE1 . HIS A 1 77  ? -3.876  -19.027 -15.936 1.00 24.47 ? 77  HIS A CE1 1 
ATOM   593  N NE2 . HIS A 1 77  ? -4.838  -19.042 -16.874 1.00 26.65 ? 77  HIS A NE2 1 
ATOM   594  N N   . GLU A 1 78  ? -7.926  -18.047 -10.706 1.00 33.31 ? 78  GLU A N   1 
ATOM   595  C CA  . GLU A 1 78  ? -8.901  -18.154 -9.583  1.00 37.09 ? 78  GLU A CA  1 
ATOM   596  C C   . GLU A 1 78  ? -9.662  -16.822 -9.367  1.00 35.54 ? 78  GLU A C   1 
ATOM   597  O O   . GLU A 1 78  ? -10.771 -16.844 -8.803  1.00 37.68 ? 78  GLU A O   1 
ATOM   598  C CB  . GLU A 1 78  ? -8.152  -18.637 -8.334  1.00 46.56 ? 78  GLU A CB  1 
ATOM   599  C CG  . GLU A 1 78  ? -7.414  -19.972 -8.521  1.00 56.55 ? 78  GLU A CG  1 
ATOM   600  C CD  . GLU A 1 78  ? -5.932  -19.935 -8.917  1.00 64.79 ? 78  GLU A CD  1 
ATOM   601  O OE1 . GLU A 1 78  ? -5.625  -19.926 -10.139 1.00 68.87 ? 78  GLU A OE1 1 
ATOM   602  O OE2 . GLU A 1 78  ? -5.066  -19.947 -8.006  1.00 62.32 ? 78  GLU A OE2 1 
ATOM   603  N N   . ARG A 1 79  ? -9.100  -15.679 -9.769  1.00 33.72 ? 79  ARG A N   1 
ATOM   604  C CA  . ARG A 1 79  ? -9.644  -14.318 -9.471  1.00 29.88 ? 79  ARG A CA  1 
ATOM   605  C C   . ARG A 1 79  ? -9.126  -13.347 -10.528 1.00 24.31 ? 79  ARG A C   1 
ATOM   606  O O   . ARG A 1 79  ? -7.904  -13.054 -10.489 1.00 20.33 ? 79  ARG A O   1 
ATOM   607  C CB  . ARG A 1 79  ? -9.157  -13.751 -8.132  1.00 34.10 ? 79  ARG A CB  1 
ATOM   608  C CG  . ARG A 1 79  ? -8.867  -14.775 -7.048  1.00 40.22 ? 79  ARG A CG  1 
ATOM   609  C CD  . ARG A 1 79  ? -8.278  -14.144 -5.799  1.00 41.23 ? 79  ARG A CD  1 
ATOM   610  N NE  . ARG A 1 79  ? -6.946  -13.588 -6.027  1.00 44.46 ? 79  ARG A NE  1 
ATOM   611  C CZ  . ARG A 1 79  ? -6.021  -13.415 -5.077  1.00 43.64 ? 79  ARG A CZ  1 
ATOM   612  N NH1 . ARG A 1 79  ? -6.271  -13.761 -3.825  1.00 41.59 ? 79  ARG A NH1 1 
ATOM   613  N NH2 . ARG A 1 79  ? -4.842  -12.897 -5.382  1.00 43.42 ? 79  ARG A NH2 1 
ATOM   614  N N   . LEU A 1 80  ? -10.004 -12.901 -11.428 1.00 21.03 ? 80  LEU A N   1 
ATOM   615  C CA  . LEU A 1 80  ? -9.706  -11.884 -12.463 1.00 20.14 ? 80  LEU A CA  1 
ATOM   616  C C   . LEU A 1 80  ? -9.812  -10.505 -11.823 1.00 19.00 ? 80  LEU A C   1 
ATOM   617  O O   . LEU A 1 80  ? -10.862 -9.825  -12.016 1.00 17.86 ? 80  LEU A O   1 
ATOM   618  C CB  . LEU A 1 80  ? -10.704 -12.011 -13.613 1.00 21.50 ? 80  LEU A CB  1 
ATOM   619  C CG  . LEU A 1 80  ? -10.342 -12.984 -14.724 1.00 21.91 ? 80  LEU A CG  1 
ATOM   620  C CD1 . LEU A 1 80  ? -11.324 -12.838 -15.870 1.00 23.01 ? 80  LEU A CD1 1 
ATOM   621  C CD2 . LEU A 1 80  ? -8.931  -12.752 -15.211 1.00 21.86 ? 80  LEU A CD2 1 
ATOM   622  N N   . LEU A 1 81  ? -8.799  -10.124 -11.045 1.00 18.13 ? 81  LEU A N   1 
ATOM   623  C CA  . LEU A 1 81  ? -8.756  -8.794  -10.382 1.00 17.56 ? 81  LEU A CA  1 
ATOM   624  C C   . LEU A 1 81  ? -7.767  -7.885  -11.126 1.00 16.23 ? 81  LEU A C   1 
ATOM   625  O O   . LEU A 1 81  ? -6.703  -8.370  -11.535 1.00 16.41 ? 81  LEU A O   1 
ATOM   626  C CB  . LEU A 1 81  ? -8.362  -8.972  -8.921  1.00 18.12 ? 81  LEU A CB  1 
ATOM   627  C CG  . LEU A 1 81  ? -9.235  -9.930  -8.128  1.00 18.12 ? 81  LEU A CG  1 
ATOM   628  C CD1 . LEU A 1 81  ? -8.728  -10.019 -6.701  1.00 17.75 ? 81  LEU A CD1 1 
ATOM   629  C CD2 . LEU A 1 81  ? -10.695 -9.490  -8.175  1.00 18.37 ? 81  LEU A CD2 1 
ATOM   630  N N   . ILE A 1 82  ? -8.163  -6.631  -11.352 1.00 14.90 ? 82  ILE A N   1 
ATOM   631  C CA  . ILE A 1 82  ? -7.294  -5.564  -11.911 1.00 13.98 ? 82  ILE A CA  1 
ATOM   632  C C   . ILE A 1 82  ? -7.429  -4.332  -11.018 1.00 13.33 ? 82  ILE A C   1 
ATOM   633  O O   . ILE A 1 82  ? -8.516  -4.120  -10.456 1.00 11.81 ? 82  ILE A O   1 
ATOM   634  C CB  . ILE A 1 82  ? -7.611  -5.275  -13.397 1.00 13.96 ? 82  ILE A CB  1 
ATOM   635  C CG1 . ILE A 1 82  ? -9.028  -4.755  -13.621 1.00 14.62 ? 82  ILE A CG1 1 
ATOM   636  C CG2 . ILE A 1 82  ? -7.340  -6.496  -14.271 1.00 14.18 ? 82  ILE A CG2 1 
ATOM   637  C CD1 . ILE A 1 82  ? -9.181  -3.976  -14.923 1.00 14.96 ? 82  ILE A CD1 1 
ATOM   638  N N   . LEU A 1 83  ? -6.370  -3.537  -10.895 1.00 13.13 ? 83  LEU A N   1 
ATOM   639  C CA  . LEU A 1 83  ? -6.501  -2.166  -10.327 1.00 14.32 ? 83  LEU A CA  1 
ATOM   640  C C   . LEU A 1 83  ? -7.283  -1.336  -11.332 1.00 14.06 ? 83  LEU A C   1 
ATOM   641  O O   . LEU A 1 83  ? -6.854  -1.308  -12.470 1.00 13.83 ? 83  LEU A O   1 
ATOM   642  C CB  . LEU A 1 83  ? -5.137  -1.509  -10.105 1.00 14.22 ? 83  LEU A CB  1 
ATOM   643  C CG  . LEU A 1 83  ? -4.360  -1.944  -8.889  1.00 15.20 ? 83  LEU A CG  1 
ATOM   644  C CD1 . LEU A 1 83  ? -3.090  -1.115  -8.810  1.00 16.46 ? 83  LEU A CD1 1 
ATOM   645  C CD2 . LEU A 1 83  ? -5.181  -1.798  -7.606  1.00 15.65 ? 83  LEU A CD2 1 
ATOM   646  N N   . ALA A 1 84  ? -8.324  -0.645  -10.888 1.00 15.17 ? 84  ALA A N   1 
ATOM   647  C CA  . ALA A 1 84  ? -9.242  0.146   -11.735 1.00 17.77 ? 84  ALA A CA  1 
ATOM   648  C C   . ALA A 1 84  ? -8.479  1.279   -12.445 1.00 20.82 ? 84  ALA A C   1 
ATOM   649  O O   . ALA A 1 84  ? -8.763  1.534   -13.630 1.00 24.61 ? 84  ALA A O   1 
ATOM   650  C CB  . ALA A 1 84  ? -10.403 0.662   -10.899 1.00 17.28 ? 84  ALA A CB  1 
ATOM   651  N N   . ASN A 1 85  ? -7.527  1.957   -11.808 1.00 23.67 ? 85  ASN A N   1 
ATOM   652  C CA  . ASN A 1 85  ? -6.916  3.144   -12.481 1.00 26.80 ? 85  ASN A CA  1 
ATOM   653  C C   . ASN A 1 85  ? -5.552  2.780   -13.108 1.00 25.38 ? 85  ASN A C   1 
ATOM   654  O O   . ASN A 1 85  ? -4.818  3.699   -13.478 1.00 25.72 ? 85  ASN A O   1 
ATOM   655  C CB  . ASN A 1 85  ? -6.962  4.368   -11.553 1.00 30.79 ? 85  ASN A CB  1 
ATOM   656  C CG  . ASN A 1 85  ? -8.374  4.682   -11.059 1.00 36.29 ? 85  ASN A CG  1 
ATOM   657  O OD1 . ASN A 1 85  ? -9.347  4.764   -11.841 1.00 34.16 ? 85  ASN A OD1 1 
ATOM   658  N ND2 . ASN A 1 85  ? -8.501  4.859   -9.748  1.00 36.72 ? 85  ASN A ND2 1 
ATOM   659  N N   . GLY A 1 86  ? -5.270  1.491   -13.335 1.00 25.13 ? 86  GLY A N   1 
ATOM   660  C CA  . GLY A 1 86  ? -4.017  1.003   -13.938 1.00 24.28 ? 86  GLY A CA  1 
ATOM   661  C C   . GLY A 1 86  ? -2.873  1.044   -12.939 1.00 25.78 ? 86  GLY A C   1 
ATOM   662  O O   . GLY A 1 86  ? -2.380  0.004   -12.573 1.00 25.44 ? 86  GLY A O   1 
ATOM   663  N N   . ILE A 1 87  ? -2.433  2.235   -12.550 1.00 28.19 ? 87  ILE A N   1 
ATOM   664  C CA  . ILE A 1 87  ? -1.551  2.446   -11.369 1.00 31.11 ? 87  ILE A CA  1 
ATOM   665  C C   . ILE A 1 87  ? -2.075  3.675   -10.613 1.00 28.75 ? 87  ILE A C   1 
ATOM   666  O O   . ILE A 1 87  ? -2.503  4.641   -11.281 1.00 33.58 ? 87  ILE A O   1 
ATOM   667  C CB  . ILE A 1 87  ? -0.058  2.544   -11.765 1.00 35.32 ? 87  ILE A CB  1 
ATOM   668  C CG1 . ILE A 1 87  ? 0.341   3.878   -12.387 1.00 40.74 ? 87  ILE A CG1 1 
ATOM   669  C CG2 . ILE A 1 87  ? 0.326   1.404   -12.686 1.00 39.91 ? 87  ILE A CG2 1 
ATOM   670  C CD1 . ILE A 1 87  ? 1.843   4.021   -12.544 1.00 43.64 ? 87  ILE A CD1 1 
ATOM   671  N N   . GLY A 1 88  ? -2.099  3.625   -9.281  1.00 22.86 ? 88  GLY A N   1 
ATOM   672  C CA  . GLY A 1 88  ? -2.505  4.780   -8.456  1.00 23.11 ? 88  GLY A CA  1 
ATOM   673  C C   . GLY A 1 88  ? -1.353  5.757   -8.320  1.00 20.91 ? 88  GLY A C   1 
ATOM   674  O O   . GLY A 1 88  ? -0.263  5.300   -8.035  1.00 22.26 ? 88  GLY A O   1 
ATOM   675  N N   . LEU A 1 89  ? -1.530  7.032   -8.630  1.00 20.37 ? 89  LEU A N   1 
ATOM   676  C CA  . LEU A 1 89  ? -0.558  8.074   -8.217  1.00 21.25 ? 89  LEU A CA  1 
ATOM   677  C C   . LEU A 1 89  ? -1.089  8.721   -6.969  1.00 18.32 ? 89  LEU A C   1 
ATOM   678  O O   . LEU A 1 89  ? -2.253  9.121   -7.009  1.00 16.73 ? 89  LEU A O   1 
ATOM   679  C CB  . LEU A 1 89  ? -0.422  9.193   -9.236  1.00 25.57 ? 89  LEU A CB  1 
ATOM   680  C CG  . LEU A 1 89  ? 0.276   8.786   -10.502 1.00 32.46 ? 89  LEU A CG  1 
ATOM   681  C CD1 . LEU A 1 89  ? -0.792  8.355   -11.486 1.00 36.49 ? 89  LEU A CD1 1 
ATOM   682  C CD2 . LEU A 1 89  ? 1.119   9.943   -11.023 1.00 35.29 ? 89  LEU A CD2 1 
ATOM   683  N N   . ILE A 1 90  ? -0.235  8.832   -5.960  1.00 18.34 ? 90  ILE A N   1 
ATOM   684  C CA  . ILE A 1 90  ? -0.501  9.549   -4.683  1.00 18.77 ? 90  ILE A CA  1 
ATOM   685  C C   . ILE A 1 90  ? 0.408   10.789  -4.678  1.00 19.83 ? 90  ILE A C   1 
ATOM   686  O O   . ILE A 1 90  ? 1.613   10.639  -4.783  1.00 16.47 ? 90  ILE A O   1 
ATOM   687  C CB  . ILE A 1 90  ? -0.226  8.604   -3.496  1.00 18.27 ? 90  ILE A CB  1 
ATOM   688  C CG1 . ILE A 1 90  ? -0.856  7.216   -3.691  1.00 17.72 ? 90  ILE A CG1 1 
ATOM   689  C CG2 . ILE A 1 90  ? -0.634  9.239   -2.170  1.00 18.20 ? 90  ILE A CG2 1 
ATOM   690  C CD1 . ILE A 1 90  ? -2.315  7.219   -4.019  1.00 17.47 ? 90  ILE A CD1 1 
ATOM   691  N N   . ASP A 1 91  ? -0.163  11.984  -4.651  1.00 22.91 ? 91  ASP A N   1 
ATOM   692  C CA  . ASP A 1 91  ? 0.632   13.229  -4.591  1.00 24.52 ? 91  ASP A CA  1 
ATOM   693  C C   . ASP A 1 91  ? 1.246   13.346  -3.194  1.00 22.24 ? 91  ASP A C   1 
ATOM   694  O O   . ASP A 1 91  ? 0.768   12.740  -2.239  1.00 18.12 ? 91  ASP A O   1 
ATOM   695  C CB  . ASP A 1 91  ? -0.239  14.395  -5.051  1.00 31.59 ? 91  ASP A CB  1 
ATOM   696  C CG  . ASP A 1 91  ? -0.756  14.219  -6.478  1.00 37.74 ? 91  ASP A CG  1 
ATOM   697  O OD1 . ASP A 1 91  ? 0.075   13.937  -7.381  1.00 42.27 ? 91  ASP A OD1 1 
ATOM   698  O OD2 . ASP A 1 91  ? -1.993  14.334  -6.681  1.00 47.25 ? 91  ASP A OD2 1 
ATOM   699  N N   . PRO A 1 92  ? 2.387   14.056  -3.047  1.00 23.11 ? 92  PRO A N   1 
ATOM   700  C CA  . PRO A 1 92  ? 3.003   14.279  -1.741  1.00 24.12 ? 92  PRO A CA  1 
ATOM   701  C C   . PRO A 1 92  ? 2.018   14.854  -0.714  1.00 24.81 ? 92  PRO A C   1 
ATOM   702  O O   . PRO A 1 92  ? 2.102   14.468  0.435   1.00 25.76 ? 92  PRO A O   1 
ATOM   703  C CB  . PRO A 1 92  ? 4.128   15.285  -2.003  1.00 24.63 ? 92  PRO A CB  1 
ATOM   704  C CG  . PRO A 1 92  ? 4.434   15.173  -3.474  1.00 25.97 ? 92  PRO A CG  1 
ATOM   705  C CD  . PRO A 1 92  ? 3.180   14.637  -4.141  1.00 25.88 ? 92  PRO A CD  1 
ATOM   706  N N   . GLY A 1 93  ? 1.098   15.720  -1.155  1.00 25.54 ? 93  GLY A N   1 
ATOM   707  C CA  . GLY A 1 93  ? 0.109   16.398  -0.289  1.00 26.26 ? 93  GLY A CA  1 
ATOM   708  C C   . GLY A 1 93  ? -0.846  15.454  0.433   1.00 27.19 ? 93  GLY A C   1 
ATOM   709  O O   . GLY A 1 93  ? -1.317  15.840  1.516   1.00 28.02 ? 93  GLY A O   1 
ATOM   710  N N   . TYR A 1 94  ? -1.187  14.281  -0.126  1.00 25.73 ? 94  TYR A N   1 
ATOM   711  C CA  . TYR A 1 94  ? -2.225  13.388  0.470   1.00 24.16 ? 94  TYR A CA  1 
ATOM   712  C C   . TYR A 1 94  ? -1.679  12.786  1.769   1.00 21.30 ? 94  TYR A C   1 
ATOM   713  O O   . TYR A 1 94  ? -0.562  12.349  1.734   1.00 18.55 ? 94  TYR A O   1 
ATOM   714  C CB  . TYR A 1 94  ? -2.650  12.286  -0.509  1.00 24.31 ? 94  TYR A CB  1 
ATOM   715  C CG  . TYR A 1 94  ? -3.712  11.362  0.039   1.00 24.90 ? 94  TYR A CG  1 
ATOM   716  C CD1 . TYR A 1 94  ? -5.038  11.771  0.128   1.00 26.12 ? 94  TYR A CD1 1 
ATOM   717  C CD2 . TYR A 1 94  ? -3.397  10.088  0.479   1.00 23.37 ? 94  TYR A CD2 1 
ATOM   718  C CE1 . TYR A 1 94  ? -6.017  10.945  0.665   1.00 26.67 ? 94  TYR A CE1 1 
ATOM   719  C CE2 . TYR A 1 94  ? -4.369  9.241   0.988   1.00 25.24 ? 94  TYR A CE2 1 
ATOM   720  C CZ  . TYR A 1 94  ? -5.683  9.668   1.083   1.00 25.81 ? 94  TYR A CZ  1 
ATOM   721  O OH  . TYR A 1 94  ? -6.624  8.848   1.628   1.00 26.59 ? 94  TYR A OH  1 
ATOM   722  N N   . VAL A 1 95  ? -2.442  12.739  2.863   1.00 22.09 ? 95  VAL A N   1 
ATOM   723  C CA  . VAL A 1 95  ? -1.974  12.169  4.169   1.00 23.96 ? 95  VAL A CA  1 
ATOM   724  C C   . VAL A 1 95  ? -3.070  11.301  4.810   1.00 24.57 ? 95  VAL A C   1 
ATOM   725  O O   . VAL A 1 95  ? -2.918  10.909  5.986   1.00 24.78 ? 95  VAL A O   1 
ATOM   726  C CB  . VAL A 1 95  ? -1.465  13.270  5.134   1.00 25.84 ? 95  VAL A CB  1 
ATOM   727  C CG1 . VAL A 1 95  ? -0.357  14.115  4.507   1.00 24.45 ? 95  VAL A CG1 1 
ATOM   728  C CG2 . VAL A 1 95  ? -2.566  14.185  5.660   1.00 25.32 ? 95  VAL A CG2 1 
ATOM   729  N N   . GLY A 1 96  ? -4.134  10.964  4.079   1.00 24.02 ? 96  GLY A N   1 
ATOM   730  C CA  . GLY A 1 96  ? -5.185  10.067  4.598   1.00 23.55 ? 96  GLY A CA  1 
ATOM   731  C C   . GLY A 1 96  ? -4.799  8.601   4.457   1.00 24.34 ? 96  GLY A C   1 
ATOM   732  O O   . GLY A 1 96  ? -3.615  8.286   4.155   1.00 21.81 ? 96  GLY A O   1 
ATOM   733  N N   . GLU A 1 97  ? -5.782  7.727   4.659   1.00 24.14 ? 97  GLU A N   1 
ATOM   734  C CA  . GLU A 1 97  ? -5.631  6.262   4.533   1.00 25.68 ? 97  GLU A CA  1 
ATOM   735  C C   . GLU A 1 97  ? -5.489  5.887   3.047   1.00 23.13 ? 97  GLU A C   1 
ATOM   736  O O   . GLU A 1 97  ? -6.197  6.497   2.204   1.00 19.22 ? 97  GLU A O   1 
ATOM   737  C CB  . GLU A 1 97  ? -6.838  5.588   5.179   1.00 27.99 ? 97  GLU A CB  1 
ATOM   738  C CG  . GLU A 1 97  ? -6.619  4.104   5.398   1.00 31.40 ? 97  GLU A CG  1 
ATOM   739  C CD  . GLU A 1 97  ? -7.891  3.406   5.827   1.00 34.26 ? 97  GLU A CD  1 
ATOM   740  O OE1 . GLU A 1 97  ? -7.942  2.142   5.797   1.00 35.35 ? 97  GLU A OE1 1 
ATOM   741  O OE2 . GLU A 1 97  ? -8.831  4.142   6.180   1.00 37.14 ? 97  GLU A OE2 1 
ATOM   742  N N   . LEU A 1 98  ? -4.588  4.952   2.720   1.00 20.94 ? 98  LEU A N   1 
ATOM   743  C CA  . LEU A 1 98  ? -4.515  4.382   1.345   1.00 20.75 ? 98  LEU A CA  1 
ATOM   744  C C   . LEU A 1 98  ? -5.738  3.520   1.067   1.00 19.38 ? 98  LEU A C   1 
ATOM   745  O O   . LEU A 1 98  ? -6.094  2.698   1.923   1.00 16.58 ? 98  LEU A O   1 
ATOM   746  C CB  . LEU A 1 98  ? -3.242  3.558   1.170   1.00 22.94 ? 98  LEU A CB  1 
ATOM   747  C CG  . LEU A 1 98  ? -2.002  4.421   1.004   1.00 24.17 ? 98  LEU A CG  1 
ATOM   748  C CD1 . LEU A 1 98  ? -0.826  3.554   0.610   1.00 24.27 ? 98  LEU A CD1 1 
ATOM   749  C CD2 . LEU A 1 98  ? -2.268  5.518   -0.032  1.00 24.08 ? 98  LEU A CD2 1 
ATOM   750  N N   . MET A 1 99  ? -6.349  3.735   -0.095  1.00 20.66 ? 99  MET A N   1 
ATOM   751  C CA  . MET A 1 99  ? -7.549  2.991   -0.547  1.00 24.88 ? 99  MET A CA  1 
ATOM   752  C C   . MET A 1 99  ? -7.397  2.598   -2.016  1.00 21.47 ? 99  MET A C   1 
ATOM   753  O O   . MET A 1 99  ? -6.864  3.381   -2.764  1.00 23.41 ? 99  MET A O   1 
ATOM   754  C CB  . MET A 1 99  ? -8.814  3.816   -0.337  1.00 28.82 ? 99  MET A CB  1 
ATOM   755  C CG  . MET A 1 99  ? -9.143  3.934   1.142   1.00 33.49 ? 99  MET A CG  1 
ATOM   756  S SD  . MET A 1 99  ? -10.666 4.828   1.432   1.00 39.56 ? 99  MET A SD  1 
ATOM   757  C CE  . MET A 1 99  ? -10.029 6.100   2.530   1.00 41.98 ? 99  MET A CE  1 
ATOM   758  N N   . LEU A 1 100 ? -7.798  1.378   -2.353  1.00 19.72 ? 100 LEU A N   1 
ATOM   759  C CA  . LEU A 1 100 ? -7.666  0.782   -3.700  1.00 20.28 ? 100 LEU A CA  1 
ATOM   760  C C   . LEU A 1 100 ? -9.053  0.693   -4.308  1.00 19.18 ? 100 LEU A C   1 
ATOM   761  O O   . LEU A 1 100 ? -9.978  0.378   -3.568  1.00 17.53 ? 100 LEU A O   1 
ATOM   762  C CB  . LEU A 1 100 ? -7.079  -0.632  -3.622  1.00 19.76 ? 100 LEU A CB  1 
ATOM   763  C CG  . LEU A 1 100 ? -5.700  -0.735  -3.005  1.00 20.09 ? 100 LEU A CG  1 
ATOM   764  C CD1 . LEU A 1 100 ? -5.206  -2.163  -3.049  1.00 21.32 ? 100 LEU A CD1 1 
ATOM   765  C CD2 . LEU A 1 100 ? -4.728  0.198   -3.707  1.00 21.18 ? 100 LEU A CD2 1 
ATOM   766  N N   . LYS A 1 101 ? -9.132  0.943   -5.612  1.00 18.35 ? 101 LYS A N   1 
ATOM   767  C CA  . LYS A 1 101 ? -10.265 0.548   -6.467  1.00 18.98 ? 101 LYS A CA  1 
ATOM   768  C C   . LYS A 1 101 ? -9.817  -0.701  -7.225  1.00 17.10 ? 101 LYS A C   1 
ATOM   769  O O   . LYS A 1 101 ? -8.814  -0.622  -7.940  1.00 15.81 ? 101 LYS A O   1 
ATOM   770  C CB  . LYS A 1 101 ? -10.635 1.695   -7.403  1.00 21.06 ? 101 LYS A CB  1 
ATOM   771  C CG  . LYS A 1 101 ? -11.041 2.991   -6.724  1.00 23.41 ? 101 LYS A CG  1 
ATOM   772  C CD  . LYS A 1 101 ? -11.932 3.833   -7.587  1.00 24.90 ? 101 LYS A CD  1 
ATOM   773  C CE  . LYS A 1 101 ? -12.133 5.210   -7.005  1.00 27.44 ? 101 LYS A CE  1 
ATOM   774  N NZ  . LYS A 1 101 ? -13.227 5.932   -7.692  1.00 27.83 ? 101 LYS A NZ  1 
ATOM   775  N N   . ILE A 1 102 ? -10.495 -1.819  -7.001  1.00 16.77 ? 102 ILE A N   1 
ATOM   776  C CA  . ILE A 1 102 ? -10.200 -3.142  -7.622  1.00 17.43 ? 102 ILE A CA  1 
ATOM   777  C C   . ILE A 1 102 ? -11.459 -3.590  -8.345  1.00 17.03 ? 102 ILE A C   1 
ATOM   778  O O   . ILE A 1 102 ? -12.544 -3.585  -7.708  1.00 16.24 ? 102 ILE A O   1 
ATOM   779  C CB  . ILE A 1 102 ? -9.780  -4.179  -6.577  1.00 19.46 ? 102 ILE A CB  1 
ATOM   780  C CG1 . ILE A 1 102 ? -8.568  -3.700  -5.779  1.00 23.00 ? 102 ILE A CG1 1 
ATOM   781  C CG2 . ILE A 1 102 ? -9.518  -5.506  -7.250  1.00 21.24 ? 102 ILE A CG2 1 
ATOM   782  C CD1 . ILE A 1 102 ? -7.931  -4.770  -4.925  1.00 24.00 ? 102 ILE A CD1 1 
ATOM   783  N N   . ILE A 1 103 ? -11.296 -3.951  -9.615  1.00 15.20 ? 103 ILE A N   1 
ATOM   784  C CA  . ILE A 1 103 ? -12.369 -4.460  -10.494 1.00 15.14 ? 103 ILE A CA  1 
ATOM   785  C C   . ILE A 1 103 ? -12.232 -5.974  -10.495 1.00 15.59 ? 103 ILE A C   1 
ATOM   786  O O   . ILE A 1 103 ? -11.127 -6.450  -10.752 1.00 15.60 ? 103 ILE A O   1 
ATOM   787  C CB  . ILE A 1 103 ? -12.302 -3.854  -11.901 1.00 14.70 ? 103 ILE A CB  1 
ATOM   788  C CG1 . ILE A 1 103 ? -12.226 -2.326  -11.836 1.00 14.51 ? 103 ILE A CG1 1 
ATOM   789  C CG2 . ILE A 1 103 ? -13.502 -4.340  -12.703 1.00 15.61 ? 103 ILE A CG2 1 
ATOM   790  C CD1 . ILE A 1 103 ? -12.278 -1.611  -13.180 1.00 14.61 ? 103 ILE A CD1 1 
ATOM   791  N N   . ASN A 1 104 ? -13.283 -6.642  -10.033 1.00 16.17 ? 104 ASN A N   1 
ATOM   792  C CA  . ASN A 1 104 ? -13.525 -8.096  -10.204 1.00 18.67 ? 104 ASN A CA  1 
ATOM   793  C C   . ASN A 1 104 ? -14.217 -8.279  -11.559 1.00 18.78 ? 104 ASN A C   1 
ATOM   794  O O   . ASN A 1 104 ? -15.336 -7.776  -11.718 1.00 19.48 ? 104 ASN A O   1 
ATOM   795  C CB  . ASN A 1 104 ? -14.318 -8.632  -9.018  1.00 19.57 ? 104 ASN A CB  1 
ATOM   796  C CG  . ASN A 1 104 ? -14.669 -10.092 -9.156  1.00 20.57 ? 104 ASN A CG  1 
ATOM   797  O OD1 . ASN A 1 104 ? -14.336 -10.725 -10.155 1.00 23.96 ? 104 ASN A OD1 1 
ATOM   798  N ND2 . ASN A 1 104 ? -15.329 -10.624 -8.144  1.00 21.32 ? 104 ASN A ND2 1 
ATOM   799  N N   . LEU A 1 105 ? -13.515 -8.852  -12.530 1.00 20.00 ? 105 LEU A N   1 
ATOM   800  C CA  . LEU A 1 105 ? -13.981 -8.979  -13.936 1.00 22.18 ? 105 LEU A CA  1 
ATOM   801  C C   . LEU A 1 105 ? -14.827 -10.247 -14.111 1.00 26.19 ? 105 LEU A C   1 
ATOM   802  O O   . LEU A 1 105 ? -15.571 -10.318 -15.111 1.00 27.95 ? 105 LEU A O   1 
ATOM   803  C CB  . LEU A 1 105 ? -12.762 -9.021  -14.855 1.00 20.22 ? 105 LEU A CB  1 
ATOM   804  C CG  . LEU A 1 105 ? -11.969 -7.724  -14.915 1.00 19.41 ? 105 LEU A CG  1 
ATOM   805  C CD1 . LEU A 1 105 ? -10.625 -7.965  -15.576 1.00 19.13 ? 105 LEU A CD1 1 
ATOM   806  C CD2 . LEU A 1 105 ? -12.766 -6.647  -15.638 1.00 19.43 ? 105 LEU A CD2 1 
ATOM   807  N N   . GLY A 1 106 ? -14.730 -11.183 -13.164 1.00 29.11 ? 106 GLY A N   1 
ATOM   808  C CA  . GLY A 1 106 ? -15.553 -12.401 -13.106 1.00 33.28 ? 106 GLY A CA  1 
ATOM   809  C C   . GLY A 1 106 ? -17.004 -12.087 -12.802 1.00 35.08 ? 106 GLY A C   1 
ATOM   810  O O   . GLY A 1 106 ? -17.307 -10.948 -12.400 1.00 31.30 ? 106 GLY A O   1 
ATOM   811  N N   . ASP A 1 107 ? -17.879 -13.074 -13.005 1.00 45.26 ? 107 ASP A N   1 
ATOM   812  C CA  . ASP A 1 107 ? -19.348 -12.912 -12.853 1.00 52.01 ? 107 ASP A CA  1 
ATOM   813  C C   . ASP A 1 107 ? -19.777 -13.418 -11.472 1.00 50.00 ? 107 ASP A C   1 
ATOM   814  O O   . ASP A 1 107 ? -20.941 -13.159 -11.118 1.00 51.34 ? 107 ASP A O   1 
ATOM   815  C CB  . ASP A 1 107 ? -20.112 -13.554 -14.020 1.00 58.97 ? 107 ASP A CB  1 
ATOM   816  C CG  . ASP A 1 107 ? -20.811 -12.556 -14.946 1.00 67.16 ? 107 ASP A CG  1 
ATOM   817  O OD1 . ASP A 1 107 ? -20.750 -11.328 -14.668 1.00 69.94 ? 107 ASP A OD1 1 
ATOM   818  O OD2 . ASP A 1 107 ? -21.435 -13.009 -15.942 1.00 73.92 ? 107 ASP A OD2 1 
ATOM   819  N N   . THR A 1 108 ? -18.856 -14.008 -10.696 1.00 46.57 ? 108 THR A N   1 
ATOM   820  C CA  . THR A 1 108 ? -19.109 -14.549 -9.330  1.00 44.02 ? 108 THR A CA  1 
ATOM   821  C C   . THR A 1 108 ? -18.194 -13.867 -8.313  1.00 39.63 ? 108 THR A C   1 
ATOM   822  O O   . THR A 1 108 ? -17.066 -13.516 -8.640  1.00 38.19 ? 108 THR A O   1 
ATOM   823  C CB  . THR A 1 108 ? -18.952 -16.074 -9.341  1.00 47.77 ? 108 THR A CB  1 
ATOM   824  O OG1 . THR A 1 108 ? -19.183 -16.533 -8.010  1.00 51.59 ? 108 THR A OG1 1 
ATOM   825  C CG2 . THR A 1 108 ? -17.592 -16.540 -9.818  1.00 48.55 ? 108 THR A CG2 1 
ATOM   826  N N   . PRO A 1 109 ? -18.632 -13.657 -7.041  1.00 40.32 ? 109 PRO A N   1 
ATOM   827  C CA  . PRO A 1 109 ? -17.797 -12.989 -6.041  1.00 35.73 ? 109 PRO A CA  1 
ATOM   828  C C   . PRO A 1 109 ? -16.505 -13.747 -5.697  1.00 32.68 ? 109 PRO A C   1 
ATOM   829  O O   . PRO A 1 109 ? -16.381 -14.905 -6.007  1.00 34.84 ? 109 PRO A O   1 
ATOM   830  C CB  . PRO A 1 109 ? -18.664 -12.829 -4.778  1.00 37.74 ? 109 PRO A CB  1 
ATOM   831  C CG  . PRO A 1 109 ? -20.024 -13.414 -5.116  1.00 38.29 ? 109 PRO A CG  1 
ATOM   832  C CD  . PRO A 1 109 ? -19.968 -13.986 -6.519  1.00 37.74 ? 109 PRO A CD  1 
ATOM   833  N N   . VAL A 1 110 ? -15.568 -13.044 -5.071  1.00 29.19 ? 110 VAL A N   1 
ATOM   834  C CA  . VAL A 1 110 ? -14.145 -13.457 -4.898  1.00 28.28 ? 110 VAL A CA  1 
ATOM   835  C C   . VAL A 1 110 ? -13.729 -13.066 -3.487  1.00 25.09 ? 110 VAL A C   1 
ATOM   836  O O   . VAL A 1 110 ? -14.003 -11.925 -3.123  1.00 24.90 ? 110 VAL A O   1 
ATOM   837  C CB  . VAL A 1 110 ? -13.220 -12.767 -5.926  1.00 30.44 ? 110 VAL A CB  1 
ATOM   838  C CG1 . VAL A 1 110 ? -11.753 -12.866 -5.525  1.00 29.24 ? 110 VAL A CG1 1 
ATOM   839  C CG2 . VAL A 1 110 ? -13.440 -13.299 -7.334  1.00 32.46 ? 110 VAL A CG2 1 
ATOM   840  N N   . GLN A 1 111 ? -13.057 -13.963 -2.769  1.00 23.29 ? 111 GLN A N   1 
ATOM   841  C CA  . GLN A 1 111 ? -12.557 -13.739 -1.394  1.00 25.19 ? 111 GLN A CA  1 
ATOM   842  C C   . GLN A 1 111 ? -11.063 -13.441 -1.462  1.00 25.92 ? 111 GLN A C   1 
ATOM   843  O O   . GLN A 1 111 ? -10.361 -14.129 -2.219  1.00 26.08 ? 111 GLN A O   1 
ATOM   844  C CB  . GLN A 1 111 ? -12.826 -14.964 -0.515  1.00 26.52 ? 111 GLN A CB  1 
ATOM   845  C CG  . GLN A 1 111 ? -14.307 -15.306 -0.381  1.00 27.06 ? 111 GLN A CG  1 
ATOM   846  C CD  . GLN A 1 111 ? -14.539 -16.664 0.245   1.00 30.05 ? 111 GLN A CD  1 
ATOM   847  O OE1 . GLN A 1 111 ? -14.442 -16.830 1.466   1.00 30.88 ? 111 GLN A OE1 1 
ATOM   848  N NE2 . GLN A 1 111 ? -14.829 -17.645 -0.602  1.00 24.06 ? 111 GLN A NE2 1 
ATOM   849  N N   . ILE A 1 112 ? -10.614 -12.431 -0.718  1.00 25.33 ? 112 ILE A N   1 
ATOM   850  C CA  . ILE A 1 112 ? -9.175  -12.169 -0.452  1.00 27.84 ? 112 ILE A CA  1 
ATOM   851  C C   . ILE A 1 112 ? -8.970  -12.297 1.061   1.00 26.86 ? 112 ILE A C   1 
ATOM   852  O O   . ILE A 1 112 ? -9.910  -12.022 1.796   1.00 24.79 ? 112 ILE A O   1 
ATOM   853  C CB  . ILE A 1 112 ? -8.743  -10.802 -1.033  1.00 30.44 ? 112 ILE A CB  1 
ATOM   854  C CG1 . ILE A 1 112 ? -9.581  -9.649  -0.477  1.00 36.53 ? 112 ILE A CG1 1 
ATOM   855  C CG2 . ILE A 1 112 ? -8.800  -10.831 -2.561  1.00 29.43 ? 112 ILE A CG2 1 
ATOM   856  C CD1 . ILE A 1 112 ? -9.080  -8.265  -0.870  1.00 39.25 ? 112 ILE A CD1 1 
ATOM   857  N N   . TRP A 1 113 ? -7.785  -12.728 1.487   1.00 29.63 ? 113 TRP A N   1 
ATOM   858  C CA  . TRP A 1 113 ? -7.442  -13.036 2.898   1.00 32.35 ? 113 TRP A CA  1 
ATOM   859  C C   . TRP A 1 113 ? -6.494  -11.951 3.428   1.00 32.94 ? 113 TRP A C   1 
ATOM   860  O O   . TRP A 1 113 ? -5.705  -11.403 2.629   1.00 32.03 ? 113 TRP A O   1 
ATOM   861  C CB  . TRP A 1 113 ? -6.873  -14.468 2.994   1.00 34.59 ? 113 TRP A CB  1 
ATOM   862  C CG  . TRP A 1 113 ? -7.717  -15.489 2.283   1.00 36.96 ? 113 TRP A CG  1 
ATOM   863  C CD1 . TRP A 1 113 ? -7.408  -16.134 1.120   1.00 40.00 ? 113 TRP A CD1 1 
ATOM   864  C CD2 . TRP A 1 113 ? -9.037  -15.949 2.645   1.00 37.93 ? 113 TRP A CD2 1 
ATOM   865  N NE1 . TRP A 1 113 ? -8.427  -16.967 0.743   1.00 39.76 ? 113 TRP A NE1 1 
ATOM   866  C CE2 . TRP A 1 113 ? -9.442  -16.873 1.656   1.00 39.01 ? 113 TRP A CE2 1 
ATOM   867  C CE3 . TRP A 1 113 ? -9.915  -15.679 3.702   1.00 37.82 ? 113 TRP A CE3 1 
ATOM   868  C CZ2 . TRP A 1 113 ? -10.673 -17.525 1.701   1.00 39.75 ? 113 TRP A CZ2 1 
ATOM   869  C CZ3 . TRP A 1 113 ? -11.140 -16.311 3.740   1.00 37.27 ? 113 TRP A CZ3 1 
ATOM   870  C CH2 . TRP A 1 113 ? -11.511 -17.222 2.750   1.00 39.96 ? 113 TRP A CH2 1 
ATOM   871  N N   . ALA A 1 114 ? -6.569  -11.658 4.728   1.00 32.53 ? 114 ALA A N   1 
ATOM   872  C CA  . ALA A 1 114 ? -5.907  -10.506 5.388   1.00 35.65 ? 114 ALA A CA  1 
ATOM   873  C C   . ALA A 1 114 ? -4.389  -10.499 5.144   1.00 38.03 ? 114 ALA A C   1 
ATOM   874  O O   . ALA A 1 114 ? -3.786  -9.400  5.121   1.00 42.14 ? 114 ALA A O   1 
ATOM   875  C CB  . ALA A 1 114 ? -6.225  -10.514 6.865   1.00 36.06 ? 114 ALA A CB  1 
ATOM   876  N N   . LYS A 1 115 ? -3.773  -11.665 5.000   1.00 38.58 ? 115 LYS A N   1 
ATOM   877  C CA  . LYS A 1 115 ? -2.296  -11.788 4.916   1.00 40.93 ? 115 LYS A CA  1 
ATOM   878  C C   . LYS A 1 115 ? -1.834  -11.458 3.494   1.00 36.63 ? 115 LYS A C   1 
ATOM   879  O O   . LYS A 1 115 ? -0.630  -11.243 3.299   1.00 32.82 ? 115 LYS A O   1 
ATOM   880  C CB  . LYS A 1 115 ? -1.869  -13.214 5.290   1.00 51.77 ? 115 LYS A CB  1 
ATOM   881  C CG  . LYS A 1 115 ? -0.458  -13.345 5.858   1.00 59.86 ? 115 LYS A CG  1 
ATOM   882  C CD  . LYS A 1 115 ? 0.071   -14.777 5.938   1.00 65.93 ? 115 LYS A CD  1 
ATOM   883  C CE  . LYS A 1 115 ? 1.577   -14.818 6.142   1.00 69.75 ? 115 LYS A CE  1 
ATOM   884  N NZ  . LYS A 1 115 ? 2.110   -16.198 6.265   1.00 68.10 ? 115 LYS A NZ  1 
ATOM   885  N N   . GLU A 1 116 ? -2.749  -11.469 2.522   1.00 35.00 ? 116 GLU A N   1 
ATOM   886  C CA  . GLU A 1 116 ? -2.413  -11.344 1.079   1.00 32.62 ? 116 GLU A CA  1 
ATOM   887  C C   . GLU A 1 116 ? -1.948  -9.927  0.763   1.00 28.91 ? 116 GLU A C   1 
ATOM   888  O O   . GLU A 1 116 ? -2.610  -8.974  1.199   1.00 28.03 ? 116 GLU A O   1 
ATOM   889  C CB  . GLU A 1 116 ? -3.607  -11.661 0.182   1.00 33.32 ? 116 GLU A CB  1 
ATOM   890  C CG  . GLU A 1 116 ? -3.910  -13.136 0.103   1.00 36.71 ? 116 GLU A CG  1 
ATOM   891  C CD  . GLU A 1 116 ? -4.747  -13.533 -1.098  1.00 41.08 ? 116 GLU A CD  1 
ATOM   892  O OE1 . GLU A 1 116 ? -4.175  -13.661 -2.205  1.00 45.09 ? 116 GLU A OE1 1 
ATOM   893  O OE2 . GLU A 1 116 ? -5.968  -13.703 -0.926  1.00 42.08 ? 116 GLU A OE2 1 
ATOM   894  N N   . CYS A 1 117 ? -0.875  -9.833  -0.015  1.00 26.38 ? 117 CYS A N   1 
ATOM   895  C CA  . CYS A 1 117 ? -0.375  -8.591  -0.644  1.00 28.07 ? 117 CYS A CA  1 
ATOM   896  C C   . CYS A 1 117 ? -0.803  -8.609  -2.112  1.00 23.73 ? 117 CYS A C   1 
ATOM   897  O O   . CYS A 1 117 ? -0.245  -9.426  -2.903  1.00 24.38 ? 117 CYS A O   1 
ATOM   898  C CB  . CYS A 1 117 ? 1.134   -8.459  -0.489  1.00 29.72 ? 117 CYS A CB  1 
ATOM   899  S SG  . CYS A 1 117 ? 1.653   -8.378  1.244   1.00 38.11 ? 117 CYS A SG  1 
ATOM   900  N N   . LEU A 1 118 ? -1.794  -7.783  -2.438  1.00 20.20 ? 118 LEU A N   1 
ATOM   901  C CA  . LEU A 1 118 ? -2.298  -7.606  -3.818  1.00 19.02 ? 118 LEU A CA  1 
ATOM   902  C C   . LEU A 1 118 ? -1.527  -6.494  -4.544  1.00 16.78 ? 118 LEU A C   1 
ATOM   903  O O   . LEU A 1 118 ? -1.563  -6.509  -5.759  1.00 15.51 ? 118 LEU A O   1 
ATOM   904  C CB  . LEU A 1 118 ? -3.780  -7.263  -3.751  1.00 21.02 ? 118 LEU A CB  1 
ATOM   905  C CG  . LEU A 1 118 ? -4.694  -8.315  -3.120  1.00 23.14 ? 118 LEU A CG  1 
ATOM   906  C CD1 . LEU A 1 118 ? -6.146  -7.865  -3.232  1.00 25.35 ? 118 LEU A CD1 1 
ATOM   907  C CD2 . LEU A 1 118 ? -4.526  -9.692  -3.748  1.00 21.90 ? 118 LEU A CD2 1 
ATOM   908  N N   . VAL A 1 119 ? -0.860  -5.578  -3.830  1.00 14.57 ? 119 VAL A N   1 
ATOM   909  C CA  . VAL A 1 119 ? -0.221  -4.368  -4.425  1.00 14.25 ? 119 VAL A CA  1 
ATOM   910  C C   . VAL A 1 119 ? 1.084   -4.039  -3.706  1.00 13.74 ? 119 VAL A C   1 
ATOM   911  O O   . VAL A 1 119 ? 1.294   -4.459  -2.559  1.00 13.77 ? 119 VAL A O   1 
ATOM   912  C CB  . VAL A 1 119 ? -1.143  -3.129  -4.396  1.00 14.49 ? 119 VAL A CB  1 
ATOM   913  C CG1 . VAL A 1 119 ? -2.427  -3.335  -5.153  1.00 14.24 ? 119 VAL A CG1 1 
ATOM   914  C CG2 . VAL A 1 119 ? -1.451  -2.671  -2.989  1.00 14.53 ? 119 VAL A CG2 1 
ATOM   915  N N   . GLN A 1 120 ? 1.913   -3.268  -4.386  1.00 13.50 ? 120 GLN A N   1 
ATOM   916  C CA  . GLN A 1 120 ? 3.214   -2.767  -3.903  1.00 13.57 ? 120 GLN A CA  1 
ATOM   917  C C   . GLN A 1 120 ? 3.270   -1.258  -4.179  1.00 13.71 ? 120 GLN A C   1 
ATOM   918  O O   . GLN A 1 120 ? 2.558   -0.790  -5.102  1.00 11.51 ? 120 GLN A O   1 
ATOM   919  C CB  . GLN A 1 120 ? 4.337   -3.485  -4.631  1.00 14.23 ? 120 GLN A CB  1 
ATOM   920  C CG  . GLN A 1 120 ? 4.214   -3.352  -6.148  1.00 14.60 ? 120 GLN A CG  1 
ATOM   921  C CD  . GLN A 1 120 ? 5.070   -4.348  -6.891  1.00 16.20 ? 120 GLN A CD  1 
ATOM   922  O OE1 . GLN A 1 120 ? 6.186   -4.642  -6.445  1.00 17.04 ? 120 GLN A OE1 1 
ATOM   923  N NE2 . GLN A 1 120 ? 4.567   -4.818  -8.047  1.00 14.34 ? 120 GLN A NE2 1 
ATOM   924  N N   . LEU A 1 121 ? 4.083   -0.548  -3.390  1.00 14.89 ? 121 LEU A N   1 
ATOM   925  C CA  . LEU A 1 121 ? 4.236   0.927   -3.443  1.00 14.77 ? 121 LEU A CA  1 
ATOM   926  C C   . LEU A 1 121 ? 5.578   1.197   -4.110  1.00 14.38 ? 121 LEU A C   1 
ATOM   927  O O   . LEU A 1 121 ? 6.561   0.601   -3.723  1.00 15.41 ? 121 LEU A O   1 
ATOM   928  C CB  . LEU A 1 121 ? 4.143   1.533   -2.041  1.00 15.84 ? 121 LEU A CB  1 
ATOM   929  C CG  . LEU A 1 121 ? 2.894   1.184   -1.230  1.00 17.31 ? 121 LEU A CG  1 
ATOM   930  C CD1 . LEU A 1 121 ? 2.797   2.039   0.016   1.00 18.78 ? 121 LEU A CD1 1 
ATOM   931  C CD2 . LEU A 1 121 ? 1.625   1.371   -2.029  1.00 18.50 ? 121 LEU A CD2 1 
ATOM   932  N N   . VAL A 1 122 ? 5.574   1.991   -5.161  1.00 13.52 ? 122 VAL A N   1 
ATOM   933  C CA  . VAL A 1 122 ? 6.789   2.348   -5.924  1.00 14.52 ? 122 VAL A CA  1 
ATOM   934  C C   . VAL A 1 122 ? 6.975   3.857   -5.807  1.00 15.70 ? 122 VAL A C   1 
ATOM   935  O O   . VAL A 1 122 ? 6.013   4.617   -6.097  1.00 15.86 ? 122 VAL A O   1 
ATOM   936  C CB  . VAL A 1 122 ? 6.662   1.896   -7.382  1.00 14.62 ? 122 VAL A CB  1 
ATOM   937  C CG1 . VAL A 1 122 ? 7.807   2.418   -8.239  1.00 14.62 ? 122 VAL A CG1 1 
ATOM   938  C CG2 . VAL A 1 122 ? 6.539   0.383   -7.457  1.00 14.80 ? 122 VAL A CG2 1 
ATOM   939  N N   . ALA A 1 123 ? 8.170   4.256   -5.387  1.00 15.99 ? 123 ALA A N   1 
ATOM   940  C CA  . ALA A 1 123 ? 8.561   5.660   -5.195  1.00 16.32 ? 123 ALA A CA  1 
ATOM   941  C C   . ALA A 1 123 ? 8.501   6.378   -6.545  1.00 16.32 ? 123 ALA A C   1 
ATOM   942  O O   . ALA A 1 123 ? 8.845   5.788   -7.558  1.00 14.91 ? 123 ALA A O   1 
ATOM   943  C CB  . ALA A 1 123 ? 9.930   5.714   -4.565  1.00 16.56 ? 123 ALA A CB  1 
ATOM   944  N N   . GLN A 1 124 ? 7.965   7.592   -6.547  1.00 18.38 ? 124 GLN A N   1 
ATOM   945  C CA  . GLN A 1 124 ? 8.047   8.519   -7.693  1.00 21.22 ? 124 GLN A CA  1 
ATOM   946  C C   . GLN A 1 124 ? 9.416   8.402   -8.368  1.00 23.26 ? 124 GLN A C   1 
ATOM   947  O O   . GLN A 1 124 ? 10.442  8.559   -7.680  1.00 24.20 ? 124 GLN A O   1 
ATOM   948  C CB  . GLN A 1 124 ? 7.854   9.940   -7.171  1.00 23.22 ? 124 GLN A CB  1 
ATOM   949  C CG  . GLN A 1 124 ? 7.994   10.984  -8.248  1.00 23.60 ? 124 GLN A CG  1 
ATOM   950  C CD  . GLN A 1 124 ? 7.846   12.357  -7.658  1.00 24.26 ? 124 GLN A CD  1 
ATOM   951  O OE1 . GLN A 1 124 ? 6.923   12.620  -6.886  1.00 26.51 ? 124 GLN A OE1 1 
ATOM   952  N NE2 . GLN A 1 124 ? 8.762   13.226  -8.034  1.00 24.01 ? 124 GLN A NE2 1 
ATOM   953  N N   . GLY A 1 125 ? 9.436   8.175   -9.678  1.00 23.19 ? 125 GLY A N   1 
ATOM   954  C CA  . GLY A 1 125 ? 10.681  8.141   -10.461 1.00 22.45 ? 125 GLY A CA  1 
ATOM   955  C C   . GLY A 1 125 ? 11.311  6.765   -10.394 1.00 24.02 ? 125 GLY A C   1 
ATOM   956  O O   . GLY A 1 125 ? 12.367  6.593   -10.989 1.00 22.72 ? 125 GLY A O   1 
ATOM   957  N N   . ASP A 1 126 ? 10.646  5.812   -9.725  1.00 25.23 ? 126 ASP A N   1 
ATOM   958  C CA  . ASP A 1 126 ? 11.056  4.389   -9.593  1.00 25.59 ? 126 ASP A CA  1 
ATOM   959  C C   . ASP A 1 126 ? 12.340  4.258   -8.758  1.00 24.91 ? 126 ASP A C   1 
ATOM   960  O O   . ASP A 1 126 ? 13.100  3.305   -9.014  1.00 24.91 ? 126 ASP A O   1 
ATOM   961  C CB  . ASP A 1 126 ? 11.184  3.716   -10.964 1.00 26.19 ? 126 ASP A CB  1 
ATOM   962  C CG  . ASP A 1 126 ? 9.910   3.764   -11.791 1.00 28.81 ? 126 ASP A CG  1 
ATOM   963  O OD1 . ASP A 1 126 ? 8.811   3.555   -11.211 1.00 28.89 ? 126 ASP A OD1 1 
ATOM   964  O OD2 . ASP A 1 126 ? 10.020  3.997   -13.009 1.00 29.09 ? 126 ASP A OD2 1 
ATOM   965  N N   . HIS A 1 127 ? 12.547  5.135   -7.768  1.00 25.90 ? 127 HIS A N   1 
ATOM   966  C CA  . HIS A 1 127 ? 13.748  5.133   -6.885  1.00 25.60 ? 127 HIS A CA  1 
ATOM   967  C C   . HIS A 1 127 ? 13.586  4.035   -5.856  1.00 25.58 ? 127 HIS A C   1 
ATOM   968  O O   . HIS A 1 127 ? 12.519  3.985   -5.204  1.00 24.81 ? 127 HIS A O   1 
ATOM   969  C CB  . HIS A 1 127 ? 13.966  6.474   -6.176  1.00 25.62 ? 127 HIS A CB  1 
ATOM   970  C CG  . HIS A 1 127 ? 14.335  7.530   -7.151  1.00 26.17 ? 127 HIS A CG  1 
ATOM   971  N ND1 . HIS A 1 127 ? 13.549  8.654   -7.347  1.00 26.76 ? 127 HIS A ND1 1 
ATOM   972  C CD2 . HIS A 1 127 ? 15.351  7.588   -8.041  1.00 24.85 ? 127 HIS A CD2 1 
ATOM   973  C CE1 . HIS A 1 127 ? 14.088  9.381   -8.312  1.00 27.51 ? 127 HIS A CE1 1 
ATOM   974  N NE2 . HIS A 1 127 ? 15.193  8.740   -8.752  1.00 26.25 ? 127 HIS A NE2 1 
ATOM   975  N N   . VAL A 1 128 ? 14.608  3.193   -5.746  1.00 25.50 ? 128 VAL A N   1 
ATOM   976  C CA  . VAL A 1 128 ? 14.627  2.023   -4.835  1.00 26.38 ? 128 VAL A CA  1 
ATOM   977  C C   . VAL A 1 128 ? 14.694  2.596   -3.429  1.00 27.63 ? 128 VAL A C   1 
ATOM   978  O O   . VAL A 1 128 ? 15.504  3.477   -3.189  1.00 27.88 ? 128 VAL A O   1 
ATOM   979  C CB  . VAL A 1 128 ? 15.811  1.088   -5.155  1.00 26.25 ? 128 VAL A CB  1 
ATOM   980  C CG1 . VAL A 1 128 ? 15.883  -0.102  -4.209  1.00 26.40 ? 128 VAL A CG1 1 
ATOM   981  C CG2 . VAL A 1 128 ? 15.763  0.609   -6.601  1.00 26.64 ? 128 VAL A CG2 1 
ATOM   982  N N   . PRO A 1 129 ? 13.847  2.135   -2.478  1.00 31.16 ? 129 PRO A N   1 
ATOM   983  C CA  . PRO A 1 129 ? 13.893  2.626   -1.105  1.00 34.93 ? 129 PRO A CA  1 
ATOM   984  C C   . PRO A 1 129 ? 15.078  2.066   -0.300  1.00 38.62 ? 129 PRO A C   1 
ATOM   985  O O   . PRO A 1 129 ? 15.432  0.907   -0.474  1.00 39.35 ? 129 PRO A O   1 
ATOM   986  C CB  . PRO A 1 129 ? 12.580  2.159   -0.472  1.00 34.18 ? 129 PRO A CB  1 
ATOM   987  C CG  . PRO A 1 129 ? 11.996  1.127   -1.408  1.00 32.38 ? 129 PRO A CG  1 
ATOM   988  C CD  . PRO A 1 129 ? 12.810  1.120   -2.684  1.00 31.71 ? 129 PRO A CD  1 
ATOM   989  N N   . ASP A 1 130 ? 15.664  2.898   0.559   1.00 41.27 ? 130 ASP A N   1 
ATOM   990  C CA  . ASP A 1 130 ? 16.785  2.493   1.452   1.00 47.68 ? 130 ASP A CA  1 
ATOM   991  C C   . ASP A 1 130 ? 16.209  1.774   2.672   1.00 47.73 ? 130 ASP A C   1 
ATOM   992  O O   . ASP A 1 130 ? 16.626  0.617   2.939   1.00 48.82 ? 130 ASP A O   1 
ATOM   993  C CB  . ASP A 1 130 ? 17.670  3.685   1.816   1.00 48.20 ? 130 ASP A CB  1 
ATOM   994  C CG  . ASP A 1 130 ? 18.762  3.877   0.783   1.00 50.36 ? 130 ASP A CG  1 
ATOM   995  O OD1 . ASP A 1 130 ? 19.670  3.013   0.730   1.00 52.67 ? 130 ASP A OD1 1 
ATOM   996  O OD2 . ASP A 1 130 ? 18.663  4.850   0.003   1.00 53.48 ? 130 ASP A OD2 1 
ATOM   997  N N   . HIS A 1 131 ? 15.260  2.413   3.356   1.00 44.41 ? 131 HIS A N   1 
ATOM   998  C CA  . HIS A 1 131 ? 14.569  1.838   4.535   1.00 46.08 ? 131 HIS A CA  1 
ATOM   999  C C   . HIS A 1 131 ? 13.064  1.975   4.329   1.00 40.56 ? 131 HIS A C   1 
ATOM   1000 O O   . HIS A 1 131 ? 12.649  2.946   3.694   1.00 37.09 ? 131 HIS A O   1 
ATOM   1001 C CB  . HIS A 1 131 ? 15.058  2.516   5.826   1.00 52.20 ? 131 HIS A CB  1 
ATOM   1002 C CG  . HIS A 1 131 ? 16.499  2.895   5.769   1.00 57.18 ? 131 HIS A CG  1 
ATOM   1003 N ND1 . HIS A 1 131 ? 16.912  4.202   5.598   1.00 60.21 ? 131 HIS A ND1 1 
ATOM   1004 C CD2 . HIS A 1 131 ? 17.622  2.143   5.806   1.00 60.11 ? 131 HIS A CD2 1 
ATOM   1005 C CE1 . HIS A 1 131 ? 18.228  4.241   5.552   1.00 61.96 ? 131 HIS A CE1 1 
ATOM   1006 N NE2 . HIS A 1 131 ? 18.686  2.993   5.668   1.00 61.13 ? 131 HIS A NE2 1 
ATOM   1007 N N   . ILE A 1 132 ? 12.307  1.014   4.855   1.00 37.60 ? 132 ILE A N   1 
ATOM   1008 C CA  . ILE A 1 132 ? 10.831  1.083   5.033   1.00 36.47 ? 132 ILE A CA  1 
ATOM   1009 C C   . ILE A 1 132 ? 10.575  1.195   6.535   1.00 35.83 ? 132 ILE A C   1 
ATOM   1010 O O   . ILE A 1 132 ? 10.706  0.181   7.249   1.00 33.16 ? 132 ILE A O   1 
ATOM   1011 C CB  . ILE A 1 132 ? 10.169  -0.129  4.353   1.00 35.72 ? 132 ILE A CB  1 
ATOM   1012 C CG1 . ILE A 1 132 ? 10.410  -0.061  2.843   1.00 35.44 ? 132 ILE A CG1 1 
ATOM   1013 C CG2 . ILE A 1 132 ? 8.687   -0.229  4.679   1.00 34.39 ? 132 ILE A CG2 1 
ATOM   1014 C CD1 . ILE A 1 132 ? 10.501  -1.396  2.182   1.00 40.20 ? 132 ILE A CD1 1 
ATOM   1015 N N   . ASN A 1 133 ? 10.324  2.418   6.997   1.00 36.33 ? 133 ASN A N   1 
ATOM   1016 C CA  . ASN A 1 133 ? 10.051  2.727   8.418   1.00 39.47 ? 133 ASN A CA  1 
ATOM   1017 C C   . ASN A 1 133 ? 8.600   2.361   8.695   1.00 39.84 ? 133 ASN A C   1 
ATOM   1018 O O   . ASN A 1 133 ? 7.722   3.095   8.220   1.00 49.74 ? 133 ASN A O   1 
ATOM   1019 C CB  . ASN A 1 133 ? 10.340  4.189   8.751   1.00 39.78 ? 133 ASN A CB  1 
ATOM   1020 C CG  . ASN A 1 133 ? 11.789  4.565   8.524   1.00 43.52 ? 133 ASN A CG  1 
ATOM   1021 O OD1 . ASN A 1 133 ? 12.430  4.069   7.599   1.00 48.55 ? 133 ASN A OD1 1 
ATOM   1022 N ND2 . ASN A 1 133 ? 12.314  5.453   9.350   1.00 47.54 ? 133 ASN A ND2 1 
ATOM   1023 N N   . ILE A 1 134 ? 8.361   1.274   9.426   1.00 38.42 ? 134 ILE A N   1 
ATOM   1024 C CA  . ILE A 1 134 ? 7.022   0.989   10.013  1.00 38.88 ? 134 ILE A CA  1 
ATOM   1025 C C   . ILE A 1 134 ? 6.937   1.706   11.371  1.00 42.88 ? 134 ILE A C   1 
ATOM   1026 O O   . ILE A 1 134 ? 7.727   1.368   12.278  1.00 48.62 ? 134 ILE A O   1 
ATOM   1027 C CB  . ILE A 1 134 ? 6.752   -0.524  10.120  1.00 40.49 ? 134 ILE A CB  1 
ATOM   1028 C CG1 . ILE A 1 134 ? 7.256   -1.309  8.902   1.00 41.77 ? 134 ILE A CG1 1 
ATOM   1029 C CG2 . ILE A 1 134 ? 5.272   -0.771  10.378  1.00 39.25 ? 134 ILE A CG2 1 
ATOM   1030 C CD1 . ILE A 1 134 ? 6.276   -1.378  7.766   1.00 44.75 ? 134 ILE A CD1 1 
ATOM   1031 N N   . LEU A 1 135 ? 6.038   2.690   11.483  1.00 43.33 ? 135 LEU A N   1 
ATOM   1032 C CA  . LEU A 1 135 ? 5.749   3.475   12.714  1.00 47.20 ? 135 LEU A CA  1 
ATOM   1033 C C   . LEU A 1 135 ? 4.635   2.775   13.499  1.00 54.11 ? 135 LEU A C   1 
ATOM   1034 O O   . LEU A 1 135 ? 3.902   1.978   12.878  1.00 59.83 ? 135 LEU A O   1 
ATOM   1035 C CB  . LEU A 1 135 ? 5.318   4.891   12.318  1.00 45.22 ? 135 LEU A CB  1 
ATOM   1036 C CG  . LEU A 1 135 ? 6.183   5.583   11.270  1.00 43.89 ? 135 LEU A CG  1 
ATOM   1037 C CD1 . LEU A 1 135 ? 5.615   6.945   10.933  1.00 43.26 ? 135 LEU A CD1 1 
ATOM   1038 C CD2 . LEU A 1 135 ? 7.626   5.706   11.741  1.00 46.23 ? 135 LEU A CD2 1 
ATOM   1039 N N   . LYS A 1 136 ? 4.497   3.046   14.803  1.00 61.93 ? 136 LYS A N   1 
ATOM   1040 C CA  . LYS A 1 136 ? 3.395   2.446   15.608  1.00 67.21 ? 136 LYS A CA  1 
ATOM   1041 C C   . LYS A 1 136 ? 2.229   3.431   15.686  1.00 58.80 ? 136 LYS A C   1 
ATOM   1042 O O   . LYS A 1 136 ? 2.455   4.633   15.464  1.00 58.57 ? 136 LYS A O   1 
ATOM   1043 C CB  . LYS A 1 136 ? 3.845   2.000   16.999  1.00 78.39 ? 136 LYS A CB  1 
ATOM   1044 C CG  . LYS A 1 136 ? 3.205   0.686   17.449  1.00 85.84 ? 136 LYS A CG  1 
ATOM   1045 C CD  . LYS A 1 136 ? 3.275   0.416   18.938  1.00 86.25 ? 136 LYS A CD  1 
ATOM   1046 C CE  . LYS A 1 136 ? 4.586   0.842   19.564  1.00 84.81 ? 136 LYS A CE  1 
ATOM   1047 N NZ  . LYS A 1 136 ? 4.872   0.063   20.789  1.00 86.75 ? 136 LYS A NZ  1 
ATOM   1048 N N   . ARG A 1 137 ? 1.040   2.910   15.993  1.00 56.78 ? 137 ARG A N   1 
ATOM   1049 C CA  . ARG A 1 137 ? -0.279  3.562   15.783  1.00 59.75 ? 137 ARG A CA  1 
ATOM   1050 C C   . ARG A 1 137 ? -0.276  4.974   16.379  1.00 62.48 ? 137 ARG A C   1 
ATOM   1051 O O   . ARG A 1 137 ? -0.794  5.882   15.719  1.00 60.90 ? 137 ARG A O   1 
ATOM   1052 C CB  . ARG A 1 137 ? -1.403  2.726   16.404  1.00 63.13 ? 137 ARG A CB  1 
ATOM   1053 C CG  . ARG A 1 137 ? -1.582  1.340   15.794  1.00 68.92 ? 137 ARG A CG  1 
ATOM   1054 C CD  . ARG A 1 137 ? -2.648  0.480   16.462  1.00 73.81 ? 137 ARG A CD  1 
ATOM   1055 N NE  . ARG A 1 137 ? -3.663  1.238   17.184  1.00 81.55 ? 137 ARG A NE  1 
ATOM   1056 C CZ  . ARG A 1 137 ? -4.552  2.061   16.630  1.00 87.74 ? 137 ARG A CZ  1 
ATOM   1057 N NH1 . ARG A 1 137 ? -4.565  2.266   15.322  1.00 93.46 ? 137 ARG A NH1 1 
ATOM   1058 N NH2 . ARG A 1 137 ? -5.422  2.697   17.396  1.00 86.19 ? 137 ARG A NH2 1 
ATOM   1059 N N   . ASN A 1 138 ? 0.291   5.158   17.575  1.00 69.83 ? 138 ASN A N   1 
ATOM   1060 C CA  . ASN A 1 138 ? 0.154   6.416   18.364  1.00 75.28 ? 138 ASN A CA  1 
ATOM   1061 C C   . ASN A 1 138 ? 1.102   7.512   17.846  1.00 79.21 ? 138 ASN A C   1 
ATOM   1062 O O   . ASN A 1 138 ? 0.662   8.691   17.811  1.00 71.60 ? 138 ASN A O   1 
ATOM   1063 C CB  . ASN A 1 138 ? 0.348   6.171   19.862  1.00 76.85 ? 138 ASN A CB  1 
ATOM   1064 C CG  . ASN A 1 138 ? -0.848  5.496   20.499  1.00 83.38 ? 138 ASN A CG  1 
ATOM   1065 O OD1 . ASN A 1 138 ? -1.652  4.870   19.807  1.00 88.61 ? 138 ASN A OD1 1 
ATOM   1066 N ND2 . ASN A 1 138 ? -0.980  5.622   21.811  1.00 79.30 ? 138 ASN A ND2 1 
ATOM   1067 N N   . GLN A 1 139 ? 2.338   7.163   17.459  1.00 81.45 ? 139 GLN A N   1 
ATOM   1068 C CA  . GLN A 1 139 ? 3.404   8.152   17.116  1.00 83.16 ? 139 GLN A CA  1 
ATOM   1069 C C   . GLN A 1 139 ? 2.956   9.047   15.952  1.00 86.67 ? 139 GLN A C   1 
ATOM   1070 O O   . GLN A 1 139 ? 2.702   8.519   14.848  1.00 89.24 ? 139 GLN A O   1 
ATOM   1071 C CB  . GLN A 1 139 ? 4.746   7.483   16.804  1.00 82.02 ? 139 GLN A CB  1 
ATOM   1072 C CG  . GLN A 1 139 ? 5.712   7.478   17.986  1.00 86.29 ? 139 GLN A CG  1 
ATOM   1073 C CD  . GLN A 1 139 ? 6.106   8.852   18.484  1.00 85.99 ? 139 GLN A CD  1 
ATOM   1074 O OE1 . GLN A 1 139 ? 5.449   9.860   18.224  1.00 81.12 ? 139 GLN A OE1 1 
ATOM   1075 N NE2 . GLN A 1 139 ? 7.195   8.907   19.232  1.00 85.32 ? 139 GLN A NE2 1 
ATOM   1076 N N   . ILE A 1 140 ? 2.903   10.361  16.205  1.00 87.20 ? 140 ILE A N   1 
ATOM   1077 C CA  . ILE A 1 140 ? 2.428   11.414  15.258  1.00 84.23 ? 140 ILE A CA  1 
ATOM   1078 C C   . ILE A 1 140 ? 3.641   11.980  14.513  1.00 77.84 ? 140 ILE A C   1 
ATOM   1079 O O   . ILE A 1 140 ? 4.297   12.879  15.064  1.00 74.81 ? 140 ILE A O   1 
ATOM   1080 C CB  . ILE A 1 140 ? 1.649   12.521  16.002  1.00 86.43 ? 140 ILE A CB  1 
ATOM   1081 C CG1 . ILE A 1 140 ? 0.763   11.954  17.120  1.00 86.54 ? 140 ILE A CG1 1 
ATOM   1082 C CG2 . ILE A 1 140 ? 0.858   13.368  15.010  1.00 88.44 ? 140 ILE A CG2 1 
ATOM   1083 C CD1 . ILE A 1 140 ? -0.128  12.975  17.801  1.00 84.55 ? 140 ILE A CD1 1 
ATOM   1084 N N   . PHE A 1 141 ? 3.939   11.454  13.322  1.00 69.62 ? 141 PHE A N   1 
ATOM   1085 C CA  . PHE A 1 141 ? 5.002   11.980  12.433  1.00 65.95 ? 141 PHE A CA  1 
ATOM   1086 C C   . PHE A 1 141 ? 4.532   13.346  11.942  1.00 62.15 ? 141 PHE A C   1 
ATOM   1087 O O   . PHE A 1 141 ? 3.354   13.523  11.640  1.00 65.62 ? 141 PHE A O   1 
ATOM   1088 C CB  . PHE A 1 141 ? 5.307   11.022  11.272  1.00 70.54 ? 141 PHE A CB  1 
ATOM   1089 C CG  . PHE A 1 141 ? 6.737   11.030  10.779  1.00 78.39 ? 141 PHE A CG  1 
ATOM   1090 C CD1 . PHE A 1 141 ? 7.450   12.212  10.640  1.00 85.35 ? 141 PHE A CD1 1 
ATOM   1091 C CD2 . PHE A 1 141 ? 7.388   9.847   10.458  1.00 80.59 ? 141 PHE A CD2 1 
ATOM   1092 C CE1 . PHE A 1 141 ? 8.764   12.216  10.196  1.00 85.26 ? 141 PHE A CE1 1 
ATOM   1093 C CE2 . PHE A 1 141 ? 8.702   9.849   10.013  1.00 77.90 ? 141 PHE A CE2 1 
ATOM   1094 C CZ  . PHE A 1 141 ? 9.389   11.032  9.885   1.00 82.07 ? 141 PHE A CZ  1 
ATOM   1095 N N   . PRO A 1 142 ? 5.413   14.371  11.907  1.00 57.20 ? 142 PRO A N   1 
ATOM   1096 C CA  . PRO A 1 142 ? 5.164   15.578  11.111  1.00 54.29 ? 142 PRO A CA  1 
ATOM   1097 C C   . PRO A 1 142 ? 4.897   15.363  9.607   1.00 47.69 ? 142 PRO A C   1 
ATOM   1098 O O   . PRO A 1 142 ? 4.446   16.299  8.974   1.00 44.51 ? 142 PRO A O   1 
ATOM   1099 C CB  . PRO A 1 142 ? 6.458   16.403  11.285  1.00 57.04 ? 142 PRO A CB  1 
ATOM   1100 C CG  . PRO A 1 142 ? 7.471   15.437  11.877  1.00 57.17 ? 142 PRO A CG  1 
ATOM   1101 C CD  . PRO A 1 142 ? 6.639   14.486  12.711  1.00 57.87 ? 142 PRO A CD  1 
ATOM   1102 N N   . LEU A 1 143 ? 5.183   14.168  9.074   1.00 44.76 ? 143 LEU A N   1 
ATOM   1103 C CA  . LEU A 1 143 ? 4.992   13.787  7.644   1.00 44.70 ? 143 LEU A CA  1 
ATOM   1104 C C   . LEU A 1 143 ? 3.502   13.625  7.324   1.00 38.06 ? 143 LEU A C   1 
ATOM   1105 O O   . LEU A 1 143 ? 3.137   13.928  6.180   1.00 36.61 ? 143 LEU A O   1 
ATOM   1106 C CB  . LEU A 1 143 ? 5.743   12.484  7.336   1.00 46.64 ? 143 LEU A CB  1 
ATOM   1107 C CG  . LEU A 1 143 ? 7.223   12.632  6.987   1.00 53.49 ? 143 LEU A CG  1 
ATOM   1108 C CD1 . LEU A 1 143 ? 7.879   11.263  6.818   1.00 57.30 ? 143 LEU A CD1 1 
ATOM   1109 C CD2 . LEU A 1 143 ? 7.422   13.485  5.738   1.00 51.85 ? 143 LEU A CD2 1 
ATOM   1110 N N   . PHE A 1 144 ? 2.687   13.180  8.290   1.00 35.61 ? 144 PHE A N   1 
ATOM   1111 C CA  . PHE A 1 144 ? 1.232   12.901  8.126   1.00 33.44 ? 144 PHE A CA  1 
ATOM   1112 C C   . PHE A 1 144 ? 0.380   14.080  8.595   1.00 35.94 ? 144 PHE A C   1 
ATOM   1113 O O   . PHE A 1 144 ? -0.876  13.925  8.700   1.00 38.54 ? 144 PHE A O   1 
ATOM   1114 C CB  . PHE A 1 144 ? 0.839   11.627  8.878   1.00 31.53 ? 144 PHE A CB  1 
ATOM   1115 C CG  . PHE A 1 144 ? 1.608   10.404  8.444   1.00 30.27 ? 144 PHE A CG  1 
ATOM   1116 C CD1 . PHE A 1 144 ? 1.780   10.113  7.094   1.00 28.77 ? 144 PHE A CD1 1 
ATOM   1117 C CD2 . PHE A 1 144 ? 2.154   9.546   9.385   1.00 29.14 ? 144 PHE A CD2 1 
ATOM   1118 C CE1 . PHE A 1 144 ? 2.515   9.003   6.699   1.00 28.21 ? 144 PHE A CE1 1 
ATOM   1119 C CE2 . PHE A 1 144 ? 2.875   8.432   8.985   1.00 30.96 ? 144 PHE A CE2 1 
ATOM   1120 C CZ  . PHE A 1 144 ? 3.053   8.161   7.643   1.00 29.91 ? 144 PHE A CZ  1 
ATOM   1121 N N   . ALA A 1 145 ? 1.015   15.214  8.890   1.00 38.06 ? 145 ALA A N   1 
ATOM   1122 C CA  . ALA A 1 145 ? 0.310   16.479  9.209   1.00 41.53 ? 145 ALA A CA  1 
ATOM   1123 C C   . ALA A 1 145 ? -0.068  17.121  7.877   1.00 41.07 ? 145 ALA A C   1 
ATOM   1124 O O   . ALA A 1 145 ? 0.764   17.203  6.976   1.00 40.85 ? 145 ALA A O   1 
ATOM   1125 C CB  . ALA A 1 145 ? 1.170   17.386  10.064  1.00 40.57 ? 145 ALA A CB  1 
ATOM   1126 N N   . PRO A 1 146 ? -1.343  17.519  7.675   1.00 42.46 ? 146 PRO A N   1 
ATOM   1127 C CA  . PRO A 1 146 ? -1.727  18.237  6.455   1.00 45.24 ? 146 PRO A CA  1 
ATOM   1128 C C   . PRO A 1 146 ? -1.079  19.627  6.316   1.00 46.71 ? 146 PRO A C   1 
ATOM   1129 O O   . PRO A 1 146 ? -0.595  20.167  7.297   1.00 52.76 ? 146 PRO A O   1 
ATOM   1130 C CB  . PRO A 1 146 ? -3.254  18.340  6.567   1.00 44.48 ? 146 PRO A CB  1 
ATOM   1131 C CG  . PRO A 1 146 ? -3.552  18.178  8.052   1.00 45.80 ? 146 PRO A CG  1 
ATOM   1132 C CD  . PRO A 1 146 ? -2.481  17.239  8.565   1.00 43.59 ? 146 PRO A CD  1 
ATOM   1133 N N   . THR A 1 147 ? -1.035  20.157  5.096   1.00 46.22 ? 147 THR A N   1 
ATOM   1134 C CA  . THR A 1 147 ? -0.601  21.548  4.808   1.00 49.57 ? 147 THR A CA  1 
ATOM   1135 C C   . THR A 1 147 ? -1.315  22.042  3.547   1.00 49.25 ? 147 THR A C   1 
ATOM   1136 O O   . THR A 1 147 ? -2.042  23.020  3.642   1.00 52.20 ? 147 THR A O   1 
ATOM   1137 C CB  . THR A 1 147 ? 0.924   21.682  4.657   1.00 53.37 ? 147 THR A CB  1 
ATOM   1138 O OG1 . THR A 1 147 ? 1.350   20.960  3.503   1.00 48.92 ? 147 THR A OG1 1 
ATOM   1139 C CG2 . THR A 1 147 ? 1.717   21.190  5.850   1.00 56.59 ? 147 THR A CG2 1 
HETATM 1140 O O   . HOH B 2 .   ? 10.038  -3.781  -0.825  1.00 36.34 ? 201 HOH A O   1 
HETATM 1141 O O   . HOH B 2 .   ? -15.078 -17.547 -3.157  1.00 32.80 ? 202 HOH A O   1 
HETATM 1142 O O   . HOH B 2 .   ? 10.055  2.385   -4.628  1.00 16.82 ? 203 HOH A O   1 
HETATM 1143 O O   . HOH B 2 .   ? -2.632  -5.777  -0.547  1.00 17.32 ? 204 HOH A O   1 
HETATM 1144 O O   . HOH B 2 .   ? 4.398   10.968  0.369   1.00 20.30 ? 205 HOH A O   1 
HETATM 1145 O O   . HOH B 2 .   ? 0.232   -12.105 -1.035  1.00 29.78 ? 206 HOH A O   1 
HETATM 1146 O O   . HOH B 2 .   ? -0.311  8.984   1.524   1.00 33.90 ? 207 HOH A O   1 
HETATM 1147 O O   . HOH B 2 .   ? -6.862  1.668   -9.091  1.00 26.46 ? 208 HOH A O   1 
HETATM 1148 O O   . HOH B 2 .   ? 9.343   6.678   -13.585 0.33 25.95 ? 209 HOH A O   1 
HETATM 1149 O O   . HOH B 2 .   ? 9.253   -6.433  -3.204  1.00 33.39 ? 210 HOH A O   1 
HETATM 1150 O O   . HOH B 2 .   ? -4.055  -4.496  -12.309 1.00 16.69 ? 211 HOH A O   1 
HETATM 1151 O O   . HOH B 2 .   ? -3.144  12.008  -4.153  1.00 20.82 ? 212 HOH A O   1 
HETATM 1152 O O   . HOH B 2 .   ? -6.701  2.464   -6.688  1.00 27.62 ? 213 HOH A O   1 
HETATM 1153 O O   . HOH B 2 .   ? -17.186 -12.762 -16.222 1.00 33.30 ? 214 HOH A O   1 
# 
